data_3DVK
# 
_entry.id   3DVK 
# 
_audit_conform.dict_name       mmcif_pdbx.dic 
_audit_conform.dict_version    5.387 
_audit_conform.dict_location   http://mmcif.pdb.org/dictionaries/ascii/mmcif_pdbx.dic 
# 
loop_
_database_2.database_id 
_database_2.database_code 
_database_2.pdbx_database_accession 
_database_2.pdbx_DOI 
PDB   3DVK         pdb_00003dvk 10.2210/pdb3dvk/pdb 
RCSB  RCSB048542   ?            ?                   
WWPDB D_1000048542 ?            ?                   
# 
loop_
_pdbx_audit_revision_history.ordinal 
_pdbx_audit_revision_history.data_content_type 
_pdbx_audit_revision_history.major_revision 
_pdbx_audit_revision_history.minor_revision 
_pdbx_audit_revision_history.revision_date 
1 'Structure model' 1 0 2008-11-04 
2 'Structure model' 1 1 2011-07-13 
3 'Structure model' 1 2 2017-10-25 
4 'Structure model' 1 3 2024-02-21 
# 
_pdbx_audit_revision_details.ordinal             1 
_pdbx_audit_revision_details.revision_ordinal    1 
_pdbx_audit_revision_details.data_content_type   'Structure model' 
_pdbx_audit_revision_details.provider            repository 
_pdbx_audit_revision_details.type                'Initial release' 
_pdbx_audit_revision_details.description         ? 
_pdbx_audit_revision_details.details             ? 
# 
loop_
_pdbx_audit_revision_group.ordinal 
_pdbx_audit_revision_group.revision_ordinal 
_pdbx_audit_revision_group.data_content_type 
_pdbx_audit_revision_group.group 
1 2 'Structure model' Advisory                    
2 2 'Structure model' 'Refinement description'    
3 2 'Structure model' 'Version format compliance' 
4 3 'Structure model' Advisory                    
5 3 'Structure model' 'Refinement description'    
6 4 'Structure model' Advisory                    
7 4 'Structure model' 'Data collection'           
8 4 'Structure model' 'Database references'       
9 4 'Structure model' 'Derived calculations'      
# 
loop_
_pdbx_audit_revision_category.ordinal 
_pdbx_audit_revision_category.revision_ordinal 
_pdbx_audit_revision_category.data_content_type 
_pdbx_audit_revision_category.category 
1 3 'Structure model' pdbx_unobs_or_zero_occ_atoms 
2 3 'Structure model' software                     
3 4 'Structure model' chem_comp_atom               
4 4 'Structure model' chem_comp_bond               
5 4 'Structure model' database_2                   
6 4 'Structure model' pdbx_unobs_or_zero_occ_atoms 
7 4 'Structure model' struct_ref_seq_dif           
8 4 'Structure model' struct_site                  
# 
loop_
_pdbx_audit_revision_item.ordinal 
_pdbx_audit_revision_item.revision_ordinal 
_pdbx_audit_revision_item.data_content_type 
_pdbx_audit_revision_item.item 
1 4 'Structure model' '_database_2.pdbx_DOI'                
2 4 'Structure model' '_database_2.pdbx_database_accession' 
3 4 'Structure model' '_struct_ref_seq_dif.details'         
4 4 'Structure model' '_struct_site.pdbx_auth_asym_id'      
5 4 'Structure model' '_struct_site.pdbx_auth_comp_id'      
6 4 'Structure model' '_struct_site.pdbx_auth_seq_id'       
# 
_pdbx_database_status.entry_id                        3DVK 
_pdbx_database_status.deposit_site                    RCSB 
_pdbx_database_status.process_site                    RCSB 
_pdbx_database_status.recvd_initial_deposition_date   2008-07-18 
_pdbx_database_status.status_code                     REL 
_pdbx_database_status.status_code_sf                  REL 
_pdbx_database_status.status_code_mr                  ? 
_pdbx_database_status.SG_entry                        ? 
_pdbx_database_status.pdb_format_compatible           Y 
_pdbx_database_status.status_code_cs                  ? 
_pdbx_database_status.methods_development_category    ? 
_pdbx_database_status.status_code_nmr_data            ? 
# 
loop_
_pdbx_database_related.db_name 
_pdbx_database_related.db_id 
_pdbx_database_related.details 
_pdbx_database_related.content_type 
PDB 3DVE . unspecified 
PDB 3DVJ . unspecified 
PDB 3DVM . unspecified 
# 
loop_
_audit_author.name 
_audit_author.pdbx_ordinal 
'Kim, E.Y.'       1 
'Rumpf, C.H.'     2 
'Fujiwara, Y.'    3 
'Cooley, E.S.'    4 
'Van Petegem, F.' 5 
'Minor, D.L.'     6 
# 
_citation.id                        primary 
_citation.title                     
;Structures of Ca(V)2 Ca(2+)/CaM-IQ Domain Complexes Reveal Binding Modes that Underlie Calcium-Dependent Inactivation and Facilitation.
;
_citation.journal_abbrev            Structure 
_citation.journal_volume            16 
_citation.page_first                1455 
_citation.page_last                 1467 
_citation.year                      2008 
_citation.journal_id_ASTM           STRUE6 
_citation.country                   UK 
_citation.journal_id_ISSN           0969-2126 
_citation.journal_id_CSD            2005 
_citation.book_publisher            ? 
_citation.pdbx_database_id_PubMed   18940602 
_citation.pdbx_database_id_DOI      10.1016/j.str.2008.07.010 
# 
loop_
_citation_author.citation_id 
_citation_author.name 
_citation_author.ordinal 
_citation_author.identifier_ORCID 
primary 'Kim, E.Y.'       1 ? 
primary 'Rumpf, C.H.'     2 ? 
primary 'Fujiwara, Y.'    3 ? 
primary 'Cooley, E.S.'    4 ? 
primary 'Van Petegem, F.' 5 ? 
primary 'Minor, D.L.'     6 ? 
# 
loop_
_entity.id 
_entity.type 
_entity.src_method 
_entity.pdbx_description 
_entity.formula_weight 
_entity.pdbx_number_of_molecules 
_entity.pdbx_ec 
_entity.pdbx_mutation 
_entity.pdbx_fragment 
_entity.details 
1 polymer     man Calmodulin                                                  16721.350 1  ? ? ?                        ? 
2 polymer     man 'Voltage-dependent R-type calcium channel subunit alpha-1E' 2728.366  1  ? ? 'UNP residues 1818-1837' ? 
3 non-polymer syn 'CALCIUM ION'                                               40.078    4  ? ? ?                        ? 
4 water       nat water                                                       18.015    34 ? ? ?                        ? 
# 
loop_
_entity_name_com.entity_id 
_entity_name_com.name 
1 CaM 
2 
;Voltage-gated calcium channel subunit alpha Cav2.3, Calcium channel, L type, alpha-1 polypeptide, isoform 6, Brain calcium channel II, RBE-II, RBE2, BII
;
# 
loop_
_entity_poly.entity_id 
_entity_poly.type 
_entity_poly.nstd_linkage 
_entity_poly.nstd_monomer 
_entity_poly.pdbx_seq_one_letter_code 
_entity_poly.pdbx_seq_one_letter_code_can 
_entity_poly.pdbx_strand_id 
_entity_poly.pdbx_target_identifier 
1 'polypeptide(L)' no no 
;ADQLTEEQIAEFKEAFSLFDKDGDGTITTKELGTVMRSLGQNPTEAELQDMINEVDADGNGTIDFPEFLTMMARKMKDTD
SEEEIREAFRVFDKDGNGYISAAELRHVMTNLGEKLTDEEVDEMIREADIDGDGQVNYEEFVQMMTAK
;
;ADQLTEEQIAEFKEAFSLFDKDGDGTITTKELGTVMRSLGQNPTEAELQDMINEVDADGNGTIDFPEFLTMMARKMKDTD
SEEEIREAFRVFDKDGNGYISAAELRHVMTNLGEKLTDEEVDEMIREADIDGDGQVNYEEFVQMMTAK
;
A ? 
2 'polypeptide(L)' no no GHMGKIYAAMMIMDYYKQSKVKK GHMGKIYAAMMIMDYYKQSKVKK B ? 
# 
loop_
_pdbx_entity_nonpoly.entity_id 
_pdbx_entity_nonpoly.name 
_pdbx_entity_nonpoly.comp_id 
3 'CALCIUM ION' CA  
4 water         HOH 
# 
loop_
_entity_poly_seq.entity_id 
_entity_poly_seq.num 
_entity_poly_seq.mon_id 
_entity_poly_seq.hetero 
1 1   ALA n 
1 2   ASP n 
1 3   GLN n 
1 4   LEU n 
1 5   THR n 
1 6   GLU n 
1 7   GLU n 
1 8   GLN n 
1 9   ILE n 
1 10  ALA n 
1 11  GLU n 
1 12  PHE n 
1 13  LYS n 
1 14  GLU n 
1 15  ALA n 
1 16  PHE n 
1 17  SER n 
1 18  LEU n 
1 19  PHE n 
1 20  ASP n 
1 21  LYS n 
1 22  ASP n 
1 23  GLY n 
1 24  ASP n 
1 25  GLY n 
1 26  THR n 
1 27  ILE n 
1 28  THR n 
1 29  THR n 
1 30  LYS n 
1 31  GLU n 
1 32  LEU n 
1 33  GLY n 
1 34  THR n 
1 35  VAL n 
1 36  MET n 
1 37  ARG n 
1 38  SER n 
1 39  LEU n 
1 40  GLY n 
1 41  GLN n 
1 42  ASN n 
1 43  PRO n 
1 44  THR n 
1 45  GLU n 
1 46  ALA n 
1 47  GLU n 
1 48  LEU n 
1 49  GLN n 
1 50  ASP n 
1 51  MET n 
1 52  ILE n 
1 53  ASN n 
1 54  GLU n 
1 55  VAL n 
1 56  ASP n 
1 57  ALA n 
1 58  ASP n 
1 59  GLY n 
1 60  ASN n 
1 61  GLY n 
1 62  THR n 
1 63  ILE n 
1 64  ASP n 
1 65  PHE n 
1 66  PRO n 
1 67  GLU n 
1 68  PHE n 
1 69  LEU n 
1 70  THR n 
1 71  MET n 
1 72  MET n 
1 73  ALA n 
1 74  ARG n 
1 75  LYS n 
1 76  MET n 
1 77  LYS n 
1 78  ASP n 
1 79  THR n 
1 80  ASP n 
1 81  SER n 
1 82  GLU n 
1 83  GLU n 
1 84  GLU n 
1 85  ILE n 
1 86  ARG n 
1 87  GLU n 
1 88  ALA n 
1 89  PHE n 
1 90  ARG n 
1 91  VAL n 
1 92  PHE n 
1 93  ASP n 
1 94  LYS n 
1 95  ASP n 
1 96  GLY n 
1 97  ASN n 
1 98  GLY n 
1 99  TYR n 
1 100 ILE n 
1 101 SER n 
1 102 ALA n 
1 103 ALA n 
1 104 GLU n 
1 105 LEU n 
1 106 ARG n 
1 107 HIS n 
1 108 VAL n 
1 109 MET n 
1 110 THR n 
1 111 ASN n 
1 112 LEU n 
1 113 GLY n 
1 114 GLU n 
1 115 LYS n 
1 116 LEU n 
1 117 THR n 
1 118 ASP n 
1 119 GLU n 
1 120 GLU n 
1 121 VAL n 
1 122 ASP n 
1 123 GLU n 
1 124 MET n 
1 125 ILE n 
1 126 ARG n 
1 127 GLU n 
1 128 ALA n 
1 129 ASP n 
1 130 ILE n 
1 131 ASP n 
1 132 GLY n 
1 133 ASP n 
1 134 GLY n 
1 135 GLN n 
1 136 VAL n 
1 137 ASN n 
1 138 TYR n 
1 139 GLU n 
1 140 GLU n 
1 141 PHE n 
1 142 VAL n 
1 143 GLN n 
1 144 MET n 
1 145 MET n 
1 146 THR n 
1 147 ALA n 
1 148 LYS n 
2 1   GLY n 
2 2   HIS n 
2 3   MET n 
2 4   GLY n 
2 5   LYS n 
2 6   ILE n 
2 7   TYR n 
2 8   ALA n 
2 9   ALA n 
2 10  MET n 
2 11  MET n 
2 12  ILE n 
2 13  MET n 
2 14  ASP n 
2 15  TYR n 
2 16  TYR n 
2 17  LYS n 
2 18  GLN n 
2 19  SER n 
2 20  LYS n 
2 21  VAL n 
2 22  LYS n 
2 23  LYS n 
# 
loop_
_entity_src_gen.entity_id 
_entity_src_gen.pdbx_src_id 
_entity_src_gen.pdbx_alt_source_flag 
_entity_src_gen.pdbx_seq_type 
_entity_src_gen.pdbx_beg_seq_num 
_entity_src_gen.pdbx_end_seq_num 
_entity_src_gen.gene_src_common_name 
_entity_src_gen.gene_src_genus 
_entity_src_gen.pdbx_gene_src_gene 
_entity_src_gen.gene_src_species 
_entity_src_gen.gene_src_strain 
_entity_src_gen.gene_src_tissue 
_entity_src_gen.gene_src_tissue_fraction 
_entity_src_gen.gene_src_details 
_entity_src_gen.pdbx_gene_src_fragment 
_entity_src_gen.pdbx_gene_src_scientific_name 
_entity_src_gen.pdbx_gene_src_ncbi_taxonomy_id 
_entity_src_gen.pdbx_gene_src_variant 
_entity_src_gen.pdbx_gene_src_cell_line 
_entity_src_gen.pdbx_gene_src_atcc 
_entity_src_gen.pdbx_gene_src_organ 
_entity_src_gen.pdbx_gene_src_organelle 
_entity_src_gen.pdbx_gene_src_cell 
_entity_src_gen.pdbx_gene_src_cellular_location 
_entity_src_gen.host_org_common_name 
_entity_src_gen.pdbx_host_org_scientific_name 
_entity_src_gen.pdbx_host_org_ncbi_taxonomy_id 
_entity_src_gen.host_org_genus 
_entity_src_gen.pdbx_host_org_gene 
_entity_src_gen.pdbx_host_org_organ 
_entity_src_gen.host_org_species 
_entity_src_gen.pdbx_host_org_tissue 
_entity_src_gen.pdbx_host_org_tissue_fraction 
_entity_src_gen.pdbx_host_org_strain 
_entity_src_gen.pdbx_host_org_variant 
_entity_src_gen.pdbx_host_org_cell_line 
_entity_src_gen.pdbx_host_org_atcc 
_entity_src_gen.pdbx_host_org_culture_collection 
_entity_src_gen.pdbx_host_org_cell 
_entity_src_gen.pdbx_host_org_organelle 
_entity_src_gen.pdbx_host_org_cellular_location 
_entity_src_gen.pdbx_host_org_vector_type 
_entity_src_gen.pdbx_host_org_vector 
_entity_src_gen.host_org_details 
_entity_src_gen.expression_system_id 
_entity_src_gen.plasmid_name 
_entity_src_gen.plasmid_details 
_entity_src_gen.pdbx_description 
1 1 sample ? ? ? human ? 'CALM1, CALM, CAM, CAM1, CALM2, CAM2, CAMB, CALM3, CALML2, CAM3, CAMC, CAMIII' ? ? ? ? ? ? 'Homo sapiens' 
9606  ? ? ? ? ? ? ? ? 'Escherichia coli' 562 ? ? ? ? ? ? 'BL21(DE3)-pLysS' ? ? ? ? ? ? ? plasmid ? ? ? pEGST      ? ? 
2 1 sample ? ? ? rat   ? 'Cacna1e, Cach6, Cacnl1a6'                                                     ? ? ? ? ? ? 
'Rattus norvegicus' 10116 ? ? ? ? ? ? ? ? 'Escherichia coli' 562 ? ? ? ? ? ? 'BL21(DE3)-pLysS' ? ? ? ? ? ? ? plasmid ? ? ? 
pET28b-HMT ? ? 
# 
loop_
_chem_comp.id 
_chem_comp.type 
_chem_comp.mon_nstd_flag 
_chem_comp.name 
_chem_comp.pdbx_synonyms 
_chem_comp.formula 
_chem_comp.formula_weight 
ALA 'L-peptide linking' y ALANINE         ? 'C3 H7 N O2'     89.093  
ARG 'L-peptide linking' y ARGININE        ? 'C6 H15 N4 O2 1' 175.209 
ASN 'L-peptide linking' y ASPARAGINE      ? 'C4 H8 N2 O3'    132.118 
ASP 'L-peptide linking' y 'ASPARTIC ACID' ? 'C4 H7 N O4'     133.103 
CA  non-polymer         . 'CALCIUM ION'   ? 'Ca 2'           40.078  
GLN 'L-peptide linking' y GLUTAMINE       ? 'C5 H10 N2 O3'   146.144 
GLU 'L-peptide linking' y 'GLUTAMIC ACID' ? 'C5 H9 N O4'     147.129 
GLY 'peptide linking'   y GLYCINE         ? 'C2 H5 N O2'     75.067  
HIS 'L-peptide linking' y HISTIDINE       ? 'C6 H10 N3 O2 1' 156.162 
HOH non-polymer         . WATER           ? 'H2 O'           18.015  
ILE 'L-peptide linking' y ISOLEUCINE      ? 'C6 H13 N O2'    131.173 
LEU 'L-peptide linking' y LEUCINE         ? 'C6 H13 N O2'    131.173 
LYS 'L-peptide linking' y LYSINE          ? 'C6 H15 N2 O2 1' 147.195 
MET 'L-peptide linking' y METHIONINE      ? 'C5 H11 N O2 S'  149.211 
PHE 'L-peptide linking' y PHENYLALANINE   ? 'C9 H11 N O2'    165.189 
PRO 'L-peptide linking' y PROLINE         ? 'C5 H9 N O2'     115.130 
SER 'L-peptide linking' y SERINE          ? 'C3 H7 N O3'     105.093 
THR 'L-peptide linking' y THREONINE       ? 'C4 H9 N O3'     119.119 
TYR 'L-peptide linking' y TYROSINE        ? 'C9 H11 N O3'    181.189 
VAL 'L-peptide linking' y VALINE          ? 'C5 H11 N O2'    117.146 
# 
loop_
_pdbx_poly_seq_scheme.asym_id 
_pdbx_poly_seq_scheme.entity_id 
_pdbx_poly_seq_scheme.seq_id 
_pdbx_poly_seq_scheme.mon_id 
_pdbx_poly_seq_scheme.ndb_seq_num 
_pdbx_poly_seq_scheme.pdb_seq_num 
_pdbx_poly_seq_scheme.auth_seq_num 
_pdbx_poly_seq_scheme.pdb_mon_id 
_pdbx_poly_seq_scheme.auth_mon_id 
_pdbx_poly_seq_scheme.pdb_strand_id 
_pdbx_poly_seq_scheme.pdb_ins_code 
_pdbx_poly_seq_scheme.hetero 
A 1 1   ALA 1   1    ?    ?   ?   A . n 
A 1 2   ASP 2   2    ?    ?   ?   A . n 
A 1 3   GLN 3   3    ?    ?   ?   A . n 
A 1 4   LEU 4   4    4    LEU LEU A . n 
A 1 5   THR 5   5    5    THR THR A . n 
A 1 6   GLU 6   6    6    GLU GLU A . n 
A 1 7   GLU 7   7    7    GLU GLU A . n 
A 1 8   GLN 8   8    8    GLN GLN A . n 
A 1 9   ILE 9   9    9    ILE ILE A . n 
A 1 10  ALA 10  10   10   ALA ALA A . n 
A 1 11  GLU 11  11   11   GLU GLU A . n 
A 1 12  PHE 12  12   12   PHE PHE A . n 
A 1 13  LYS 13  13   13   LYS LYS A . n 
A 1 14  GLU 14  14   14   GLU GLU A . n 
A 1 15  ALA 15  15   15   ALA ALA A . n 
A 1 16  PHE 16  16   16   PHE PHE A . n 
A 1 17  SER 17  17   17   SER SER A . n 
A 1 18  LEU 18  18   18   LEU LEU A . n 
A 1 19  PHE 19  19   19   PHE PHE A . n 
A 1 20  ASP 20  20   20   ASP ASP A . n 
A 1 21  LYS 21  21   21   LYS LYS A . n 
A 1 22  ASP 22  22   22   ASP ASP A . n 
A 1 23  GLY 23  23   23   GLY GLY A . n 
A 1 24  ASP 24  24   24   ASP ASP A . n 
A 1 25  GLY 25  25   25   GLY GLY A . n 
A 1 26  THR 26  26   26   THR THR A . n 
A 1 27  ILE 27  27   27   ILE ILE A . n 
A 1 28  THR 28  28   28   THR THR A . n 
A 1 29  THR 29  29   29   THR THR A . n 
A 1 30  LYS 30  30   30   LYS LYS A . n 
A 1 31  GLU 31  31   31   GLU GLU A . n 
A 1 32  LEU 32  32   32   LEU LEU A . n 
A 1 33  GLY 33  33   33   GLY GLY A . n 
A 1 34  THR 34  34   34   THR THR A . n 
A 1 35  VAL 35  35   35   VAL VAL A . n 
A 1 36  MET 36  36   36   MET MET A . n 
A 1 37  ARG 37  37   37   ARG ARG A . n 
A 1 38  SER 38  38   38   SER SER A . n 
A 1 39  LEU 39  39   39   LEU LEU A . n 
A 1 40  GLY 40  40   40   GLY GLY A . n 
A 1 41  GLN 41  41   41   GLN GLN A . n 
A 1 42  ASN 42  42   42   ASN ASN A . n 
A 1 43  PRO 43  43   43   PRO PRO A . n 
A 1 44  THR 44  44   44   THR THR A . n 
A 1 45  GLU 45  45   45   GLU GLU A . n 
A 1 46  ALA 46  46   46   ALA ALA A . n 
A 1 47  GLU 47  47   47   GLU GLU A . n 
A 1 48  LEU 48  48   48   LEU LEU A . n 
A 1 49  GLN 49  49   49   GLN GLN A . n 
A 1 50  ASP 50  50   50   ASP ASP A . n 
A 1 51  MET 51  51   51   MET MET A . n 
A 1 52  ILE 52  52   52   ILE ILE A . n 
A 1 53  ASN 53  53   53   ASN ASN A . n 
A 1 54  GLU 54  54   54   GLU GLU A . n 
A 1 55  VAL 55  55   55   VAL VAL A . n 
A 1 56  ASP 56  56   56   ASP ASP A . n 
A 1 57  ALA 57  57   57   ALA ALA A . n 
A 1 58  ASP 58  58   58   ASP ASP A . n 
A 1 59  GLY 59  59   59   GLY GLY A . n 
A 1 60  ASN 60  60   60   ASN ASN A . n 
A 1 61  GLY 61  61   61   GLY GLY A . n 
A 1 62  THR 62  62   62   THR THR A . n 
A 1 63  ILE 63  63   63   ILE ILE A . n 
A 1 64  ASP 64  64   64   ASP ASP A . n 
A 1 65  PHE 65  65   65   PHE PHE A . n 
A 1 66  PRO 66  66   66   PRO PRO A . n 
A 1 67  GLU 67  67   67   GLU GLU A . n 
A 1 68  PHE 68  68   68   PHE PHE A . n 
A 1 69  LEU 69  69   69   LEU LEU A . n 
A 1 70  THR 70  70   70   THR THR A . n 
A 1 71  MET 71  71   71   MET MET A . n 
A 1 72  MET 72  72   72   MET MET A . n 
A 1 73  ALA 73  73   73   ALA ALA A . n 
A 1 74  ARG 74  74   74   ARG ARG A . n 
A 1 75  LYS 75  75   75   LYS LYS A . n 
A 1 76  MET 76  76   76   MET MET A . n 
A 1 77  LYS 77  77   77   LYS LYS A . n 
A 1 78  ASP 78  78   ?    ?   ?   A . n 
A 1 79  THR 79  79   79   THR THR A . n 
A 1 80  ASP 80  80   80   ASP ASP A . n 
A 1 81  SER 81  81   81   SER SER A . n 
A 1 82  GLU 82  82   82   GLU GLU A . n 
A 1 83  GLU 83  83   83   GLU GLU A . n 
A 1 84  GLU 84  84   84   GLU GLU A . n 
A 1 85  ILE 85  85   85   ILE ILE A . n 
A 1 86  ARG 86  86   86   ARG ARG A . n 
A 1 87  GLU 87  87   87   GLU GLU A . n 
A 1 88  ALA 88  88   88   ALA ALA A . n 
A 1 89  PHE 89  89   89   PHE PHE A . n 
A 1 90  ARG 90  90   90   ARG ARG A . n 
A 1 91  VAL 91  91   91   VAL VAL A . n 
A 1 92  PHE 92  92   92   PHE PHE A . n 
A 1 93  ASP 93  93   93   ASP ASP A . n 
A 1 94  LYS 94  94   94   LYS LYS A . n 
A 1 95  ASP 95  95   95   ASP ASP A . n 
A 1 96  GLY 96  96   96   GLY GLY A . n 
A 1 97  ASN 97  97   97   ASN ASN A . n 
A 1 98  GLY 98  98   98   GLY GLY A . n 
A 1 99  TYR 99  99   99   TYR TYR A . n 
A 1 100 ILE 100 100  100  ILE ILE A . n 
A 1 101 SER 101 101  101  SER SER A . n 
A 1 102 ALA 102 102  102  ALA ALA A . n 
A 1 103 ALA 103 103  103  ALA ALA A . n 
A 1 104 GLU 104 104  104  GLU GLU A . n 
A 1 105 LEU 105 105  105  LEU LEU A . n 
A 1 106 ARG 106 106  106  ARG ARG A . n 
A 1 107 HIS 107 107  107  HIS HIS A . n 
A 1 108 VAL 108 108  108  VAL VAL A . n 
A 1 109 MET 109 109  109  MET MET A . n 
A 1 110 THR 110 110  110  THR THR A . n 
A 1 111 ASN 111 111  111  ASN ASN A . n 
A 1 112 LEU 112 112  112  LEU LEU A . n 
A 1 113 GLY 113 113  113  GLY GLY A . n 
A 1 114 GLU 114 114  114  GLU GLU A . n 
A 1 115 LYS 115 115  115  LYS LYS A . n 
A 1 116 LEU 116 116  116  LEU LEU A . n 
A 1 117 THR 117 117  117  THR THR A . n 
A 1 118 ASP 118 118  118  ASP ASP A . n 
A 1 119 GLU 119 119  119  GLU GLU A . n 
A 1 120 GLU 120 120  120  GLU GLU A . n 
A 1 121 VAL 121 121  121  VAL VAL A . n 
A 1 122 ASP 122 122  122  ASP ASP A . n 
A 1 123 GLU 123 123  123  GLU GLU A . n 
A 1 124 MET 124 124  124  MET MET A . n 
A 1 125 ILE 125 125  125  ILE ILE A . n 
A 1 126 ARG 126 126  126  ARG ARG A . n 
A 1 127 GLU 127 127  127  GLU GLU A . n 
A 1 128 ALA 128 128  128  ALA ALA A . n 
A 1 129 ASP 129 129  129  ASP ASP A . n 
A 1 130 ILE 130 130  130  ILE ILE A . n 
A 1 131 ASP 131 131  131  ASP ASP A . n 
A 1 132 GLY 132 132  132  GLY GLY A . n 
A 1 133 ASP 133 133  133  ASP ASP A . n 
A 1 134 GLY 134 134  134  GLY GLY A . n 
A 1 135 GLN 135 135  135  GLN GLN A . n 
A 1 136 VAL 136 136  136  VAL VAL A . n 
A 1 137 ASN 137 137  137  ASN ASN A . n 
A 1 138 TYR 138 138  138  TYR TYR A . n 
A 1 139 GLU 139 139  139  GLU GLU A . n 
A 1 140 GLU 140 140  140  GLU GLU A . n 
A 1 141 PHE 141 141  141  PHE PHE A . n 
A 1 142 VAL 142 142  142  VAL VAL A . n 
A 1 143 GLN 143 143  143  GLN GLN A . n 
A 1 144 MET 144 144  144  MET MET A . n 
A 1 145 MET 145 145  145  MET MET A . n 
A 1 146 THR 146 146  146  THR THR A . n 
A 1 147 ALA 147 147  147  ALA ALA A . n 
A 1 148 LYS 148 148  ?    ?   ?   A . n 
B 2 1   GLY 1   1815 1815 GLY GLY B . n 
B 2 2   HIS 2   1816 1816 HIS HIS B . n 
B 2 3   MET 3   1817 1817 MET MET B . n 
B 2 4   GLY 4   1818 1818 GLY GLY B . n 
B 2 5   LYS 5   1819 1819 LYS LYS B . n 
B 2 6   ILE 6   1820 1820 ILE ILE B . n 
B 2 7   TYR 7   1821 1821 TYR TYR B . n 
B 2 8   ALA 8   1822 1822 ALA ALA B . n 
B 2 9   ALA 9   1823 1823 ALA ALA B . n 
B 2 10  MET 10  1824 1824 MET MET B . n 
B 2 11  MET 11  1825 1825 MET MET B . n 
B 2 12  ILE 12  1826 1826 ILE ILE B . n 
B 2 13  MET 13  1827 1827 MET MET B . n 
B 2 14  ASP 14  1828 1828 ASP ASP B . n 
B 2 15  TYR 15  1829 1829 TYR TYR B . n 
B 2 16  TYR 16  1830 1830 TYR TYR B . n 
B 2 17  LYS 17  1831 1831 LYS LYS B . n 
B 2 18  GLN 18  1832 1832 GLN GLN B . n 
B 2 19  SER 19  1833 1833 SER SER B . n 
B 2 20  LYS 20  1834 1834 LYS LYS B . n 
B 2 21  VAL 21  1835 1835 VAL VAL B . n 
B 2 22  LYS 22  1836 1836 LYS LYS B . n 
B 2 23  LYS 23  1837 1837 LYS LYS B . n 
# 
loop_
_pdbx_nonpoly_scheme.asym_id 
_pdbx_nonpoly_scheme.entity_id 
_pdbx_nonpoly_scheme.mon_id 
_pdbx_nonpoly_scheme.ndb_seq_num 
_pdbx_nonpoly_scheme.pdb_seq_num 
_pdbx_nonpoly_scheme.auth_seq_num 
_pdbx_nonpoly_scheme.pdb_mon_id 
_pdbx_nonpoly_scheme.auth_mon_id 
_pdbx_nonpoly_scheme.pdb_strand_id 
_pdbx_nonpoly_scheme.pdb_ins_code 
C 3 CA  1  501 501 CA  CA  A . 
D 3 CA  1  502 502 CA  CA  A . 
E 3 CA  1  503 503 CA  CA  A . 
F 3 CA  1  504 504 CA  CA  A . 
G 4 HOH 1  505 1   HOH HOH A . 
G 4 HOH 2  506 2   HOH HOH A . 
G 4 HOH 3  507 3   HOH HOH A . 
G 4 HOH 4  508 4   HOH HOH A . 
G 4 HOH 5  509 5   HOH HOH A . 
G 4 HOH 6  510 6   HOH HOH A . 
G 4 HOH 7  511 7   HOH HOH A . 
G 4 HOH 8  512 8   HOH HOH A . 
G 4 HOH 9  513 9   HOH HOH A . 
G 4 HOH 10 514 10  HOH HOH A . 
G 4 HOH 11 515 11  HOH HOH A . 
G 4 HOH 12 516 13  HOH HOH A . 
G 4 HOH 13 517 14  HOH HOH A . 
G 4 HOH 14 518 15  HOH HOH A . 
G 4 HOH 15 519 16  HOH HOH A . 
G 4 HOH 16 520 17  HOH HOH A . 
G 4 HOH 17 521 19  HOH HOH A . 
G 4 HOH 18 522 20  HOH HOH A . 
G 4 HOH 19 523 21  HOH HOH A . 
G 4 HOH 20 524 22  HOH HOH A . 
G 4 HOH 21 525 23  HOH HOH A . 
G 4 HOH 22 526 24  HOH HOH A . 
G 4 HOH 23 527 25  HOH HOH A . 
G 4 HOH 24 528 26  HOH HOH A . 
G 4 HOH 25 529 27  HOH HOH A . 
G 4 HOH 26 530 28  HOH HOH A . 
G 4 HOH 27 531 29  HOH HOH A . 
G 4 HOH 28 532 30  HOH HOH A . 
G 4 HOH 29 533 31  HOH HOH A . 
G 4 HOH 30 534 32  HOH HOH A . 
G 4 HOH 31 535 33  HOH HOH A . 
G 4 HOH 32 536 34  HOH HOH A . 
H 4 HOH 1  12  12  HOH HOH B . 
H 4 HOH 2  18  18  HOH HOH B . 
# 
loop_
_pdbx_unobs_or_zero_occ_atoms.id 
_pdbx_unobs_or_zero_occ_atoms.PDB_model_num 
_pdbx_unobs_or_zero_occ_atoms.polymer_flag 
_pdbx_unobs_or_zero_occ_atoms.occupancy_flag 
_pdbx_unobs_or_zero_occ_atoms.auth_asym_id 
_pdbx_unobs_or_zero_occ_atoms.auth_comp_id 
_pdbx_unobs_or_zero_occ_atoms.auth_seq_id 
_pdbx_unobs_or_zero_occ_atoms.PDB_ins_code 
_pdbx_unobs_or_zero_occ_atoms.auth_atom_id 
_pdbx_unobs_or_zero_occ_atoms.label_alt_id 
_pdbx_unobs_or_zero_occ_atoms.label_asym_id 
_pdbx_unobs_or_zero_occ_atoms.label_comp_id 
_pdbx_unobs_or_zero_occ_atoms.label_seq_id 
_pdbx_unobs_or_zero_occ_atoms.label_atom_id 
1  1 Y 1 A LEU 4    ? CG  ? A LEU 4   CG  
2  1 Y 1 A LEU 4    ? CD1 ? A LEU 4   CD1 
3  1 Y 1 A LEU 4    ? CD2 ? A LEU 4   CD2 
4  1 Y 1 A THR 5    ? OG1 ? A THR 5   OG1 
5  1 Y 1 A THR 5    ? CG2 ? A THR 5   CG2 
6  1 Y 1 A GLU 7    ? CG  ? A GLU 7   CG  
7  1 Y 1 A GLU 7    ? CD  ? A GLU 7   CD  
8  1 Y 1 A GLU 7    ? OE1 ? A GLU 7   OE1 
9  1 Y 1 A GLU 7    ? OE2 ? A GLU 7   OE2 
10 1 Y 1 A LYS 13   ? CE  ? A LYS 13  CE  
11 1 Y 1 A LYS 13   ? NZ  ? A LYS 13  NZ  
12 1 Y 1 A GLU 54   ? CG  ? A GLU 54  CG  
13 1 Y 1 A GLU 54   ? CD  ? A GLU 54  CD  
14 1 Y 1 A GLU 54   ? OE1 ? A GLU 54  OE1 
15 1 Y 1 A GLU 54   ? OE2 ? A GLU 54  OE2 
16 1 Y 1 A LYS 75   ? CB  ? A LYS 75  CB  
17 1 Y 1 A LYS 75   ? CG  ? A LYS 75  CG  
18 1 Y 1 A LYS 75   ? CD  ? A LYS 75  CD  
19 1 Y 1 A LYS 75   ? CE  ? A LYS 75  CE  
20 1 Y 1 A LYS 75   ? NZ  ? A LYS 75  NZ  
21 1 Y 1 A MET 76   ? CB  ? A MET 76  CB  
22 1 Y 1 A MET 76   ? CG  ? A MET 76  CG  
23 1 Y 1 A MET 76   ? SD  ? A MET 76  SD  
24 1 Y 1 A MET 76   ? CE  ? A MET 76  CE  
25 1 Y 1 A LYS 77   ? CB  ? A LYS 77  CB  
26 1 Y 1 A LYS 77   ? CG  ? A LYS 77  CG  
27 1 Y 1 A LYS 77   ? CD  ? A LYS 77  CD  
28 1 Y 1 A LYS 77   ? CE  ? A LYS 77  CE  
29 1 Y 1 A LYS 77   ? NZ  ? A LYS 77  NZ  
30 1 Y 1 A THR 79   ? CB  ? A THR 79  CB  
31 1 Y 1 A THR 79   ? OG1 ? A THR 79  OG1 
32 1 Y 1 A THR 79   ? CG2 ? A THR 79  CG2 
33 1 Y 1 A ASP 80   ? CG  ? A ASP 80  CG  
34 1 Y 1 A ASP 80   ? OD1 ? A ASP 80  OD1 
35 1 Y 1 A ASP 80   ? OD2 ? A ASP 80  OD2 
36 1 Y 1 A GLU 84   ? CG  ? A GLU 84  CG  
37 1 Y 1 A GLU 84   ? CD  ? A GLU 84  CD  
38 1 Y 1 A GLU 84   ? OE1 ? A GLU 84  OE1 
39 1 Y 1 A GLU 84   ? OE2 ? A GLU 84  OE2 
40 1 Y 0 A GLU 87   ? CG  B A GLU 87  CG  
41 1 Y 0 A GLU 87   ? CD  B A GLU 87  CD  
42 1 Y 0 A GLU 87   ? OE1 B A GLU 87  OE1 
43 1 Y 0 A GLU 87   ? OE2 B A GLU 87  OE2 
44 1 Y 1 A LYS 94   ? CD  ? A LYS 94  CD  
45 1 Y 1 A LYS 94   ? CE  ? A LYS 94  CE  
46 1 Y 1 A LYS 94   ? NZ  ? A LYS 94  NZ  
47 1 Y 1 A LYS 115  ? CG  ? A LYS 115 CG  
48 1 Y 1 A LYS 115  ? CD  ? A LYS 115 CD  
49 1 Y 1 A LYS 115  ? CE  ? A LYS 115 CE  
50 1 Y 1 A LYS 115  ? NZ  ? A LYS 115 NZ  
51 1 Y 1 A LEU 116  ? CG  ? A LEU 116 CG  
52 1 Y 1 A LEU 116  ? CD1 ? A LEU 116 CD1 
53 1 Y 1 A LEU 116  ? CD2 ? A LEU 116 CD2 
54 1 Y 1 A GLU 119  ? CG  ? A GLU 119 CG  
55 1 Y 1 A GLU 119  ? CD  ? A GLU 119 CD  
56 1 Y 1 A GLU 119  ? OE1 ? A GLU 119 OE1 
57 1 Y 1 A GLU 119  ? OE2 ? A GLU 119 OE2 
58 1 Y 1 B LYS 1831 ? CG  ? B LYS 17  CG  
59 1 Y 1 B LYS 1831 ? CD  ? B LYS 17  CD  
60 1 Y 1 B LYS 1831 ? CE  ? B LYS 17  CE  
61 1 Y 1 B LYS 1831 ? NZ  ? B LYS 17  NZ  
62 1 Y 1 B GLN 1832 ? CG  ? B GLN 18  CG  
63 1 Y 1 B GLN 1832 ? CD  ? B GLN 18  CD  
64 1 Y 1 B GLN 1832 ? OE1 ? B GLN 18  OE1 
65 1 Y 1 B GLN 1832 ? NE2 ? B GLN 18  NE2 
66 1 Y 1 B LYS 1836 ? CE  ? B LYS 22  CE  
67 1 Y 1 B LYS 1836 ? NZ  ? B LYS 22  NZ  
68 1 Y 1 B LYS 1837 ? CB  ? B LYS 23  CB  
69 1 Y 1 B LYS 1837 ? CG  ? B LYS 23  CG  
70 1 Y 1 B LYS 1837 ? CD  ? B LYS 23  CD  
71 1 Y 1 B LYS 1837 ? CE  ? B LYS 23  CE  
72 1 Y 1 B LYS 1837 ? NZ  ? B LYS 23  NZ  
# 
loop_
_software.name 
_software.version 
_software.date 
_software.type 
_software.contact_author 
_software.contact_author_email 
_software.classification 
_software.location 
_software.language 
_software.citation_id 
_software.pdbx_ordinal 
DENZO       .     ?               package 'Zbyszek Otwinowski' hkl@hkl-xray.com            'data reduction'  
http://www.hkl-xray.com/                     ?          ? 1 
SCALEPACK   .     ?               package 'Zbyszek Otwinowski' hkl@hkl-xray.com            'data scaling'    
http://www.hkl-xray.com/                     ?          ? 2 
PHASER      .     ?               program 'Randy J. Read'      cimr-phaser@lists.cam.ac.uk phasing           
http://www-structmed.cimr.cam.ac.uk/phaser/  ?          ? 3 
REFMAC      .     ?               program 'Garib N. Murshudov' garib@ysbl.york.ac.uk       refinement        
http://www.ccp4.ac.uk/dist/html/refmac5.html Fortran_77 ? 4 
PDB_EXTRACT 3.006 'June 11, 2008' package PDB                  help@deposit.rcsb.org       'data extraction' 
http://sw-tools.pdb.org/apps/PDB_EXTRACT/    C++        ? 5 
HKL-2000    .     ?               ?       ?                    ?                           'data collection' ? ?          ? 6 
HKL-2000    .     ?               ?       ?                    ?                           'data reduction'  ? ?          ? 7 
HKL-2000    .     ?               ?       ?                    ?                           'data scaling'    ? ?          ? 8 
# 
_cell.length_a           44.262 
_cell.length_b           44.262 
_cell.length_c           337.941 
_cell.angle_alpha        90.000 
_cell.angle_beta         90.000 
_cell.angle_gamma        120.000 
_cell.entry_id           3DVK 
_cell.pdbx_unique_axis   ? 
_cell.Z_PDB              12 
_cell.length_a_esd       ? 
_cell.length_b_esd       ? 
_cell.length_c_esd       ? 
_cell.angle_alpha_esd    ? 
_cell.angle_beta_esd     ? 
_cell.angle_gamma_esd    ? 
# 
_symmetry.space_group_name_H-M             'P 61 2 2' 
_symmetry.entry_id                         3DVK 
_symmetry.Int_Tables_number                178 
_symmetry.pdbx_full_space_group_name_H-M   ? 
_symmetry.cell_setting                     ? 
_symmetry.space_group_name_Hall            ? 
# 
_exptl.crystals_number   1 
_exptl.entry_id          3DVK 
_exptl.method            'X-RAY DIFFRACTION' 
# 
_exptl_crystal.id                    1 
_exptl_crystal.density_Matthews      2.40 
_exptl_crystal.density_meas          ? 
_exptl_crystal.density_percent_sol   48.80 
_exptl_crystal.description           ? 
_exptl_crystal.F_000                 ? 
_exptl_crystal.preparation           ? 
# 
_exptl_crystal_grow.crystal_id      1 
_exptl_crystal_grow.method          'VAPOR DIFFUSION, HANGING DROP' 
_exptl_crystal_grow.pH              6.5 
_exptl_crystal_grow.temp            292 
_exptl_crystal_grow.pdbx_details    '0.1 M Bis-Tris, 25-30 % PEG 2000 MME, pH 6.5, VAPOR DIFFUSION, HANGING DROP, temperature 292K' 
_exptl_crystal_grow.temp_details    ? 
_exptl_crystal_grow.pdbx_pH_range   . 
# 
_diffrn.id                     1 
_diffrn.ambient_temp           100 
_diffrn.ambient_temp_details   ? 
_diffrn.crystal_id             1 
# 
_diffrn_detector.diffrn_id              1 
_diffrn_detector.detector               CCD 
_diffrn_detector.type                   'ADSC QUANTUM 315' 
_diffrn_detector.pdbx_collection_date   2007-10-18 
_diffrn_detector.details                ? 
# 
_diffrn_radiation.diffrn_id                        1 
_diffrn_radiation.pdbx_diffrn_protocol             'SINGLE WAVELENGTH' 
_diffrn_radiation.monochromator                    'Double flat crystal, Si(111)' 
_diffrn_radiation.wavelength_id                    1 
_diffrn_radiation.pdbx_monochromatic_or_laue_m_l   M 
_diffrn_radiation.pdbx_scattering_type             x-ray 
# 
_diffrn_radiation_wavelength.id           1 
_diffrn_radiation_wavelength.wavelength   1.11587 
_diffrn_radiation_wavelength.wt           1.0 
# 
_diffrn_source.diffrn_id                   1 
_diffrn_source.source                      SYNCHROTRON 
_diffrn_source.type                        'ALS BEAMLINE 8.3.1' 
_diffrn_source.pdbx_wavelength_list        1.11587 
_diffrn_source.pdbx_wavelength             ? 
_diffrn_source.pdbx_synchrotron_site       ALS 
_diffrn_source.pdbx_synchrotron_beamline   8.3.1 
# 
_reflns.entry_id                     3DVK 
_reflns.observed_criterion_sigma_F   ? 
_reflns.observed_criterion_sigma_I   ? 
_reflns.d_resolution_high            2.3 
_reflns.d_resolution_low             20 
_reflns.number_all                   ? 
_reflns.number_obs                   9377 
_reflns.percent_possible_obs         95.2 
_reflns.pdbx_Rmerge_I_obs            0.103 
_reflns.pdbx_Rsym_value              ? 
_reflns.pdbx_netI_over_sigmaI        ? 
_reflns.B_iso_Wilson_estimate        ? 
_reflns.pdbx_redundancy              15.9 
_reflns.R_free_details               ? 
_reflns.limit_h_max                  ? 
_reflns.limit_h_min                  ? 
_reflns.limit_k_max                  ? 
_reflns.limit_k_min                  ? 
_reflns.limit_l_max                  ? 
_reflns.limit_l_min                  ? 
_reflns.observed_criterion_F_max     ? 
_reflns.observed_criterion_F_min     ? 
_reflns.pdbx_chi_squared             ? 
_reflns.pdbx_scaling_rejects         ? 
_reflns.pdbx_ordinal                 1 
_reflns.pdbx_diffrn_id               1 
# 
_reflns_shell.d_res_high             2.30 
_reflns_shell.d_res_low              2.38 
_reflns_shell.percent_possible_obs   ? 
_reflns_shell.percent_possible_all   68.1 
_reflns_shell.Rmerge_I_obs           0.383 
_reflns_shell.meanI_over_sigI_obs    ? 
_reflns_shell.pdbx_Rsym_value        ? 
_reflns_shell.pdbx_redundancy        7.4 
_reflns_shell.number_unique_all      631 
_reflns_shell.number_measured_all    ? 
_reflns_shell.number_measured_obs    ? 
_reflns_shell.number_unique_obs      ? 
_reflns_shell.pdbx_chi_squared       ? 
_reflns_shell.pdbx_ordinal           1 
_reflns_shell.pdbx_diffrn_id         1 
# 
_refine.entry_id                                 3DVK 
_refine.ls_d_res_high                            2.300 
_refine.ls_d_res_low                             20.000 
_refine.pdbx_ls_sigma_F                          0.00 
_refine.ls_percent_reflns_obs                    95.400 
_refine.ls_number_reflns_obs                     9294 
_refine.pdbx_ls_cross_valid_method               THROUGHOUT 
_refine.pdbx_R_Free_selection_details            RANDOM 
_refine.details                                  'HYDROGENS HAVE BEEN ADDED IN THE RIDING POSITIONS' 
_refine.ls_R_factor_obs                          0.258 
_refine.ls_R_factor_R_work                       0.256 
_refine.ls_R_factor_R_free                       0.291 
_refine.ls_percent_reflns_R_free                 4.700 
_refine.ls_number_reflns_R_free                  439 
_refine.B_iso_mean                               71.425 
_refine.aniso_B[1][1]                            2.290 
_refine.aniso_B[2][2]                            2.290 
_refine.aniso_B[3][3]                            -3.430 
_refine.aniso_B[1][2]                            1.140 
_refine.aniso_B[1][3]                            0.000 
_refine.aniso_B[2][3]                            0.000 
_refine.correlation_coeff_Fo_to_Fc               0.925 
_refine.correlation_coeff_Fo_to_Fc_free          0.916 
_refine.pdbx_overall_ESU_R                       0.359 
_refine.pdbx_overall_ESU_R_Free                  0.263 
_refine.overall_SU_ML                            0.211 
_refine.overall_SU_B                             14.388 
_refine.solvent_model_details                    'BABINET MODEL WITH MASK' 
_refine.pdbx_solvent_vdw_probe_radii             1.200 
_refine.pdbx_solvent_ion_probe_radii             0.800 
_refine.pdbx_solvent_shrinkage_radii             0.800 
_refine.pdbx_method_to_determine_struct          'MOLECULAR REPLACEMENT' 
_refine.pdbx_stereochemistry_target_values       'MAXIMUM LIKELIHOOD' 
_refine.overall_FOM_work_R_set                   0.783 
_refine.B_iso_max                                105.09 
_refine.B_iso_min                                41.80 
_refine.occupancy_max                            1.00 
_refine.occupancy_min                            0.00 
_refine.pdbx_ls_sigma_I                          ? 
_refine.ls_number_reflns_all                     ? 
_refine.ls_R_factor_all                          ? 
_refine.ls_redundancy_reflns_obs                 ? 
_refine.pdbx_data_cutoff_high_absF               ? 
_refine.pdbx_data_cutoff_low_absF                ? 
_refine.ls_number_parameters                     ? 
_refine.ls_number_restraints                     ? 
_refine.ls_R_factor_R_free_error                 ? 
_refine.ls_R_factor_R_free_error_details         ? 
_refine.pdbx_starting_model                      ? 
_refine.pdbx_stereochem_target_val_spec_case     ? 
_refine.solvent_model_param_bsol                 ? 
_refine.solvent_model_param_ksol                 ? 
_refine.pdbx_isotropic_thermal_model             ? 
_refine.overall_SU_R_Cruickshank_DPI             ? 
_refine.overall_SU_R_free                        ? 
_refine.pdbx_data_cutoff_high_rms_absF           ? 
_refine.ls_wR_factor_R_free                      ? 
_refine.ls_wR_factor_R_work                      ? 
_refine.overall_FOM_free_R_set                   ? 
_refine.pdbx_overall_phase_error                 ? 
_refine.pdbx_refine_id                           'X-RAY DIFFRACTION' 
_refine.pdbx_TLS_residual_ADP_flag               'LIKELY RESIDUAL' 
_refine.pdbx_diffrn_id                           1 
_refine.pdbx_overall_SU_R_free_Cruickshank_DPI   ? 
_refine.pdbx_overall_SU_R_Blow_DPI               ? 
_refine.pdbx_overall_SU_R_free_Blow_DPI          ? 
# 
_refine_hist.pdbx_refine_id                   'X-RAY DIFFRACTION' 
_refine_hist.cycle_id                         LAST 
_refine_hist.pdbx_number_atoms_protein        1245 
_refine_hist.pdbx_number_atoms_nucleic_acid   0 
_refine_hist.pdbx_number_atoms_ligand         4 
_refine_hist.number_atoms_solvent             34 
_refine_hist.number_atoms_total               1283 
_refine_hist.d_res_high                       2.300 
_refine_hist.d_res_low                        20.000 
# 
loop_
_refine_ls_restr.type 
_refine_ls_restr.number 
_refine_ls_restr.dev_ideal 
_refine_ls_restr.dev_ideal_target 
_refine_ls_restr.weight 
_refine_ls_restr.pdbx_refine_id 
_refine_ls_restr.pdbx_restraint_function 
r_bond_refined_d       1266 0.015  0.021  ? 'X-RAY DIFFRACTION' ? 
r_angle_refined_deg    1699 1.380  1.952  ? 'X-RAY DIFFRACTION' ? 
r_dihedral_angle_1_deg 163  5.455  5.000  ? 'X-RAY DIFFRACTION' ? 
r_dihedral_angle_2_deg 65   31.798 25.538 ? 'X-RAY DIFFRACTION' ? 
r_dihedral_angle_3_deg 215  16.247 15.000 ? 'X-RAY DIFFRACTION' ? 
r_dihedral_angle_4_deg 7    16.384 15.000 ? 'X-RAY DIFFRACTION' ? 
r_chiral_restr         184  0.085  0.200  ? 'X-RAY DIFFRACTION' ? 
r_gen_planes_refined   975  0.006  0.020  ? 'X-RAY DIFFRACTION' ? 
r_mcbond_it            812  2.327  4.000  ? 'X-RAY DIFFRACTION' ? 
r_mcangle_it           1279 3.501  5.000  ? 'X-RAY DIFFRACTION' ? 
r_scbond_it            454  2.894  4.000  ? 'X-RAY DIFFRACTION' ? 
r_scangle_it           420  3.928  5.000  ? 'X-RAY DIFFRACTION' ? 
# 
_refine_ls_shell.d_res_high                       2.300 
_refine_ls_shell.d_res_low                        2.356 
_refine_ls_shell.pdbx_total_number_of_bins_used   20 
_refine_ls_shell.percent_reflns_obs               63.930 
_refine_ls_shell.number_reflns_R_work             408 
_refine_ls_shell.R_factor_all                     ? 
_refine_ls_shell.R_factor_R_work                  0.267 
_refine_ls_shell.R_factor_R_free                  0.286 
_refine_ls_shell.percent_reflns_R_free            ? 
_refine_ls_shell.number_reflns_R_free             21 
_refine_ls_shell.R_factor_R_free_error            ? 
_refine_ls_shell.number_reflns_all                429 
_refine_ls_shell.number_reflns_obs                ? 
_refine_ls_shell.redundancy_reflns_obs            ? 
_refine_ls_shell.pdbx_refine_id                   'X-RAY DIFFRACTION' 
# 
_struct.entry_id                  3DVK 
_struct.title                     'Crystal Structure of Ca2+/CaM-CaV2.3 IQ domain complex' 
_struct.pdbx_model_details        ? 
_struct.pdbx_CASP_flag            ? 
_struct.pdbx_model_type_details   ? 
# 
_struct_keywords.entry_id        3DVK 
_struct_keywords.text            
'calmodulin, calcium channel, IQ domain, inactivation, facilitation, calcium-dependent, voltage-gated, MEMBRANE PROTEIN' 
_struct_keywords.pdbx_keywords   'MEMBRANE PROTEIN' 
# 
loop_
_struct_asym.id 
_struct_asym.pdbx_blank_PDB_chainid_flag 
_struct_asym.pdbx_modified 
_struct_asym.entity_id 
_struct_asym.details 
A N N 1 ? 
B N N 2 ? 
C N N 3 ? 
D N N 3 ? 
E N N 3 ? 
F N N 3 ? 
G N N 4 ? 
H N N 4 ? 
# 
loop_
_struct_ref.id 
_struct_ref.db_name 
_struct_ref.db_code 
_struct_ref.pdbx_db_accession 
_struct_ref.entity_id 
_struct_ref.pdbx_seq_one_letter_code 
_struct_ref.pdbx_align_begin 
_struct_ref.pdbx_db_isoform 
1 UNP CALM_HUMAN P62158 1 
;ADQLTEEQIAEFKEAFSLFDKDGDGTITTKELGTVMRSLGQNPTEAELQDMINEVDADGNGTIDFPEFLTMMARKMKDTD
SEEEIREAFRVFDKDGNGYISAAELRHVMTNLGEKLTDEEVDEMIREADIDGDGQVNYEEFVQMMTAK
;
2    ? 
2 UNP CAC1E_RAT  Q07652 2 GKIYAAMMIMDYYKQSKVKK 1818 ? 
# 
loop_
_struct_ref_seq.align_id 
_struct_ref_seq.ref_id 
_struct_ref_seq.pdbx_PDB_id_code 
_struct_ref_seq.pdbx_strand_id 
_struct_ref_seq.seq_align_beg 
_struct_ref_seq.pdbx_seq_align_beg_ins_code 
_struct_ref_seq.seq_align_end 
_struct_ref_seq.pdbx_seq_align_end_ins_code 
_struct_ref_seq.pdbx_db_accession 
_struct_ref_seq.db_align_beg 
_struct_ref_seq.pdbx_db_align_beg_ins_code 
_struct_ref_seq.db_align_end 
_struct_ref_seq.pdbx_db_align_end_ins_code 
_struct_ref_seq.pdbx_auth_seq_align_beg 
_struct_ref_seq.pdbx_auth_seq_align_end 
1 1 3DVK A 1 ? 148 ? P62158 2    ? 149  ? 1    148  
2 2 3DVK B 4 ? 23  ? Q07652 1818 ? 1837 ? 1818 1837 
# 
loop_
_struct_ref_seq_dif.align_id 
_struct_ref_seq_dif.pdbx_pdb_id_code 
_struct_ref_seq_dif.mon_id 
_struct_ref_seq_dif.pdbx_pdb_strand_id 
_struct_ref_seq_dif.seq_num 
_struct_ref_seq_dif.pdbx_pdb_ins_code 
_struct_ref_seq_dif.pdbx_seq_db_name 
_struct_ref_seq_dif.pdbx_seq_db_accession_code 
_struct_ref_seq_dif.db_mon_id 
_struct_ref_seq_dif.pdbx_seq_db_seq_num 
_struct_ref_seq_dif.details 
_struct_ref_seq_dif.pdbx_auth_seq_num 
_struct_ref_seq_dif.pdbx_ordinal 
2 3DVK GLY B 1 ? UNP Q07652 ? ? 'expression tag' 1815 1 
2 3DVK HIS B 2 ? UNP Q07652 ? ? 'expression tag' 1816 2 
2 3DVK MET B 3 ? UNP Q07652 ? ? 'expression tag' 1817 3 
# 
_pdbx_struct_assembly.id                   1 
_pdbx_struct_assembly.details              author_and_software_defined_assembly 
_pdbx_struct_assembly.method_details       PISA 
_pdbx_struct_assembly.oligomeric_details   dimeric 
_pdbx_struct_assembly.oligomeric_count     2 
# 
loop_
_pdbx_struct_assembly_prop.biol_id 
_pdbx_struct_assembly_prop.type 
_pdbx_struct_assembly_prop.value 
_pdbx_struct_assembly_prop.details 
1 'ABSA (A^2)' 2850 ? 
1 MORE         -76  ? 
1 'SSA (A^2)'  9090 ? 
# 
_pdbx_struct_assembly_gen.assembly_id       1 
_pdbx_struct_assembly_gen.oper_expression   1 
_pdbx_struct_assembly_gen.asym_id_list      A,B,C,D,E,F,G,H 
# 
_pdbx_struct_oper_list.id                   1 
_pdbx_struct_oper_list.type                 'identity operation' 
_pdbx_struct_oper_list.name                 1_555 
_pdbx_struct_oper_list.symmetry_operation   x,y,z 
_pdbx_struct_oper_list.matrix[1][1]         1.0000000000 
_pdbx_struct_oper_list.matrix[1][2]         0.0000000000 
_pdbx_struct_oper_list.matrix[1][3]         0.0000000000 
_pdbx_struct_oper_list.vector[1]            0.0000000000 
_pdbx_struct_oper_list.matrix[2][1]         0.0000000000 
_pdbx_struct_oper_list.matrix[2][2]         1.0000000000 
_pdbx_struct_oper_list.matrix[2][3]         0.0000000000 
_pdbx_struct_oper_list.vector[2]            0.0000000000 
_pdbx_struct_oper_list.matrix[3][1]         0.0000000000 
_pdbx_struct_oper_list.matrix[3][2]         0.0000000000 
_pdbx_struct_oper_list.matrix[3][3]         1.0000000000 
_pdbx_struct_oper_list.vector[3]            0.0000000000 
# 
_struct_biol.id        1 
_struct_biol.details   ? 
# 
loop_
_struct_conf.conf_type_id 
_struct_conf.id 
_struct_conf.pdbx_PDB_helix_id 
_struct_conf.beg_label_comp_id 
_struct_conf.beg_label_asym_id 
_struct_conf.beg_label_seq_id 
_struct_conf.pdbx_beg_PDB_ins_code 
_struct_conf.end_label_comp_id 
_struct_conf.end_label_asym_id 
_struct_conf.end_label_seq_id 
_struct_conf.pdbx_end_PDB_ins_code 
_struct_conf.beg_auth_comp_id 
_struct_conf.beg_auth_asym_id 
_struct_conf.beg_auth_seq_id 
_struct_conf.end_auth_comp_id 
_struct_conf.end_auth_asym_id 
_struct_conf.end_auth_seq_id 
_struct_conf.pdbx_PDB_helix_class 
_struct_conf.details 
_struct_conf.pdbx_PDB_helix_length 
HELX_P HELX_P1 1 THR A 5   ? ASP A 20  ? THR A 5    ASP A 20   1 ? 16 
HELX_P HELX_P2 2 THR A 28  ? GLY A 40  ? THR A 28   GLY A 40   1 ? 13 
HELX_P HELX_P3 3 THR A 44  ? ASP A 56  ? THR A 44   ASP A 56   1 ? 13 
HELX_P HELX_P4 4 ASP A 64  ? ARG A 74  ? ASP A 64   ARG A 74   1 ? 11 
HELX_P HELX_P5 5 ASP A 80  ? ASP A 93  ? ASP A 80   ASP A 93   1 ? 14 
HELX_P HELX_P6 6 SER A 101 ? LEU A 112 ? SER A 101  LEU A 112  1 ? 12 
HELX_P HELX_P7 7 THR A 117 ? ASP A 129 ? THR A 117  ASP A 129  1 ? 13 
HELX_P HELX_P8 8 ASN A 137 ? THR A 146 ? ASN A 137  THR A 146  1 ? 10 
HELX_P HELX_P9 9 MET B 3   ? LYS B 22  ? MET B 1817 LYS B 1836 1 ? 20 
# 
_struct_conf_type.id          HELX_P 
_struct_conf_type.criteria    ? 
_struct_conf_type.reference   ? 
# 
loop_
_struct_conn.id 
_struct_conn.conn_type_id 
_struct_conn.pdbx_leaving_atom_flag 
_struct_conn.pdbx_PDB_id 
_struct_conn.ptnr1_label_asym_id 
_struct_conn.ptnr1_label_comp_id 
_struct_conn.ptnr1_label_seq_id 
_struct_conn.ptnr1_label_atom_id 
_struct_conn.pdbx_ptnr1_label_alt_id 
_struct_conn.pdbx_ptnr1_PDB_ins_code 
_struct_conn.pdbx_ptnr1_standard_comp_id 
_struct_conn.ptnr1_symmetry 
_struct_conn.ptnr2_label_asym_id 
_struct_conn.ptnr2_label_comp_id 
_struct_conn.ptnr2_label_seq_id 
_struct_conn.ptnr2_label_atom_id 
_struct_conn.pdbx_ptnr2_label_alt_id 
_struct_conn.pdbx_ptnr2_PDB_ins_code 
_struct_conn.ptnr1_auth_asym_id 
_struct_conn.ptnr1_auth_comp_id 
_struct_conn.ptnr1_auth_seq_id 
_struct_conn.ptnr2_auth_asym_id 
_struct_conn.ptnr2_auth_comp_id 
_struct_conn.ptnr2_auth_seq_id 
_struct_conn.ptnr2_symmetry 
_struct_conn.pdbx_ptnr3_label_atom_id 
_struct_conn.pdbx_ptnr3_label_seq_id 
_struct_conn.pdbx_ptnr3_label_comp_id 
_struct_conn.pdbx_ptnr3_label_asym_id 
_struct_conn.pdbx_ptnr3_label_alt_id 
_struct_conn.pdbx_ptnr3_PDB_ins_code 
_struct_conn.details 
_struct_conn.pdbx_dist_value 
_struct_conn.pdbx_value_order 
_struct_conn.pdbx_role 
metalc1  metalc ? ? A ASP 20  OD1 ? ? ? 1_555 C CA  . CA ? ? A ASP 20  A CA  501 1_555 ? ? ? ? ? ? ? 2.406 ? ? 
metalc2  metalc ? ? A ASP 22  OD1 ? ? ? 1_555 C CA  . CA ? ? A ASP 22  A CA  501 1_555 ? ? ? ? ? ? ? 2.348 ? ? 
metalc3  metalc ? ? A ASP 24  OD2 ? ? ? 1_555 C CA  . CA ? ? A ASP 24  A CA  501 1_555 ? ? ? ? ? ? ? 2.517 ? ? 
metalc4  metalc ? ? A THR 26  O   ? ? ? 1_555 C CA  . CA ? ? A THR 26  A CA  501 1_555 ? ? ? ? ? ? ? 2.357 ? ? 
metalc5  metalc ? ? A GLU 31  OE1 ? ? ? 1_555 C CA  . CA ? ? A GLU 31  A CA  501 1_555 ? ? ? ? ? ? ? 2.714 ? ? 
metalc6  metalc ? ? A GLU 31  OE2 ? ? ? 1_555 C CA  . CA ? ? A GLU 31  A CA  501 1_555 ? ? ? ? ? ? ? 2.450 ? ? 
metalc7  metalc ? ? A ASP 56  OD2 ? ? ? 1_555 D CA  . CA ? ? A ASP 56  A CA  502 1_555 ? ? ? ? ? ? ? 2.053 ? ? 
metalc8  metalc ? ? A ASP 58  OD2 ? ? ? 1_555 D CA  . CA ? ? A ASP 58  A CA  502 1_555 ? ? ? ? ? ? ? 2.704 ? ? 
metalc9  metalc ? ? A ASN 60  OD1 ? ? ? 1_555 D CA  . CA ? ? A ASN 60  A CA  502 1_555 ? ? ? ? ? ? ? 2.600 ? ? 
metalc10 metalc ? ? A THR 62  O   ? ? ? 1_555 D CA  . CA ? ? A THR 62  A CA  502 1_555 ? ? ? ? ? ? ? 2.465 ? ? 
metalc11 metalc ? ? A GLU 67  OE1 ? ? ? 1_555 D CA  . CA ? ? A GLU 67  A CA  502 1_555 ? ? ? ? ? ? ? 2.546 ? ? 
metalc12 metalc ? ? A GLU 67  OE2 ? ? ? 1_555 D CA  . CA ? ? A GLU 67  A CA  502 1_555 ? ? ? ? ? ? ? 2.924 ? ? 
metalc13 metalc ? ? A ASP 93  OD2 ? ? ? 1_555 E CA  . CA ? ? A ASP 93  A CA  503 1_555 ? ? ? ? ? ? ? 2.287 ? ? 
metalc14 metalc ? ? A ASP 95  OD1 ? ? ? 1_555 E CA  . CA ? ? A ASP 95  A CA  503 1_555 ? ? ? ? ? ? ? 2.448 ? ? 
metalc15 metalc ? ? A ASN 97  OD1 ? ? ? 1_555 E CA  . CA ? ? A ASN 97  A CA  503 1_555 ? ? ? ? ? ? ? 2.457 ? ? 
metalc16 metalc ? ? A TYR 99  O   ? ? ? 1_555 E CA  . CA ? ? A TYR 99  A CA  503 1_555 ? ? ? ? ? ? ? 2.287 ? ? 
metalc17 metalc ? ? A GLU 104 OE1 ? ? ? 1_555 E CA  . CA ? ? A GLU 104 A CA  503 1_555 ? ? ? ? ? ? ? 2.386 ? ? 
metalc18 metalc ? ? A GLU 104 OE2 ? ? ? 1_555 E CA  . CA ? ? A GLU 104 A CA  503 1_555 ? ? ? ? ? ? ? 2.568 ? ? 
metalc19 metalc ? ? A ASP 129 OD2 ? ? ? 1_555 F CA  . CA ? ? A ASP 129 A CA  504 1_555 ? ? ? ? ? ? ? 2.312 ? ? 
metalc20 metalc ? ? A ASP 131 OD1 ? ? ? 1_555 F CA  . CA ? ? A ASP 131 A CA  504 1_555 ? ? ? ? ? ? ? 2.404 ? ? 
metalc21 metalc ? ? A ASP 133 OD2 ? ? ? 1_555 F CA  . CA ? ? A ASP 133 A CA  504 1_555 ? ? ? ? ? ? ? 2.565 ? ? 
metalc22 metalc ? ? A GLN 135 O   ? ? ? 1_555 F CA  . CA ? ? A GLN 135 A CA  504 1_555 ? ? ? ? ? ? ? 2.400 ? ? 
metalc23 metalc ? ? A GLU 140 OE1 ? ? ? 1_555 F CA  . CA ? ? A GLU 140 A CA  504 1_555 ? ? ? ? ? ? ? 2.383 ? ? 
metalc24 metalc ? ? A GLU 140 OE2 ? ? ? 1_555 F CA  . CA ? ? A GLU 140 A CA  504 1_555 ? ? ? ? ? ? ? 2.581 ? ? 
metalc25 metalc ? ? E CA  .   CA  ? ? ? 1_555 G HOH . O  ? ? A CA  503 A HOH 535 1_555 ? ? ? ? ? ? ? 2.484 ? ? 
metalc26 metalc ? ? F CA  .   CA  ? ? ? 1_555 G HOH . O  ? ? A CA  504 A HOH 520 1_555 ? ? ? ? ? ? ? 2.560 ? ? 
# 
_struct_conn_type.id          metalc 
_struct_conn_type.criteria    ? 
_struct_conn_type.reference   ? 
# 
loop_
_pdbx_struct_conn_angle.id 
_pdbx_struct_conn_angle.ptnr1_label_atom_id 
_pdbx_struct_conn_angle.ptnr1_label_alt_id 
_pdbx_struct_conn_angle.ptnr1_label_asym_id 
_pdbx_struct_conn_angle.ptnr1_label_comp_id 
_pdbx_struct_conn_angle.ptnr1_label_seq_id 
_pdbx_struct_conn_angle.ptnr1_auth_atom_id 
_pdbx_struct_conn_angle.ptnr1_auth_asym_id 
_pdbx_struct_conn_angle.ptnr1_auth_comp_id 
_pdbx_struct_conn_angle.ptnr1_auth_seq_id 
_pdbx_struct_conn_angle.ptnr1_PDB_ins_code 
_pdbx_struct_conn_angle.ptnr1_symmetry 
_pdbx_struct_conn_angle.ptnr2_label_atom_id 
_pdbx_struct_conn_angle.ptnr2_label_alt_id 
_pdbx_struct_conn_angle.ptnr2_label_asym_id 
_pdbx_struct_conn_angle.ptnr2_label_comp_id 
_pdbx_struct_conn_angle.ptnr2_label_seq_id 
_pdbx_struct_conn_angle.ptnr2_auth_atom_id 
_pdbx_struct_conn_angle.ptnr2_auth_asym_id 
_pdbx_struct_conn_angle.ptnr2_auth_comp_id 
_pdbx_struct_conn_angle.ptnr2_auth_seq_id 
_pdbx_struct_conn_angle.ptnr2_PDB_ins_code 
_pdbx_struct_conn_angle.ptnr2_symmetry 
_pdbx_struct_conn_angle.ptnr3_label_atom_id 
_pdbx_struct_conn_angle.ptnr3_label_alt_id 
_pdbx_struct_conn_angle.ptnr3_label_asym_id 
_pdbx_struct_conn_angle.ptnr3_label_comp_id 
_pdbx_struct_conn_angle.ptnr3_label_seq_id 
_pdbx_struct_conn_angle.ptnr3_auth_atom_id 
_pdbx_struct_conn_angle.ptnr3_auth_asym_id 
_pdbx_struct_conn_angle.ptnr3_auth_comp_id 
_pdbx_struct_conn_angle.ptnr3_auth_seq_id 
_pdbx_struct_conn_angle.ptnr3_PDB_ins_code 
_pdbx_struct_conn_angle.ptnr3_symmetry 
_pdbx_struct_conn_angle.value 
_pdbx_struct_conn_angle.value_esd 
1  OD1 ? A ASP 20  ? A ASP 20  ? 1_555 CA ? C CA . ? A CA 501 ? 1_555 OD1 ? A ASP 22  ? A ASP 22  ? 1_555 75.8  ? 
2  OD1 ? A ASP 20  ? A ASP 20  ? 1_555 CA ? C CA . ? A CA 501 ? 1_555 OD2 ? A ASP 24  ? A ASP 24  ? 1_555 81.3  ? 
3  OD1 ? A ASP 22  ? A ASP 22  ? 1_555 CA ? C CA . ? A CA 501 ? 1_555 OD2 ? A ASP 24  ? A ASP 24  ? 1_555 84.2  ? 
4  OD1 ? A ASP 20  ? A ASP 20  ? 1_555 CA ? C CA . ? A CA 501 ? 1_555 O   ? A THR 26  ? A THR 26  ? 1_555 85.3  ? 
5  OD1 ? A ASP 22  ? A ASP 22  ? 1_555 CA ? C CA . ? A CA 501 ? 1_555 O   ? A THR 26  ? A THR 26  ? 1_555 154.9 ? 
6  OD2 ? A ASP 24  ? A ASP 24  ? 1_555 CA ? C CA . ? A CA 501 ? 1_555 O   ? A THR 26  ? A THR 26  ? 1_555 76.7  ? 
7  OD1 ? A ASP 20  ? A ASP 20  ? 1_555 CA ? C CA . ? A CA 501 ? 1_555 OE1 ? A GLU 31  ? A GLU 31  ? 1_555 113.9 ? 
8  OD1 ? A ASP 22  ? A ASP 22  ? 1_555 CA ? C CA . ? A CA 501 ? 1_555 OE1 ? A GLU 31  ? A GLU 31  ? 1_555 129.1 ? 
9  OD2 ? A ASP 24  ? A ASP 24  ? 1_555 CA ? C CA . ? A CA 501 ? 1_555 OE1 ? A GLU 31  ? A GLU 31  ? 1_555 144.9 ? 
10 O   ? A THR 26  ? A THR 26  ? 1_555 CA ? C CA . ? A CA 501 ? 1_555 OE1 ? A GLU 31  ? A GLU 31  ? 1_555 73.6  ? 
11 OD1 ? A ASP 20  ? A ASP 20  ? 1_555 CA ? C CA . ? A CA 501 ? 1_555 OE2 ? A GLU 31  ? A GLU 31  ? 1_555 99.0  ? 
12 OD1 ? A ASP 22  ? A ASP 22  ? 1_555 CA ? C CA . ? A CA 501 ? 1_555 OE2 ? A GLU 31  ? A GLU 31  ? 1_555 79.0  ? 
13 OD2 ? A ASP 24  ? A ASP 24  ? 1_555 CA ? C CA . ? A CA 501 ? 1_555 OE2 ? A GLU 31  ? A GLU 31  ? 1_555 162.6 ? 
14 O   ? A THR 26  ? A THR 26  ? 1_555 CA ? C CA . ? A CA 501 ? 1_555 OE2 ? A GLU 31  ? A GLU 31  ? 1_555 120.7 ? 
15 OE1 ? A GLU 31  ? A GLU 31  ? 1_555 CA ? C CA . ? A CA 501 ? 1_555 OE2 ? A GLU 31  ? A GLU 31  ? 1_555 50.5  ? 
16 OD2 ? A ASP 56  ? A ASP 56  ? 1_555 CA ? D CA . ? A CA 502 ? 1_555 OD2 ? A ASP 58  ? A ASP 58  ? 1_555 75.5  ? 
17 OD2 ? A ASP 56  ? A ASP 56  ? 1_555 CA ? D CA . ? A CA 502 ? 1_555 OD1 ? A ASN 60  ? A ASN 60  ? 1_555 84.8  ? 
18 OD2 ? A ASP 58  ? A ASP 58  ? 1_555 CA ? D CA . ? A CA 502 ? 1_555 OD1 ? A ASN 60  ? A ASN 60  ? 1_555 69.6  ? 
19 OD2 ? A ASP 56  ? A ASP 56  ? 1_555 CA ? D CA . ? A CA 502 ? 1_555 O   ? A THR 62  ? A THR 62  ? 1_555 76.7  ? 
20 OD2 ? A ASP 58  ? A ASP 58  ? 1_555 CA ? D CA . ? A CA 502 ? 1_555 O   ? A THR 62  ? A THR 62  ? 1_555 139.8 ? 
21 OD1 ? A ASN 60  ? A ASN 60  ? 1_555 CA ? D CA . ? A CA 502 ? 1_555 O   ? A THR 62  ? A THR 62  ? 1_555 79.5  ? 
22 OD2 ? A ASP 56  ? A ASP 56  ? 1_555 CA ? D CA . ? A CA 502 ? 1_555 OE1 ? A GLU 67  ? A GLU 67  ? 1_555 96.9  ? 
23 OD2 ? A ASP 58  ? A ASP 58  ? 1_555 CA ? D CA . ? A CA 502 ? 1_555 OE1 ? A GLU 67  ? A GLU 67  ? 1_555 133.6 ? 
24 OD1 ? A ASN 60  ? A ASN 60  ? 1_555 CA ? D CA . ? A CA 502 ? 1_555 OE1 ? A GLU 67  ? A GLU 67  ? 1_555 156.5 ? 
25 O   ? A THR 62  ? A THR 62  ? 1_555 CA ? D CA . ? A CA 502 ? 1_555 OE1 ? A GLU 67  ? A GLU 67  ? 1_555 78.2  ? 
26 OD2 ? A ASP 56  ? A ASP 56  ? 1_555 CA ? D CA . ? A CA 502 ? 1_555 OE2 ? A GLU 67  ? A GLU 67  ? 1_555 78.8  ? 
27 OD2 ? A ASP 58  ? A ASP 58  ? 1_555 CA ? D CA . ? A CA 502 ? 1_555 OE2 ? A GLU 67  ? A GLU 67  ? 1_555 87.1  ? 
28 OD1 ? A ASN 60  ? A ASN 60  ? 1_555 CA ? D CA . ? A CA 502 ? 1_555 OE2 ? A GLU 67  ? A GLU 67  ? 1_555 154.3 ? 
29 O   ? A THR 62  ? A THR 62  ? 1_555 CA ? D CA . ? A CA 502 ? 1_555 OE2 ? A GLU 67  ? A GLU 67  ? 1_555 115.2 ? 
30 OE1 ? A GLU 67  ? A GLU 67  ? 1_555 CA ? D CA . ? A CA 502 ? 1_555 OE2 ? A GLU 67  ? A GLU 67  ? 1_555 46.9  ? 
31 OD2 ? A ASP 93  ? A ASP 93  ? 1_555 CA ? E CA . ? A CA 503 ? 1_555 OD1 ? A ASP 95  ? A ASP 95  ? 1_555 83.1  ? 
32 OD2 ? A ASP 93  ? A ASP 93  ? 1_555 CA ? E CA . ? A CA 503 ? 1_555 OD1 ? A ASN 97  ? A ASN 97  ? 1_555 91.4  ? 
33 OD1 ? A ASP 95  ? A ASP 95  ? 1_555 CA ? E CA . ? A CA 503 ? 1_555 OD1 ? A ASN 97  ? A ASN 97  ? 1_555 75.8  ? 
34 OD2 ? A ASP 93  ? A ASP 93  ? 1_555 CA ? E CA . ? A CA 503 ? 1_555 O   ? A TYR 99  ? A TYR 99  ? 1_555 94.9  ? 
35 OD1 ? A ASP 95  ? A ASP 95  ? 1_555 CA ? E CA . ? A CA 503 ? 1_555 O   ? A TYR 99  ? A TYR 99  ? 1_555 155.8 ? 
36 OD1 ? A ASN 97  ? A ASN 97  ? 1_555 CA ? E CA . ? A CA 503 ? 1_555 O   ? A TYR 99  ? A TYR 99  ? 1_555 80.2  ? 
37 OD2 ? A ASP 93  ? A ASP 93  ? 1_555 CA ? E CA . ? A CA 503 ? 1_555 OE1 ? A GLU 104 ? A GLU 104 ? 1_555 92.8  ? 
38 OD1 ? A ASP 95  ? A ASP 95  ? 1_555 CA ? E CA . ? A CA 503 ? 1_555 OE1 ? A GLU 104 ? A GLU 104 ? 1_555 78.5  ? 
39 OD1 ? A ASN 97  ? A ASN 97  ? 1_555 CA ? E CA . ? A CA 503 ? 1_555 OE1 ? A GLU 104 ? A GLU 104 ? 1_555 153.2 ? 
40 O   ? A TYR 99  ? A TYR 99  ? 1_555 CA ? E CA . ? A CA 503 ? 1_555 OE1 ? A GLU 104 ? A GLU 104 ? 1_555 125.7 ? 
41 OD2 ? A ASP 93  ? A ASP 93  ? 1_555 CA ? E CA . ? A CA 503 ? 1_555 OE2 ? A GLU 104 ? A GLU 104 ? 1_555 101.4 ? 
42 OD1 ? A ASP 95  ? A ASP 95  ? 1_555 CA ? E CA . ? A CA 503 ? 1_555 OE2 ? A GLU 104 ? A GLU 104 ? 1_555 130.5 ? 
43 OD1 ? A ASN 97  ? A ASN 97  ? 1_555 CA ? E CA . ? A CA 503 ? 1_555 OE2 ? A GLU 104 ? A GLU 104 ? 1_555 151.6 ? 
44 O   ? A TYR 99  ? A TYR 99  ? 1_555 CA ? E CA . ? A CA 503 ? 1_555 OE2 ? A GLU 104 ? A GLU 104 ? 1_555 73.6  ? 
45 OE1 ? A GLU 104 ? A GLU 104 ? 1_555 CA ? E CA . ? A CA 503 ? 1_555 OE2 ? A GLU 104 ? A GLU 104 ? 1_555 52.2  ? 
46 OD2 ? A ASP 93  ? A ASP 93  ? 1_555 CA ? E CA . ? A CA 503 ? 1_555 O   ? G HOH .   ? A HOH 535 ? 1_555 167.1 ? 
47 OD1 ? A ASP 95  ? A ASP 95  ? 1_555 CA ? E CA . ? A CA 503 ? 1_555 O   ? G HOH .   ? A HOH 535 ? 1_555 84.4  ? 
48 OD1 ? A ASN 97  ? A ASN 97  ? 1_555 CA ? E CA . ? A CA 503 ? 1_555 O   ? G HOH .   ? A HOH 535 ? 1_555 88.4  ? 
49 O   ? A TYR 99  ? A TYR 99  ? 1_555 CA ? E CA . ? A CA 503 ? 1_555 O   ? G HOH .   ? A HOH 535 ? 1_555 97.8  ? 
50 OE1 ? A GLU 104 ? A GLU 104 ? 1_555 CA ? E CA . ? A CA 503 ? 1_555 O   ? G HOH .   ? A HOH 535 ? 1_555 81.8  ? 
51 OE2 ? A GLU 104 ? A GLU 104 ? 1_555 CA ? E CA . ? A CA 503 ? 1_555 O   ? G HOH .   ? A HOH 535 ? 1_555 84.6  ? 
52 OD2 ? A ASP 129 ? A ASP 129 ? 1_555 CA ? F CA . ? A CA 504 ? 1_555 OD1 ? A ASP 131 ? A ASP 131 ? 1_555 79.2  ? 
53 OD2 ? A ASP 129 ? A ASP 129 ? 1_555 CA ? F CA . ? A CA 504 ? 1_555 OD2 ? A ASP 133 ? A ASP 133 ? 1_555 87.6  ? 
54 OD1 ? A ASP 131 ? A ASP 131 ? 1_555 CA ? F CA . ? A CA 504 ? 1_555 OD2 ? A ASP 133 ? A ASP 133 ? 1_555 78.2  ? 
55 OD2 ? A ASP 129 ? A ASP 129 ? 1_555 CA ? F CA . ? A CA 504 ? 1_555 O   ? A GLN 135 ? A GLN 135 ? 1_555 86.6  ? 
56 OD1 ? A ASP 131 ? A ASP 131 ? 1_555 CA ? F CA . ? A CA 504 ? 1_555 O   ? A GLN 135 ? A GLN 135 ? 1_555 149.2 ? 
57 OD2 ? A ASP 133 ? A ASP 133 ? 1_555 CA ? F CA . ? A CA 504 ? 1_555 O   ? A GLN 135 ? A GLN 135 ? 1_555 73.9  ? 
58 OD2 ? A ASP 129 ? A ASP 129 ? 1_555 CA ? F CA . ? A CA 504 ? 1_555 OE1 ? A GLU 140 ? A GLU 140 ? 1_555 116.8 ? 
59 OD1 ? A ASP 131 ? A ASP 131 ? 1_555 CA ? F CA . ? A CA 504 ? 1_555 OE1 ? A GLU 140 ? A GLU 140 ? 1_555 128.3 ? 
60 OD2 ? A ASP 133 ? A ASP 133 ? 1_555 CA ? F CA . ? A CA 504 ? 1_555 OE1 ? A GLU 140 ? A GLU 140 ? 1_555 145.0 ? 
61 O   ? A GLN 135 ? A GLN 135 ? 1_555 CA ? F CA . ? A CA 504 ? 1_555 OE1 ? A GLU 140 ? A GLU 140 ? 1_555 82.5  ? 
62 OD2 ? A ASP 129 ? A ASP 129 ? 1_555 CA ? F CA . ? A CA 504 ? 1_555 OE2 ? A GLU 140 ? A GLU 140 ? 1_555 84.3  ? 
63 OD1 ? A ASP 131 ? A ASP 131 ? 1_555 CA ? F CA . ? A CA 504 ? 1_555 OE2 ? A GLU 140 ? A GLU 140 ? 1_555 83.1  ? 
64 OD2 ? A ASP 133 ? A ASP 133 ? 1_555 CA ? F CA . ? A CA 504 ? 1_555 OE2 ? A GLU 140 ? A GLU 140 ? 1_555 160.8 ? 
65 O   ? A GLN 135 ? A GLN 135 ? 1_555 CA ? F CA . ? A CA 504 ? 1_555 OE2 ? A GLU 140 ? A GLU 140 ? 1_555 122.8 ? 
66 OE1 ? A GLU 140 ? A GLU 140 ? 1_555 CA ? F CA . ? A CA 504 ? 1_555 OE2 ? A GLU 140 ? A GLU 140 ? 1_555 53.2  ? 
67 OD2 ? A ASP 129 ? A ASP 129 ? 1_555 CA ? F CA . ? A CA 504 ? 1_555 O   ? G HOH .   ? A HOH 520 ? 1_555 170.4 ? 
68 OD1 ? A ASP 131 ? A ASP 131 ? 1_555 CA ? F CA . ? A CA 504 ? 1_555 O   ? G HOH .   ? A HOH 520 ? 1_555 91.3  ? 
69 OD2 ? A ASP 133 ? A ASP 133 ? 1_555 CA ? F CA . ? A CA 504 ? 1_555 O   ? G HOH .   ? A HOH 520 ? 1_555 92.1  ? 
70 O   ? A GLN 135 ? A GLN 135 ? 1_555 CA ? F CA . ? A CA 504 ? 1_555 O   ? G HOH .   ? A HOH 520 ? 1_555 102.6 ? 
71 OE1 ? A GLU 140 ? A GLU 140 ? 1_555 CA ? F CA . ? A CA 504 ? 1_555 O   ? G HOH .   ? A HOH 520 ? 1_555 67.9  ? 
72 OE2 ? A GLU 140 ? A GLU 140 ? 1_555 CA ? F CA . ? A CA 504 ? 1_555 O   ? G HOH .   ? A HOH 520 ? 1_555 92.9  ? 
# 
loop_
_struct_mon_prot_cis.pdbx_id 
_struct_mon_prot_cis.label_comp_id 
_struct_mon_prot_cis.label_seq_id 
_struct_mon_prot_cis.label_asym_id 
_struct_mon_prot_cis.label_alt_id 
_struct_mon_prot_cis.pdbx_PDB_ins_code 
_struct_mon_prot_cis.auth_comp_id 
_struct_mon_prot_cis.auth_seq_id 
_struct_mon_prot_cis.auth_asym_id 
_struct_mon_prot_cis.pdbx_label_comp_id_2 
_struct_mon_prot_cis.pdbx_label_seq_id_2 
_struct_mon_prot_cis.pdbx_label_asym_id_2 
_struct_mon_prot_cis.pdbx_PDB_ins_code_2 
_struct_mon_prot_cis.pdbx_auth_comp_id_2 
_struct_mon_prot_cis.pdbx_auth_seq_id_2 
_struct_mon_prot_cis.pdbx_auth_asym_id_2 
_struct_mon_prot_cis.pdbx_PDB_model_num 
_struct_mon_prot_cis.pdbx_omega_angle 
1 MET 76  A . ? MET 76  A LYS 77  A ? LYS 77  A 1 -20.63 
2 LEU 116 A . ? LEU 116 A THR 117 A ? THR 117 A 1 -4.37  
# 
loop_
_struct_site.id 
_struct_site.pdbx_evidence_code 
_struct_site.pdbx_auth_asym_id 
_struct_site.pdbx_auth_comp_id 
_struct_site.pdbx_auth_seq_id 
_struct_site.pdbx_auth_ins_code 
_struct_site.pdbx_num_residues 
_struct_site.details 
AC1 Software A CA 501 ? 5 'BINDING SITE FOR RESIDUE CA A 501' 
AC2 Software A CA 502 ? 5 'BINDING SITE FOR RESIDUE CA A 502' 
AC3 Software A CA 503 ? 6 'BINDING SITE FOR RESIDUE CA A 503' 
AC4 Software A CA 504 ? 6 'BINDING SITE FOR RESIDUE CA A 504' 
# 
loop_
_struct_site_gen.id 
_struct_site_gen.site_id 
_struct_site_gen.pdbx_num_res 
_struct_site_gen.label_comp_id 
_struct_site_gen.label_asym_id 
_struct_site_gen.label_seq_id 
_struct_site_gen.pdbx_auth_ins_code 
_struct_site_gen.auth_comp_id 
_struct_site_gen.auth_asym_id 
_struct_site_gen.auth_seq_id 
_struct_site_gen.label_atom_id 
_struct_site_gen.label_alt_id 
_struct_site_gen.symmetry 
_struct_site_gen.details 
1  AC1 5 ASP A 20  ? ASP A 20  . ? 1_555 ? 
2  AC1 5 ASP A 22  ? ASP A 22  . ? 1_555 ? 
3  AC1 5 ASP A 24  ? ASP A 24  . ? 1_555 ? 
4  AC1 5 THR A 26  ? THR A 26  . ? 1_555 ? 
5  AC1 5 GLU A 31  ? GLU A 31  . ? 1_555 ? 
6  AC2 5 ASP A 56  ? ASP A 56  . ? 1_555 ? 
7  AC2 5 ASP A 58  ? ASP A 58  . ? 1_555 ? 
8  AC2 5 ASN A 60  ? ASN A 60  . ? 1_555 ? 
9  AC2 5 THR A 62  ? THR A 62  . ? 1_555 ? 
10 AC2 5 GLU A 67  ? GLU A 67  . ? 1_555 ? 
11 AC3 6 ASP A 93  ? ASP A 93  . ? 1_555 ? 
12 AC3 6 ASP A 95  ? ASP A 95  . ? 1_555 ? 
13 AC3 6 ASN A 97  ? ASN A 97  . ? 1_555 ? 
14 AC3 6 TYR A 99  ? TYR A 99  . ? 1_555 ? 
15 AC3 6 GLU A 104 ? GLU A 104 . ? 1_555 ? 
16 AC3 6 HOH G .   ? HOH A 535 . ? 1_555 ? 
17 AC4 6 ASP A 129 ? ASP A 129 . ? 1_555 ? 
18 AC4 6 ASP A 131 ? ASP A 131 . ? 1_555 ? 
19 AC4 6 ASP A 133 ? ASP A 133 . ? 1_555 ? 
20 AC4 6 GLN A 135 ? GLN A 135 . ? 1_555 ? 
21 AC4 6 GLU A 140 ? GLU A 140 . ? 1_555 ? 
22 AC4 6 HOH G .   ? HOH A 520 . ? 1_555 ? 
# 
loop_
_pdbx_validate_rmsd_bond.id 
_pdbx_validate_rmsd_bond.PDB_model_num 
_pdbx_validate_rmsd_bond.auth_atom_id_1 
_pdbx_validate_rmsd_bond.auth_asym_id_1 
_pdbx_validate_rmsd_bond.auth_comp_id_1 
_pdbx_validate_rmsd_bond.auth_seq_id_1 
_pdbx_validate_rmsd_bond.PDB_ins_code_1 
_pdbx_validate_rmsd_bond.label_alt_id_1 
_pdbx_validate_rmsd_bond.auth_atom_id_2 
_pdbx_validate_rmsd_bond.auth_asym_id_2 
_pdbx_validate_rmsd_bond.auth_comp_id_2 
_pdbx_validate_rmsd_bond.auth_seq_id_2 
_pdbx_validate_rmsd_bond.PDB_ins_code_2 
_pdbx_validate_rmsd_bond.label_alt_id_2 
_pdbx_validate_rmsd_bond.bond_value 
_pdbx_validate_rmsd_bond.bond_target_value 
_pdbx_validate_rmsd_bond.bond_deviation 
_pdbx_validate_rmsd_bond.bond_standard_deviation 
_pdbx_validate_rmsd_bond.linker_flag 
1 1 CD A GLU 6 ? ? OE1 A GLU 6 ? ? 1.442 1.252 0.190 0.011 N 
2 1 CD A GLU 6 ? ? OE2 A GLU 6 ? ? 1.429 1.252 0.177 0.011 N 
# 
_pdbx_validate_rmsd_angle.id                         1 
_pdbx_validate_rmsd_angle.PDB_model_num              1 
_pdbx_validate_rmsd_angle.auth_atom_id_1             OE1 
_pdbx_validate_rmsd_angle.auth_asym_id_1             A 
_pdbx_validate_rmsd_angle.auth_comp_id_1             GLU 
_pdbx_validate_rmsd_angle.auth_seq_id_1              6 
_pdbx_validate_rmsd_angle.PDB_ins_code_1             ? 
_pdbx_validate_rmsd_angle.label_alt_id_1             ? 
_pdbx_validate_rmsd_angle.auth_atom_id_2             CD 
_pdbx_validate_rmsd_angle.auth_asym_id_2             A 
_pdbx_validate_rmsd_angle.auth_comp_id_2             GLU 
_pdbx_validate_rmsd_angle.auth_seq_id_2              6 
_pdbx_validate_rmsd_angle.PDB_ins_code_2             ? 
_pdbx_validate_rmsd_angle.label_alt_id_2             ? 
_pdbx_validate_rmsd_angle.auth_atom_id_3             OE2 
_pdbx_validate_rmsd_angle.auth_asym_id_3             A 
_pdbx_validate_rmsd_angle.auth_comp_id_3             GLU 
_pdbx_validate_rmsd_angle.auth_seq_id_3              6 
_pdbx_validate_rmsd_angle.PDB_ins_code_3             ? 
_pdbx_validate_rmsd_angle.label_alt_id_3             ? 
_pdbx_validate_rmsd_angle.angle_value                131.43 
_pdbx_validate_rmsd_angle.angle_target_value         123.30 
_pdbx_validate_rmsd_angle.angle_deviation            8.13 
_pdbx_validate_rmsd_angle.angle_standard_deviation   1.20 
_pdbx_validate_rmsd_angle.linker_flag                N 
# 
loop_
_pdbx_validate_torsion.id 
_pdbx_validate_torsion.PDB_model_num 
_pdbx_validate_torsion.auth_comp_id 
_pdbx_validate_torsion.auth_asym_id 
_pdbx_validate_torsion.auth_seq_id 
_pdbx_validate_torsion.PDB_ins_code 
_pdbx_validate_torsion.label_alt_id 
_pdbx_validate_torsion.phi 
_pdbx_validate_torsion.psi 
1 1 LEU A 116  ? ? -171.78 149.23 
2 1 HIS B 1816 ? ? 58.65   14.54  
# 
_pdbx_struct_special_symmetry.id              1 
_pdbx_struct_special_symmetry.PDB_model_num   1 
_pdbx_struct_special_symmetry.auth_asym_id    A 
_pdbx_struct_special_symmetry.auth_comp_id    HOH 
_pdbx_struct_special_symmetry.auth_seq_id     512 
_pdbx_struct_special_symmetry.PDB_ins_code    ? 
_pdbx_struct_special_symmetry.label_asym_id   G 
_pdbx_struct_special_symmetry.label_comp_id   HOH 
_pdbx_struct_special_symmetry.label_seq_id    . 
# 
loop_
_pdbx_refine_tls.pdbx_refine_id 
_pdbx_refine_tls.id 
_pdbx_refine_tls.details 
_pdbx_refine_tls.method 
_pdbx_refine_tls.origin_x 
_pdbx_refine_tls.origin_y 
_pdbx_refine_tls.origin_z 
_pdbx_refine_tls.T[1][1] 
_pdbx_refine_tls.T[2][2] 
_pdbx_refine_tls.T[3][3] 
_pdbx_refine_tls.T[1][2] 
_pdbx_refine_tls.T[1][3] 
_pdbx_refine_tls.T[2][3] 
_pdbx_refine_tls.L[1][1] 
_pdbx_refine_tls.L[2][2] 
_pdbx_refine_tls.L[3][3] 
_pdbx_refine_tls.L[1][2] 
_pdbx_refine_tls.L[1][3] 
_pdbx_refine_tls.L[2][3] 
_pdbx_refine_tls.S[1][1] 
_pdbx_refine_tls.S[2][2] 
_pdbx_refine_tls.S[3][3] 
_pdbx_refine_tls.S[1][2] 
_pdbx_refine_tls.S[1][3] 
_pdbx_refine_tls.S[2][3] 
_pdbx_refine_tls.S[2][1] 
_pdbx_refine_tls.S[3][1] 
_pdbx_refine_tls.S[3][2] 
'X-RAY DIFFRACTION' 1 ? refined -3.6696 -9.7061 2.4163  -0.2546 0.0919  -0.0095 -0.2758 -0.2233 0.3499 0.7030 4.3587 3.5494 1.2812 -0.3285 0.5822  0.1908 -0.6565 0.4658 0.0510  -0.0280 -0.5705 0.7106  -0.2515 0.8020  
'X-RAY DIFFRACTION' 2 ? refined 2.5929  12.1962 -2.4647 -0.3597 -0.0977 -0.1087 -0.0339 0.0323  0.1149 2.7423 6.3641 3.2695 1.6373 1.1190  -0.6297 0.1604 -0.2394 0.0791 -0.0039 -0.0781 0.1616  -0.0010 0.2947  -0.1531 
# 
loop_
_pdbx_refine_tls_group.pdbx_refine_id 
_pdbx_refine_tls_group.id 
_pdbx_refine_tls_group.refine_tls_id 
_pdbx_refine_tls_group.beg_auth_asym_id 
_pdbx_refine_tls_group.beg_auth_seq_id 
_pdbx_refine_tls_group.end_auth_asym_id 
_pdbx_refine_tls_group.end_auth_seq_id 
_pdbx_refine_tls_group.selection_details 
_pdbx_refine_tls_group.beg_label_asym_id 
_pdbx_refine_tls_group.beg_label_seq_id 
_pdbx_refine_tls_group.end_label_asym_id 
_pdbx_refine_tls_group.end_label_seq_id 
_pdbx_refine_tls_group.selection 
'X-RAY DIFFRACTION' 1 1 A 5  A 77  ? . . . . ? 
'X-RAY DIFFRACTION' 2 2 A 79 A 147 ? . . . . ? 
# 
_pdbx_phasing_MR.entry_id                     3DVK 
_pdbx_phasing_MR.method_rotation              ? 
_pdbx_phasing_MR.method_translation           ? 
_pdbx_phasing_MR.model_details                'Phaser MODE: MR_AUTO' 
_pdbx_phasing_MR.R_factor                     55.000 
_pdbx_phasing_MR.R_rigid_body                 ? 
_pdbx_phasing_MR.correlation_coeff_Fo_to_Fc   ? 
_pdbx_phasing_MR.correlation_coeff_Io_to_Ic   ? 
_pdbx_phasing_MR.d_res_high_rotation          2.500 
_pdbx_phasing_MR.d_res_low_rotation           19.600 
_pdbx_phasing_MR.d_res_high_translation       2.500 
_pdbx_phasing_MR.d_res_low_translation        19.600 
_pdbx_phasing_MR.packing                      ? 
_pdbx_phasing_MR.reflns_percent_rotation      ? 
_pdbx_phasing_MR.reflns_percent_translation   ? 
_pdbx_phasing_MR.sigma_F_rotation             ? 
_pdbx_phasing_MR.sigma_F_translation          ? 
_pdbx_phasing_MR.sigma_I_rotation             ? 
_pdbx_phasing_MR.sigma_I_translation          ? 
# 
_phasing.method   MR 
# 
loop_
_pdbx_unobs_or_zero_occ_residues.id 
_pdbx_unobs_or_zero_occ_residues.PDB_model_num 
_pdbx_unobs_or_zero_occ_residues.polymer_flag 
_pdbx_unobs_or_zero_occ_residues.occupancy_flag 
_pdbx_unobs_or_zero_occ_residues.auth_asym_id 
_pdbx_unobs_or_zero_occ_residues.auth_comp_id 
_pdbx_unobs_or_zero_occ_residues.auth_seq_id 
_pdbx_unobs_or_zero_occ_residues.PDB_ins_code 
_pdbx_unobs_or_zero_occ_residues.label_asym_id 
_pdbx_unobs_or_zero_occ_residues.label_comp_id 
_pdbx_unobs_or_zero_occ_residues.label_seq_id 
1 1 Y 1 A ALA 1   ? A ALA 1   
2 1 Y 1 A ASP 2   ? A ASP 2   
3 1 Y 1 A GLN 3   ? A GLN 3   
4 1 Y 1 A ASP 78  ? A ASP 78  
5 1 Y 1 A LYS 148 ? A LYS 148 
# 
loop_
_chem_comp_atom.comp_id 
_chem_comp_atom.atom_id 
_chem_comp_atom.type_symbol 
_chem_comp_atom.pdbx_aromatic_flag 
_chem_comp_atom.pdbx_stereo_config 
_chem_comp_atom.pdbx_ordinal 
ALA N    N  N N 1   
ALA CA   C  N S 2   
ALA C    C  N N 3   
ALA O    O  N N 4   
ALA CB   C  N N 5   
ALA OXT  O  N N 6   
ALA H    H  N N 7   
ALA H2   H  N N 8   
ALA HA   H  N N 9   
ALA HB1  H  N N 10  
ALA HB2  H  N N 11  
ALA HB3  H  N N 12  
ALA HXT  H  N N 13  
ARG N    N  N N 14  
ARG CA   C  N S 15  
ARG C    C  N N 16  
ARG O    O  N N 17  
ARG CB   C  N N 18  
ARG CG   C  N N 19  
ARG CD   C  N N 20  
ARG NE   N  N N 21  
ARG CZ   C  N N 22  
ARG NH1  N  N N 23  
ARG NH2  N  N N 24  
ARG OXT  O  N N 25  
ARG H    H  N N 26  
ARG H2   H  N N 27  
ARG HA   H  N N 28  
ARG HB2  H  N N 29  
ARG HB3  H  N N 30  
ARG HG2  H  N N 31  
ARG HG3  H  N N 32  
ARG HD2  H  N N 33  
ARG HD3  H  N N 34  
ARG HE   H  N N 35  
ARG HH11 H  N N 36  
ARG HH12 H  N N 37  
ARG HH21 H  N N 38  
ARG HH22 H  N N 39  
ARG HXT  H  N N 40  
ASN N    N  N N 41  
ASN CA   C  N S 42  
ASN C    C  N N 43  
ASN O    O  N N 44  
ASN CB   C  N N 45  
ASN CG   C  N N 46  
ASN OD1  O  N N 47  
ASN ND2  N  N N 48  
ASN OXT  O  N N 49  
ASN H    H  N N 50  
ASN H2   H  N N 51  
ASN HA   H  N N 52  
ASN HB2  H  N N 53  
ASN HB3  H  N N 54  
ASN HD21 H  N N 55  
ASN HD22 H  N N 56  
ASN HXT  H  N N 57  
ASP N    N  N N 58  
ASP CA   C  N S 59  
ASP C    C  N N 60  
ASP O    O  N N 61  
ASP CB   C  N N 62  
ASP CG   C  N N 63  
ASP OD1  O  N N 64  
ASP OD2  O  N N 65  
ASP OXT  O  N N 66  
ASP H    H  N N 67  
ASP H2   H  N N 68  
ASP HA   H  N N 69  
ASP HB2  H  N N 70  
ASP HB3  H  N N 71  
ASP HD2  H  N N 72  
ASP HXT  H  N N 73  
CA  CA   CA N N 74  
GLN N    N  N N 75  
GLN CA   C  N S 76  
GLN C    C  N N 77  
GLN O    O  N N 78  
GLN CB   C  N N 79  
GLN CG   C  N N 80  
GLN CD   C  N N 81  
GLN OE1  O  N N 82  
GLN NE2  N  N N 83  
GLN OXT  O  N N 84  
GLN H    H  N N 85  
GLN H2   H  N N 86  
GLN HA   H  N N 87  
GLN HB2  H  N N 88  
GLN HB3  H  N N 89  
GLN HG2  H  N N 90  
GLN HG3  H  N N 91  
GLN HE21 H  N N 92  
GLN HE22 H  N N 93  
GLN HXT  H  N N 94  
GLU N    N  N N 95  
GLU CA   C  N S 96  
GLU C    C  N N 97  
GLU O    O  N N 98  
GLU CB   C  N N 99  
GLU CG   C  N N 100 
GLU CD   C  N N 101 
GLU OE1  O  N N 102 
GLU OE2  O  N N 103 
GLU OXT  O  N N 104 
GLU H    H  N N 105 
GLU H2   H  N N 106 
GLU HA   H  N N 107 
GLU HB2  H  N N 108 
GLU HB3  H  N N 109 
GLU HG2  H  N N 110 
GLU HG3  H  N N 111 
GLU HE2  H  N N 112 
GLU HXT  H  N N 113 
GLY N    N  N N 114 
GLY CA   C  N N 115 
GLY C    C  N N 116 
GLY O    O  N N 117 
GLY OXT  O  N N 118 
GLY H    H  N N 119 
GLY H2   H  N N 120 
GLY HA2  H  N N 121 
GLY HA3  H  N N 122 
GLY HXT  H  N N 123 
HIS N    N  N N 124 
HIS CA   C  N S 125 
HIS C    C  N N 126 
HIS O    O  N N 127 
HIS CB   C  N N 128 
HIS CG   C  Y N 129 
HIS ND1  N  Y N 130 
HIS CD2  C  Y N 131 
HIS CE1  C  Y N 132 
HIS NE2  N  Y N 133 
HIS OXT  O  N N 134 
HIS H    H  N N 135 
HIS H2   H  N N 136 
HIS HA   H  N N 137 
HIS HB2  H  N N 138 
HIS HB3  H  N N 139 
HIS HD1  H  N N 140 
HIS HD2  H  N N 141 
HIS HE1  H  N N 142 
HIS HE2  H  N N 143 
HIS HXT  H  N N 144 
HOH O    O  N N 145 
HOH H1   H  N N 146 
HOH H2   H  N N 147 
ILE N    N  N N 148 
ILE CA   C  N S 149 
ILE C    C  N N 150 
ILE O    O  N N 151 
ILE CB   C  N S 152 
ILE CG1  C  N N 153 
ILE CG2  C  N N 154 
ILE CD1  C  N N 155 
ILE OXT  O  N N 156 
ILE H    H  N N 157 
ILE H2   H  N N 158 
ILE HA   H  N N 159 
ILE HB   H  N N 160 
ILE HG12 H  N N 161 
ILE HG13 H  N N 162 
ILE HG21 H  N N 163 
ILE HG22 H  N N 164 
ILE HG23 H  N N 165 
ILE HD11 H  N N 166 
ILE HD12 H  N N 167 
ILE HD13 H  N N 168 
ILE HXT  H  N N 169 
LEU N    N  N N 170 
LEU CA   C  N S 171 
LEU C    C  N N 172 
LEU O    O  N N 173 
LEU CB   C  N N 174 
LEU CG   C  N N 175 
LEU CD1  C  N N 176 
LEU CD2  C  N N 177 
LEU OXT  O  N N 178 
LEU H    H  N N 179 
LEU H2   H  N N 180 
LEU HA   H  N N 181 
LEU HB2  H  N N 182 
LEU HB3  H  N N 183 
LEU HG   H  N N 184 
LEU HD11 H  N N 185 
LEU HD12 H  N N 186 
LEU HD13 H  N N 187 
LEU HD21 H  N N 188 
LEU HD22 H  N N 189 
LEU HD23 H  N N 190 
LEU HXT  H  N N 191 
LYS N    N  N N 192 
LYS CA   C  N S 193 
LYS C    C  N N 194 
LYS O    O  N N 195 
LYS CB   C  N N 196 
LYS CG   C  N N 197 
LYS CD   C  N N 198 
LYS CE   C  N N 199 
LYS NZ   N  N N 200 
LYS OXT  O  N N 201 
LYS H    H  N N 202 
LYS H2   H  N N 203 
LYS HA   H  N N 204 
LYS HB2  H  N N 205 
LYS HB3  H  N N 206 
LYS HG2  H  N N 207 
LYS HG3  H  N N 208 
LYS HD2  H  N N 209 
LYS HD3  H  N N 210 
LYS HE2  H  N N 211 
LYS HE3  H  N N 212 
LYS HZ1  H  N N 213 
LYS HZ2  H  N N 214 
LYS HZ3  H  N N 215 
LYS HXT  H  N N 216 
MET N    N  N N 217 
MET CA   C  N S 218 
MET C    C  N N 219 
MET O    O  N N 220 
MET CB   C  N N 221 
MET CG   C  N N 222 
MET SD   S  N N 223 
MET CE   C  N N 224 
MET OXT  O  N N 225 
MET H    H  N N 226 
MET H2   H  N N 227 
MET HA   H  N N 228 
MET HB2  H  N N 229 
MET HB3  H  N N 230 
MET HG2  H  N N 231 
MET HG3  H  N N 232 
MET HE1  H  N N 233 
MET HE2  H  N N 234 
MET HE3  H  N N 235 
MET HXT  H  N N 236 
PHE N    N  N N 237 
PHE CA   C  N S 238 
PHE C    C  N N 239 
PHE O    O  N N 240 
PHE CB   C  N N 241 
PHE CG   C  Y N 242 
PHE CD1  C  Y N 243 
PHE CD2  C  Y N 244 
PHE CE1  C  Y N 245 
PHE CE2  C  Y N 246 
PHE CZ   C  Y N 247 
PHE OXT  O  N N 248 
PHE H    H  N N 249 
PHE H2   H  N N 250 
PHE HA   H  N N 251 
PHE HB2  H  N N 252 
PHE HB3  H  N N 253 
PHE HD1  H  N N 254 
PHE HD2  H  N N 255 
PHE HE1  H  N N 256 
PHE HE2  H  N N 257 
PHE HZ   H  N N 258 
PHE HXT  H  N N 259 
PRO N    N  N N 260 
PRO CA   C  N S 261 
PRO C    C  N N 262 
PRO O    O  N N 263 
PRO CB   C  N N 264 
PRO CG   C  N N 265 
PRO CD   C  N N 266 
PRO OXT  O  N N 267 
PRO H    H  N N 268 
PRO HA   H  N N 269 
PRO HB2  H  N N 270 
PRO HB3  H  N N 271 
PRO HG2  H  N N 272 
PRO HG3  H  N N 273 
PRO HD2  H  N N 274 
PRO HD3  H  N N 275 
PRO HXT  H  N N 276 
SER N    N  N N 277 
SER CA   C  N S 278 
SER C    C  N N 279 
SER O    O  N N 280 
SER CB   C  N N 281 
SER OG   O  N N 282 
SER OXT  O  N N 283 
SER H    H  N N 284 
SER H2   H  N N 285 
SER HA   H  N N 286 
SER HB2  H  N N 287 
SER HB3  H  N N 288 
SER HG   H  N N 289 
SER HXT  H  N N 290 
THR N    N  N N 291 
THR CA   C  N S 292 
THR C    C  N N 293 
THR O    O  N N 294 
THR CB   C  N R 295 
THR OG1  O  N N 296 
THR CG2  C  N N 297 
THR OXT  O  N N 298 
THR H    H  N N 299 
THR H2   H  N N 300 
THR HA   H  N N 301 
THR HB   H  N N 302 
THR HG1  H  N N 303 
THR HG21 H  N N 304 
THR HG22 H  N N 305 
THR HG23 H  N N 306 
THR HXT  H  N N 307 
TYR N    N  N N 308 
TYR CA   C  N S 309 
TYR C    C  N N 310 
TYR O    O  N N 311 
TYR CB   C  N N 312 
TYR CG   C  Y N 313 
TYR CD1  C  Y N 314 
TYR CD2  C  Y N 315 
TYR CE1  C  Y N 316 
TYR CE2  C  Y N 317 
TYR CZ   C  Y N 318 
TYR OH   O  N N 319 
TYR OXT  O  N N 320 
TYR H    H  N N 321 
TYR H2   H  N N 322 
TYR HA   H  N N 323 
TYR HB2  H  N N 324 
TYR HB3  H  N N 325 
TYR HD1  H  N N 326 
TYR HD2  H  N N 327 
TYR HE1  H  N N 328 
TYR HE2  H  N N 329 
TYR HH   H  N N 330 
TYR HXT  H  N N 331 
VAL N    N  N N 332 
VAL CA   C  N S 333 
VAL C    C  N N 334 
VAL O    O  N N 335 
VAL CB   C  N N 336 
VAL CG1  C  N N 337 
VAL CG2  C  N N 338 
VAL OXT  O  N N 339 
VAL H    H  N N 340 
VAL H2   H  N N 341 
VAL HA   H  N N 342 
VAL HB   H  N N 343 
VAL HG11 H  N N 344 
VAL HG12 H  N N 345 
VAL HG13 H  N N 346 
VAL HG21 H  N N 347 
VAL HG22 H  N N 348 
VAL HG23 H  N N 349 
VAL HXT  H  N N 350 
# 
loop_
_chem_comp_bond.comp_id 
_chem_comp_bond.atom_id_1 
_chem_comp_bond.atom_id_2 
_chem_comp_bond.value_order 
_chem_comp_bond.pdbx_aromatic_flag 
_chem_comp_bond.pdbx_stereo_config 
_chem_comp_bond.pdbx_ordinal 
ALA N   CA   sing N N 1   
ALA N   H    sing N N 2   
ALA N   H2   sing N N 3   
ALA CA  C    sing N N 4   
ALA CA  CB   sing N N 5   
ALA CA  HA   sing N N 6   
ALA C   O    doub N N 7   
ALA C   OXT  sing N N 8   
ALA CB  HB1  sing N N 9   
ALA CB  HB2  sing N N 10  
ALA CB  HB3  sing N N 11  
ALA OXT HXT  sing N N 12  
ARG N   CA   sing N N 13  
ARG N   H    sing N N 14  
ARG N   H2   sing N N 15  
ARG CA  C    sing N N 16  
ARG CA  CB   sing N N 17  
ARG CA  HA   sing N N 18  
ARG C   O    doub N N 19  
ARG C   OXT  sing N N 20  
ARG CB  CG   sing N N 21  
ARG CB  HB2  sing N N 22  
ARG CB  HB3  sing N N 23  
ARG CG  CD   sing N N 24  
ARG CG  HG2  sing N N 25  
ARG CG  HG3  sing N N 26  
ARG CD  NE   sing N N 27  
ARG CD  HD2  sing N N 28  
ARG CD  HD3  sing N N 29  
ARG NE  CZ   sing N N 30  
ARG NE  HE   sing N N 31  
ARG CZ  NH1  sing N N 32  
ARG CZ  NH2  doub N N 33  
ARG NH1 HH11 sing N N 34  
ARG NH1 HH12 sing N N 35  
ARG NH2 HH21 sing N N 36  
ARG NH2 HH22 sing N N 37  
ARG OXT HXT  sing N N 38  
ASN N   CA   sing N N 39  
ASN N   H    sing N N 40  
ASN N   H2   sing N N 41  
ASN CA  C    sing N N 42  
ASN CA  CB   sing N N 43  
ASN CA  HA   sing N N 44  
ASN C   O    doub N N 45  
ASN C   OXT  sing N N 46  
ASN CB  CG   sing N N 47  
ASN CB  HB2  sing N N 48  
ASN CB  HB3  sing N N 49  
ASN CG  OD1  doub N N 50  
ASN CG  ND2  sing N N 51  
ASN ND2 HD21 sing N N 52  
ASN ND2 HD22 sing N N 53  
ASN OXT HXT  sing N N 54  
ASP N   CA   sing N N 55  
ASP N   H    sing N N 56  
ASP N   H2   sing N N 57  
ASP CA  C    sing N N 58  
ASP CA  CB   sing N N 59  
ASP CA  HA   sing N N 60  
ASP C   O    doub N N 61  
ASP C   OXT  sing N N 62  
ASP CB  CG   sing N N 63  
ASP CB  HB2  sing N N 64  
ASP CB  HB3  sing N N 65  
ASP CG  OD1  doub N N 66  
ASP CG  OD2  sing N N 67  
ASP OD2 HD2  sing N N 68  
ASP OXT HXT  sing N N 69  
GLN N   CA   sing N N 70  
GLN N   H    sing N N 71  
GLN N   H2   sing N N 72  
GLN CA  C    sing N N 73  
GLN CA  CB   sing N N 74  
GLN CA  HA   sing N N 75  
GLN C   O    doub N N 76  
GLN C   OXT  sing N N 77  
GLN CB  CG   sing N N 78  
GLN CB  HB2  sing N N 79  
GLN CB  HB3  sing N N 80  
GLN CG  CD   sing N N 81  
GLN CG  HG2  sing N N 82  
GLN CG  HG3  sing N N 83  
GLN CD  OE1  doub N N 84  
GLN CD  NE2  sing N N 85  
GLN NE2 HE21 sing N N 86  
GLN NE2 HE22 sing N N 87  
GLN OXT HXT  sing N N 88  
GLU N   CA   sing N N 89  
GLU N   H    sing N N 90  
GLU N   H2   sing N N 91  
GLU CA  C    sing N N 92  
GLU CA  CB   sing N N 93  
GLU CA  HA   sing N N 94  
GLU C   O    doub N N 95  
GLU C   OXT  sing N N 96  
GLU CB  CG   sing N N 97  
GLU CB  HB2  sing N N 98  
GLU CB  HB3  sing N N 99  
GLU CG  CD   sing N N 100 
GLU CG  HG2  sing N N 101 
GLU CG  HG3  sing N N 102 
GLU CD  OE1  doub N N 103 
GLU CD  OE2  sing N N 104 
GLU OE2 HE2  sing N N 105 
GLU OXT HXT  sing N N 106 
GLY N   CA   sing N N 107 
GLY N   H    sing N N 108 
GLY N   H2   sing N N 109 
GLY CA  C    sing N N 110 
GLY CA  HA2  sing N N 111 
GLY CA  HA3  sing N N 112 
GLY C   O    doub N N 113 
GLY C   OXT  sing N N 114 
GLY OXT HXT  sing N N 115 
HIS N   CA   sing N N 116 
HIS N   H    sing N N 117 
HIS N   H2   sing N N 118 
HIS CA  C    sing N N 119 
HIS CA  CB   sing N N 120 
HIS CA  HA   sing N N 121 
HIS C   O    doub N N 122 
HIS C   OXT  sing N N 123 
HIS CB  CG   sing N N 124 
HIS CB  HB2  sing N N 125 
HIS CB  HB3  sing N N 126 
HIS CG  ND1  sing Y N 127 
HIS CG  CD2  doub Y N 128 
HIS ND1 CE1  doub Y N 129 
HIS ND1 HD1  sing N N 130 
HIS CD2 NE2  sing Y N 131 
HIS CD2 HD2  sing N N 132 
HIS CE1 NE2  sing Y N 133 
HIS CE1 HE1  sing N N 134 
HIS NE2 HE2  sing N N 135 
HIS OXT HXT  sing N N 136 
HOH O   H1   sing N N 137 
HOH O   H2   sing N N 138 
ILE N   CA   sing N N 139 
ILE N   H    sing N N 140 
ILE N   H2   sing N N 141 
ILE CA  C    sing N N 142 
ILE CA  CB   sing N N 143 
ILE CA  HA   sing N N 144 
ILE C   O    doub N N 145 
ILE C   OXT  sing N N 146 
ILE CB  CG1  sing N N 147 
ILE CB  CG2  sing N N 148 
ILE CB  HB   sing N N 149 
ILE CG1 CD1  sing N N 150 
ILE CG1 HG12 sing N N 151 
ILE CG1 HG13 sing N N 152 
ILE CG2 HG21 sing N N 153 
ILE CG2 HG22 sing N N 154 
ILE CG2 HG23 sing N N 155 
ILE CD1 HD11 sing N N 156 
ILE CD1 HD12 sing N N 157 
ILE CD1 HD13 sing N N 158 
ILE OXT HXT  sing N N 159 
LEU N   CA   sing N N 160 
LEU N   H    sing N N 161 
LEU N   H2   sing N N 162 
LEU CA  C    sing N N 163 
LEU CA  CB   sing N N 164 
LEU CA  HA   sing N N 165 
LEU C   O    doub N N 166 
LEU C   OXT  sing N N 167 
LEU CB  CG   sing N N 168 
LEU CB  HB2  sing N N 169 
LEU CB  HB3  sing N N 170 
LEU CG  CD1  sing N N 171 
LEU CG  CD2  sing N N 172 
LEU CG  HG   sing N N 173 
LEU CD1 HD11 sing N N 174 
LEU CD1 HD12 sing N N 175 
LEU CD1 HD13 sing N N 176 
LEU CD2 HD21 sing N N 177 
LEU CD2 HD22 sing N N 178 
LEU CD2 HD23 sing N N 179 
LEU OXT HXT  sing N N 180 
LYS N   CA   sing N N 181 
LYS N   H    sing N N 182 
LYS N   H2   sing N N 183 
LYS CA  C    sing N N 184 
LYS CA  CB   sing N N 185 
LYS CA  HA   sing N N 186 
LYS C   O    doub N N 187 
LYS C   OXT  sing N N 188 
LYS CB  CG   sing N N 189 
LYS CB  HB2  sing N N 190 
LYS CB  HB3  sing N N 191 
LYS CG  CD   sing N N 192 
LYS CG  HG2  sing N N 193 
LYS CG  HG3  sing N N 194 
LYS CD  CE   sing N N 195 
LYS CD  HD2  sing N N 196 
LYS CD  HD3  sing N N 197 
LYS CE  NZ   sing N N 198 
LYS CE  HE2  sing N N 199 
LYS CE  HE3  sing N N 200 
LYS NZ  HZ1  sing N N 201 
LYS NZ  HZ2  sing N N 202 
LYS NZ  HZ3  sing N N 203 
LYS OXT HXT  sing N N 204 
MET N   CA   sing N N 205 
MET N   H    sing N N 206 
MET N   H2   sing N N 207 
MET CA  C    sing N N 208 
MET CA  CB   sing N N 209 
MET CA  HA   sing N N 210 
MET C   O    doub N N 211 
MET C   OXT  sing N N 212 
MET CB  CG   sing N N 213 
MET CB  HB2  sing N N 214 
MET CB  HB3  sing N N 215 
MET CG  SD   sing N N 216 
MET CG  HG2  sing N N 217 
MET CG  HG3  sing N N 218 
MET SD  CE   sing N N 219 
MET CE  HE1  sing N N 220 
MET CE  HE2  sing N N 221 
MET CE  HE3  sing N N 222 
MET OXT HXT  sing N N 223 
PHE N   CA   sing N N 224 
PHE N   H    sing N N 225 
PHE N   H2   sing N N 226 
PHE CA  C    sing N N 227 
PHE CA  CB   sing N N 228 
PHE CA  HA   sing N N 229 
PHE C   O    doub N N 230 
PHE C   OXT  sing N N 231 
PHE CB  CG   sing N N 232 
PHE CB  HB2  sing N N 233 
PHE CB  HB3  sing N N 234 
PHE CG  CD1  doub Y N 235 
PHE CG  CD2  sing Y N 236 
PHE CD1 CE1  sing Y N 237 
PHE CD1 HD1  sing N N 238 
PHE CD2 CE2  doub Y N 239 
PHE CD2 HD2  sing N N 240 
PHE CE1 CZ   doub Y N 241 
PHE CE1 HE1  sing N N 242 
PHE CE2 CZ   sing Y N 243 
PHE CE2 HE2  sing N N 244 
PHE CZ  HZ   sing N N 245 
PHE OXT HXT  sing N N 246 
PRO N   CA   sing N N 247 
PRO N   CD   sing N N 248 
PRO N   H    sing N N 249 
PRO CA  C    sing N N 250 
PRO CA  CB   sing N N 251 
PRO CA  HA   sing N N 252 
PRO C   O    doub N N 253 
PRO C   OXT  sing N N 254 
PRO CB  CG   sing N N 255 
PRO CB  HB2  sing N N 256 
PRO CB  HB3  sing N N 257 
PRO CG  CD   sing N N 258 
PRO CG  HG2  sing N N 259 
PRO CG  HG3  sing N N 260 
PRO CD  HD2  sing N N 261 
PRO CD  HD3  sing N N 262 
PRO OXT HXT  sing N N 263 
SER N   CA   sing N N 264 
SER N   H    sing N N 265 
SER N   H2   sing N N 266 
SER CA  C    sing N N 267 
SER CA  CB   sing N N 268 
SER CA  HA   sing N N 269 
SER C   O    doub N N 270 
SER C   OXT  sing N N 271 
SER CB  OG   sing N N 272 
SER CB  HB2  sing N N 273 
SER CB  HB3  sing N N 274 
SER OG  HG   sing N N 275 
SER OXT HXT  sing N N 276 
THR N   CA   sing N N 277 
THR N   H    sing N N 278 
THR N   H2   sing N N 279 
THR CA  C    sing N N 280 
THR CA  CB   sing N N 281 
THR CA  HA   sing N N 282 
THR C   O    doub N N 283 
THR C   OXT  sing N N 284 
THR CB  OG1  sing N N 285 
THR CB  CG2  sing N N 286 
THR CB  HB   sing N N 287 
THR OG1 HG1  sing N N 288 
THR CG2 HG21 sing N N 289 
THR CG2 HG22 sing N N 290 
THR CG2 HG23 sing N N 291 
THR OXT HXT  sing N N 292 
TYR N   CA   sing N N 293 
TYR N   H    sing N N 294 
TYR N   H2   sing N N 295 
TYR CA  C    sing N N 296 
TYR CA  CB   sing N N 297 
TYR CA  HA   sing N N 298 
TYR C   O    doub N N 299 
TYR C   OXT  sing N N 300 
TYR CB  CG   sing N N 301 
TYR CB  HB2  sing N N 302 
TYR CB  HB3  sing N N 303 
TYR CG  CD1  doub Y N 304 
TYR CG  CD2  sing Y N 305 
TYR CD1 CE1  sing Y N 306 
TYR CD1 HD1  sing N N 307 
TYR CD2 CE2  doub Y N 308 
TYR CD2 HD2  sing N N 309 
TYR CE1 CZ   doub Y N 310 
TYR CE1 HE1  sing N N 311 
TYR CE2 CZ   sing Y N 312 
TYR CE2 HE2  sing N N 313 
TYR CZ  OH   sing N N 314 
TYR OH  HH   sing N N 315 
TYR OXT HXT  sing N N 316 
VAL N   CA   sing N N 317 
VAL N   H    sing N N 318 
VAL N   H2   sing N N 319 
VAL CA  C    sing N N 320 
VAL CA  CB   sing N N 321 
VAL CA  HA   sing N N 322 
VAL C   O    doub N N 323 
VAL C   OXT  sing N N 324 
VAL CB  CG1  sing N N 325 
VAL CB  CG2  sing N N 326 
VAL CB  HB   sing N N 327 
VAL CG1 HG11 sing N N 328 
VAL CG1 HG12 sing N N 329 
VAL CG1 HG13 sing N N 330 
VAL CG2 HG21 sing N N 331 
VAL CG2 HG22 sing N N 332 
VAL CG2 HG23 sing N N 333 
VAL OXT HXT  sing N N 334 
# 
_atom_sites.entry_id                    3DVK 
_atom_sites.fract_transf_matrix[1][1]   0.02154956 
_atom_sites.fract_transf_matrix[1][2]   0.01417722 
_atom_sites.fract_transf_matrix[1][3]   0.00390032 
_atom_sites.fract_transf_matrix[2][1]   -0.00193817 
_atom_sites.fract_transf_matrix[2][2]   0.02470776 
_atom_sites.fract_transf_matrix[2][3]   0.00814578 
_atom_sites.fract_transf_matrix[3][1]   0.00009597 
_atom_sites.fract_transf_matrix[3][2]   -0.00091921 
_atom_sites.fract_transf_matrix[3][3]   0.00281097 
_atom_sites.fract_transf_vector[1]      -0.106433 
_atom_sites.fract_transf_vector[2]      0.451107 
_atom_sites.fract_transf_vector[3]      0.035562 
# 
loop_
_atom_type.symbol 
C  
CA 
N  
O  
S  
# 
loop_
_atom_site.group_PDB 
_atom_site.id 
_atom_site.type_symbol 
_atom_site.label_atom_id 
_atom_site.label_alt_id 
_atom_site.label_comp_id 
_atom_site.label_asym_id 
_atom_site.label_entity_id 
_atom_site.label_seq_id 
_atom_site.pdbx_PDB_ins_code 
_atom_site.Cartn_x 
_atom_site.Cartn_y 
_atom_site.Cartn_z 
_atom_site.occupancy 
_atom_site.B_iso_or_equiv 
_atom_site.pdbx_formal_charge 
_atom_site.auth_seq_id 
_atom_site.auth_comp_id 
_atom_site.auth_asym_id 
_atom_site.auth_atom_id 
_atom_site.pdbx_PDB_model_num 
ATOM   1    N  N   . LEU A 1 4   ? 4.531   0.270   20.192  1.00 85.62  ? 4    LEU A N   1 
ATOM   2    C  CA  . LEU A 1 4   ? 3.477   0.383   19.135  1.00 84.97  ? 4    LEU A CA  1 
ATOM   3    C  C   . LEU A 1 4   ? 2.477   1.448   19.503  1.00 86.34  ? 4    LEU A C   1 
ATOM   4    O  O   . LEU A 1 4   ? 1.916   1.430   20.595  1.00 83.69  ? 4    LEU A O   1 
ATOM   5    C  CB  . LEU A 1 4   ? 2.745   -0.937  18.967  1.00 85.98  ? 4    LEU A CB  1 
ATOM   6    N  N   . THR A 1 5   ? 2.290   2.387   18.581  1.00 91.63  ? 5    THR A N   1 
ATOM   7    C  CA  . THR A 1 5   ? 1.333   3.465   18.746  1.00 95.44  ? 5    THR A CA  1 
ATOM   8    C  C   . THR A 1 5   ? -0.074  2.997   18.393  1.00 96.45  ? 5    THR A C   1 
ATOM   9    O  O   . THR A 1 5   ? -0.274  2.029   17.624  1.00 93.63  ? 5    THR A O   1 
ATOM   10   C  CB  . THR A 1 5   ? 1.721   4.686   17.855  1.00 92.97  ? 5    THR A CB  1 
ATOM   11   N  N   . GLU A 1 6   ? -1.065  3.689   18.960  1.00 97.32  ? 6    GLU A N   1 
ATOM   12   C  CA  . GLU A 1 6   ? -2.454  3.636   18.437  1.00 97.44  ? 6    GLU A CA  1 
ATOM   13   C  C   . GLU A 1 6   ? -2.517  4.131   16.982  1.00 97.00  ? 6    GLU A C   1 
ATOM   14   O  O   . GLU A 1 6   ? -3.405  3.762   16.219  1.00 97.59  ? 6    GLU A O   1 
ATOM   15   C  CB  . GLU A 1 6   ? -3.392  4.492   19.307  1.00 97.79  ? 6    GLU A CB  1 
ATOM   16   C  CG  . GLU A 1 6   ? -3.749  3.845   20.718  1.00 98.50  ? 6    GLU A CG  1 
ATOM   17   C  CD  . GLU A 1 6   ? -5.023  4.474   21.337  1.00 99.18  ? 6    GLU A CD  1 
ATOM   18   O  OE1 . GLU A 1 6   ? -4.901  5.851   21.749  1.00 101.49 ? 6    GLU A OE1 1 
ATOM   19   O  OE2 . GLU A 1 6   ? -6.166  3.628   21.194  1.00 98.97  ? 6    GLU A OE2 1 
ATOM   20   N  N   . GLU A 1 7   ? -1.563  4.972   16.597  1.00 97.27  ? 7    GLU A N   1 
ATOM   21   C  CA  . GLU A 1 7   ? -1.455  5.487   15.248  1.00 95.25  ? 7    GLU A CA  1 
ATOM   22   C  C   . GLU A 1 7   ? -1.144  4.360   14.257  1.00 95.53  ? 7    GLU A C   1 
ATOM   23   O  O   . GLU A 1 7   ? -1.767  4.274   13.194  1.00 93.14  ? 7    GLU A O   1 
ATOM   24   C  CB  . GLU A 1 7   ? -0.371  6.568   15.193  1.00 96.56  ? 7    GLU A CB  1 
ATOM   25   N  N   . GLN A 1 8   ? -0.192  3.496   14.624  1.00 92.02  ? 8    GLN A N   1 
ATOM   26   C  CA  . GLN A 1 8   ? 0.195   2.386   13.760  1.00 89.38  ? 8    GLN A CA  1 
ATOM   27   C  C   . GLN A 1 8   ? -0.939  1.411   13.647  1.00 86.59  ? 8    GLN A C   1 
ATOM   28   O  O   . GLN A 1 8   ? -1.242  0.960   12.543  1.00 88.94  ? 8    GLN A O   1 
ATOM   29   C  CB  . GLN A 1 8   ? 1.415   1.656   14.287  1.00 89.55  ? 8    GLN A CB  1 
ATOM   30   C  CG  . GLN A 1 8   ? 2.681   2.461   14.233  1.00 93.92  ? 8    GLN A CG  1 
ATOM   31   C  CD  . GLN A 1 8   ? 3.755   1.914   15.161  1.00 95.70  ? 8    GLN A CD  1 
ATOM   32   O  OE1 . GLN A 1 8   ? 3.692   2.066   16.391  1.00 94.98  ? 8    GLN A OE1 1 
ATOM   33   N  NE2 . GLN A 1 8   ? 4.764   1.287   14.569  1.00 98.48  ? 8    GLN A NE2 1 
ATOM   34   N  N   . ILE A 1 9   ? -1.600  1.137   14.778  1.00 81.90  ? 9    ILE A N   1 
ATOM   35   C  CA  . ILE A 1 9   ? -2.696  0.193   14.790  1.00 77.34  ? 9    ILE A CA  1 
ATOM   36   C  C   . ILE A 1 9   ? -3.673  0.649   13.727  1.00 73.44  ? 9    ILE A C   1 
ATOM   37   O  O   . ILE A 1 9   ? -4.121  -0.142  12.904  1.00 75.61  ? 9    ILE A O   1 
ATOM   38   C  CB  . ILE A 1 9   ? -3.497  0.112   16.136  1.00 77.32  ? 9    ILE A CB  1 
ATOM   39   C  CG1 . ILE A 1 9   ? -2.624  -0.028  17.396  1.00 80.31  ? 9    ILE A CG1 1 
ATOM   40   C  CG2 . ILE A 1 9   ? -4.568  -0.988  16.006  1.00 75.58  ? 9    ILE A CG2 1 
ATOM   41   C  CD1 . ILE A 1 9   ? -1.621  -1.184  17.387  1.00 81.61  ? 9    ILE A CD1 1 
ATOM   42   N  N   . ALA A 1 10  ? -3.992  1.937   13.794  1.00 72.70  ? 10   ALA A N   1 
ATOM   43   C  CA  . ALA A 1 10  ? -4.783  2.672   12.807  1.00 73.32  ? 10   ALA A CA  1 
ATOM   44   C  C   . ALA A 1 10  ? -4.358  2.297   11.400  1.00 74.64  ? 10   ALA A C   1 
ATOM   45   O  O   . ALA A 1 10  ? -5.181  1.856   10.582  1.00 76.51  ? 10   ALA A O   1 
ATOM   46   C  CB  . ALA A 1 10  ? -4.558  4.172   13.014  1.00 71.72  ? 10   ALA A CB  1 
ATOM   47   N  N   . GLU A 1 11  ? -3.067  2.450   11.130  1.00 74.09  ? 11   GLU A N   1 
ATOM   48   C  CA  . GLU A 1 11  ? -2.550  2.171   9.809   1.00 77.64  ? 11   GLU A CA  1 
ATOM   49   C  C   . GLU A 1 11  ? -2.621  0.698   9.403   1.00 80.02  ? 11   GLU A C   1 
ATOM   50   O  O   . GLU A 1 11  ? -2.898  0.368   8.238   1.00 80.79  ? 11   GLU A O   1 
ATOM   51   C  CB  . GLU A 1 11  ? -1.170  2.772   9.649   1.00 77.87  ? 11   GLU A CB  1 
ATOM   52   C  CG  . GLU A 1 11  ? -1.274  4.276   9.453   1.00 78.76  ? 11   GLU A CG  1 
ATOM   53   C  CD  . GLU A 1 11  ? 0.055   4.928   9.162   1.00 81.49  ? 11   GLU A CD  1 
ATOM   54   O  OE1 . GLU A 1 11  ? 1.056   4.522   9.796   1.00 79.65  ? 11   GLU A OE1 1 
ATOM   55   O  OE2 . GLU A 1 11  ? 0.090   5.850   8.310   1.00 79.02  ? 11   GLU A OE2 1 
ATOM   56   N  N   . PHE A 1 12  ? -2.421  -0.188  10.368  1.00 79.23  ? 12   PHE A N   1 
ATOM   57   C  CA  . PHE A 1 12  ? -2.563  -1.600  10.112  1.00 78.09  ? 12   PHE A CA  1 
ATOM   58   C  C   . PHE A 1 12  ? -3.997  -1.943  9.732   1.00 75.06  ? 12   PHE A C   1 
ATOM   59   O  O   . PHE A 1 12  ? -4.213  -2.791  8.864   1.00 72.43  ? 12   PHE A O   1 
ATOM   60   C  CB  . PHE A 1 12  ? -2.112  -2.438  11.318  1.00 81.11  ? 12   PHE A CB  1 
ATOM   61   C  CG  . PHE A 1 12  ? -0.638  -2.328  11.635  1.00 84.47  ? 12   PHE A CG  1 
ATOM   62   C  CD1 . PHE A 1 12  ? -0.204  -2.332  12.961  1.00 86.03  ? 12   PHE A CD1 1 
ATOM   63   C  CD2 . PHE A 1 12  ? 0.312   -2.234  10.621  1.00 85.32  ? 12   PHE A CD2 1 
ATOM   64   C  CE1 . PHE A 1 12  ? 1.155   -2.240  13.272  1.00 87.42  ? 12   PHE A CE1 1 
ATOM   65   C  CE2 . PHE A 1 12  ? 1.671   -2.134  10.920  1.00 85.84  ? 12   PHE A CE2 1 
ATOM   66   C  CZ  . PHE A 1 12  ? 2.094   -2.139  12.245  1.00 86.60  ? 12   PHE A CZ  1 
ATOM   67   N  N   . LYS A 1 13  ? -4.972  -1.293  10.371  1.00 74.25  ? 13   LYS A N   1 
ATOM   68   C  CA  . LYS A 1 13  ? -6.384  -1.561  10.065  1.00 75.73  ? 13   LYS A CA  1 
ATOM   69   C  C   . LYS A 1 13  ? -6.737  -1.118  8.645   1.00 76.79  ? 13   LYS A C   1 
ATOM   70   O  O   . LYS A 1 13  ? -7.360  -1.883  7.916   1.00 78.37  ? 13   LYS A O   1 
ATOM   71   C  CB  . LYS A 1 13  ? -7.329  -0.918  11.085  1.00 75.09  ? 13   LYS A CB  1 
ATOM   72   C  CG  . LYS A 1 13  ? -7.162  -1.418  12.498  1.00 76.67  ? 13   LYS A CG  1 
ATOM   73   C  CD  . LYS A 1 13  ? -8.304  -0.914  13.373  1.00 76.91  ? 13   LYS A CD  1 
ATOM   74   N  N   . GLU A 1 14  ? -6.349  0.111   8.267   1.00 75.03  ? 14   GLU A N   1 
ATOM   75   C  CA  . GLU A 1 14  ? -6.537  0.605   6.897   1.00 74.64  ? 14   GLU A CA  1 
ATOM   76   C  C   . GLU A 1 14  ? -5.945  -0.399  5.931   1.00 74.39  ? 14   GLU A C   1 
ATOM   77   O  O   . GLU A 1 14  ? -6.606  -0.832  4.975   1.00 73.79  ? 14   GLU A O   1 
ATOM   78   C  CB  . GLU A 1 14  ? -5.820  1.947   6.639   1.00 72.48  ? 14   GLU A CB  1 
ATOM   79   C  CG  . GLU A 1 14  ? -6.081  3.064   7.617   1.00 76.44  ? 14   GLU A CG  1 
ATOM   80   C  CD  . GLU A 1 14  ? -4.973  4.151   7.609   1.00 78.55  ? 14   GLU A CD  1 
ATOM   81   O  OE1 . GLU A 1 14  ? -3.883  3.962   7.011   1.00 77.89  ? 14   GLU A OE1 1 
ATOM   82   O  OE2 . GLU A 1 14  ? -5.192  5.209   8.231   1.00 80.32  ? 14   GLU A OE2 1 
ATOM   83   N  N   . ALA A 1 15  ? -4.672  -0.739  6.160   1.00 71.29  ? 15   ALA A N   1 
ATOM   84   C  CA  . ALA A 1 15  ? -3.958  -1.619  5.254   1.00 70.39  ? 15   ALA A CA  1 
ATOM   85   C  C   . ALA A 1 15  ? -4.688  -2.968  5.042   1.00 72.24  ? 15   ALA A C   1 
ATOM   86   O  O   . ALA A 1 15  ? -4.819  -3.429  3.903   1.00 74.54  ? 15   ALA A O   1 
ATOM   87   C  CB  . ALA A 1 15  ? -2.540  -1.812  5.717   1.00 67.38  ? 15   ALA A CB  1 
ATOM   88   N  N   . PHE A 1 16  ? -5.173  -3.587  6.121   1.00 70.05  ? 16   PHE A N   1 
ATOM   89   C  CA  . PHE A 1 16  ? -5.962  -4.832  6.029   1.00 72.71  ? 16   PHE A CA  1 
ATOM   90   C  C   . PHE A 1 16  ? -7.256  -4.612  5.238   1.00 72.88  ? 16   PHE A C   1 
ATOM   91   O  O   . PHE A 1 16  ? -7.674  -5.461  4.445   1.00 69.89  ? 16   PHE A O   1 
ATOM   92   C  CB  . PHE A 1 16  ? -6.301  -5.370  7.442   1.00 70.49  ? 16   PHE A CB  1 
ATOM   93   C  CG  . PHE A 1 16  ? -6.790  -6.819  7.467   1.00 71.98  ? 16   PHE A CG  1 
ATOM   94   C  CD1 . PHE A 1 16  ? -5.892  -7.860  7.353   1.00 69.73  ? 16   PHE A CD1 1 
ATOM   95   C  CD2 . PHE A 1 16  ? -8.145  -7.132  7.641   1.00 69.84  ? 16   PHE A CD2 1 
ATOM   96   C  CE1 . PHE A 1 16  ? -6.322  -9.185  7.374   1.00 73.59  ? 16   PHE A CE1 1 
ATOM   97   C  CE2 . PHE A 1 16  ? -8.586  -8.461  7.682   1.00 70.97  ? 16   PHE A CE2 1 
ATOM   98   C  CZ  . PHE A 1 16  ? -7.685  -9.494  7.548   1.00 70.99  ? 16   PHE A CZ  1 
ATOM   99   N  N   . SER A 1 17  ? -7.897  -3.470  5.475   1.00 74.02  ? 17   SER A N   1 
ATOM   100  C  CA  . SER A 1 17  ? -9.197  -3.211  4.890   1.00 76.32  ? 17   SER A CA  1 
ATOM   101  C  C   . SER A 1 17  ? -9.114  -2.901  3.382   1.00 75.23  ? 17   SER A C   1 
ATOM   102  O  O   . SER A 1 17  ? -10.136 -2.866  2.690   1.00 78.05  ? 17   SER A O   1 
ATOM   103  C  CB  . SER A 1 17  ? -9.932  -2.124  5.688   1.00 77.75  ? 17   SER A CB  1 
ATOM   104  O  OG  . SER A 1 17  ? -9.472  -0.821  5.382   1.00 79.57  ? 17   SER A OG  1 
ATOM   105  N  N   . LEU A 1 18  ? -7.899  -2.695  2.873   1.00 72.92  ? 18   LEU A N   1 
ATOM   106  C  CA  . LEU A 1 18  ? -7.702  -2.616  1.434   1.00 70.86  ? 18   LEU A CA  1 
ATOM   107  C  C   . LEU A 1 18  ? -7.993  -3.974  0.796   1.00 71.67  ? 18   LEU A C   1 
ATOM   108  O  O   . LEU A 1 18  ? -8.605  -4.060  -0.268  1.00 73.11  ? 18   LEU A O   1 
ATOM   109  C  CB  . LEU A 1 18  ? -6.284  -2.175  1.068   1.00 66.68  ? 18   LEU A CB  1 
ATOM   110  C  CG  . LEU A 1 18  ? -5.959  -2.290  -0.444  1.00 65.06  ? 18   LEU A CG  1 
ATOM   111  C  CD1 . LEU A 1 18  ? -6.676  -1.229  -1.296  1.00 61.15  ? 18   LEU A CD1 1 
ATOM   112  C  CD2 . LEU A 1 18  ? -4.432  -2.285  -0.701  1.00 66.86  ? 18   LEU A CD2 1 
ATOM   113  N  N   . PHE A 1 19  ? -7.561  -5.044  1.459   1.00 73.55  ? 19   PHE A N   1 
ATOM   114  C  CA  . PHE A 1 19  ? -7.821  -6.393  0.961   1.00 75.95  ? 19   PHE A CA  1 
ATOM   115  C  C   . PHE A 1 19  ? -9.142  -6.958  1.433   1.00 73.40  ? 19   PHE A C   1 
ATOM   116  O  O   . PHE A 1 19  ? -9.869  -7.507  0.627   1.00 77.37  ? 19   PHE A O   1 
ATOM   117  C  CB  . PHE A 1 19  ? -6.650  -7.341  1.278   1.00 76.37  ? 19   PHE A CB  1 
ATOM   118  C  CG  . PHE A 1 19  ? -5.373  -6.929  0.618   1.00 77.03  ? 19   PHE A CG  1 
ATOM   119  C  CD1 . PHE A 1 19  ? -5.162  -7.189  -0.740  1.00 79.94  ? 19   PHE A CD1 1 
ATOM   120  C  CD2 . PHE A 1 19  ? -4.416  -6.211  1.321   1.00 78.72  ? 19   PHE A CD2 1 
ATOM   121  C  CE1 . PHE A 1 19  ? -4.014  -6.782  -1.384  1.00 79.17  ? 19   PHE A CE1 1 
ATOM   122  C  CE2 . PHE A 1 19  ? -3.231  -5.790  0.681   1.00 78.89  ? 19   PHE A CE2 1 
ATOM   123  C  CZ  . PHE A 1 19  ? -3.047  -6.069  -0.685  1.00 80.03  ? 19   PHE A CZ  1 
ATOM   124  N  N   . ASP A 1 20  ? -9.461  -6.807  2.720   1.00 74.72  ? 20   ASP A N   1 
ATOM   125  C  CA  . ASP A 1 20  ? -10.654 -7.437  3.313   1.00 76.22  ? 20   ASP A CA  1 
ATOM   126  C  C   . ASP A 1 20  ? -11.934 -6.697  2.921   1.00 79.32  ? 20   ASP A C   1 
ATOM   127  O  O   . ASP A 1 20  ? -12.553 -6.045  3.762   1.00 77.65  ? 20   ASP A O   1 
ATOM   128  C  CB  . ASP A 1 20  ? -10.536 -7.489  4.840   1.00 76.46  ? 20   ASP A CB  1 
ATOM   129  C  CG  . ASP A 1 20  ? -11.612 -8.354  5.488   1.00 78.65  ? 20   ASP A CG  1 
ATOM   130  O  OD1 . ASP A 1 20  ? -12.350 -9.050  4.750   1.00 75.88  ? 20   ASP A OD1 1 
ATOM   131  O  OD2 . ASP A 1 20  ? -11.714 -8.350  6.736   1.00 78.29  ? 20   ASP A OD2 1 
ATOM   132  N  N   . LYS A 1 21  ? -12.338 -6.828  1.653   1.00 76.82  ? 21   LYS A N   1 
ATOM   133  C  CA  . LYS A 1 21  ? -13.387 -5.973  1.087   1.00 80.68  ? 21   LYS A CA  1 
ATOM   134  C  C   . LYS A 1 21  ? -14.783 -6.200  1.679   1.00 80.59  ? 21   LYS A C   1 
ATOM   135  O  O   . LYS A 1 21  ? -15.605 -5.279  1.724   1.00 81.79  ? 21   LYS A O   1 
ATOM   136  C  CB  . LYS A 1 21  ? -13.449 -6.128  -0.449  1.00 82.21  ? 21   LYS A CB  1 
ATOM   137  C  CG  . LYS A 1 21  ? -12.154 -5.770  -1.216  1.00 83.14  ? 21   LYS A CG  1 
ATOM   138  C  CD  . LYS A 1 21  ? -12.079 -4.284  -1.579  1.00 81.37  ? 21   LYS A CD  1 
ATOM   139  C  CE  . LYS A 1 21  ? -10.886 -4.000  -2.484  1.00 81.16  ? 21   LYS A CE  1 
ATOM   140  N  NZ  . LYS A 1 21  ? -10.277 -2.672  -2.138  1.00 79.93  ? 21   LYS A NZ  1 
ATOM   141  N  N   . ASP A 1 22  ? -15.076 -7.432  2.075   1.00 78.50  ? 22   ASP A N   1 
ATOM   142  C  CA  . ASP A 1 22  ? -16.348 -7.735  2.739   1.00 77.68  ? 22   ASP A CA  1 
ATOM   143  C  C   . ASP A 1 22  ? -16.230 -7.541  4.266   1.00 79.71  ? 22   ASP A C   1 
ATOM   144  O  O   . ASP A 1 22  ? -17.238 -7.509  4.980   1.00 83.80  ? 22   ASP A O   1 
ATOM   145  C  CB  . ASP A 1 22  ? -16.832 -9.168  2.389   1.00 74.34  ? 22   ASP A CB  1 
ATOM   146  C  CG  . ASP A 1 22  ? -15.834 -10.241 2.806   1.00 71.81  ? 22   ASP A CG  1 
ATOM   147  O  OD1 . ASP A 1 22  ? -14.842 -9.896  3.484   1.00 70.97  ? 22   ASP A OD1 1 
ATOM   148  O  OD2 . ASP A 1 22  ? -16.018 -11.418 2.458   1.00 67.68  ? 22   ASP A OD2 1 
ATOM   149  N  N   . GLY A 1 23  ? -15.002 -7.418  4.763   1.00 77.72  ? 23   GLY A N   1 
ATOM   150  C  CA  . GLY A 1 23  ? -14.759 -7.244  6.190   1.00 76.44  ? 23   GLY A CA  1 
ATOM   151  C  C   . GLY A 1 23  ? -15.169 -8.424  7.056   1.00 77.52  ? 23   GLY A C   1 
ATOM   152  O  O   . GLY A 1 23  ? -15.554 -8.259  8.212   1.00 77.50  ? 23   GLY A O   1 
ATOM   153  N  N   . ASP A 1 24  ? -15.098 -9.630  6.511   1.00 77.98  ? 24   ASP A N   1 
ATOM   154  C  CA  . ASP A 1 24  ? -15.371 -10.810 7.338   1.00 77.25  ? 24   ASP A CA  1 
ATOM   155  C  C   . ASP A 1 24  ? -14.204 -11.054 8.280   1.00 77.60  ? 24   ASP A C   1 
ATOM   156  O  O   . ASP A 1 24  ? -14.315 -11.793 9.255   1.00 81.91  ? 24   ASP A O   1 
ATOM   157  C  CB  . ASP A 1 24  ? -15.709 -12.057 6.495   1.00 74.82  ? 24   ASP A CB  1 
ATOM   158  C  CG  . ASP A 1 24  ? -14.509 -12.620 5.765   1.00 75.58  ? 24   ASP A CG  1 
ATOM   159  O  OD1 . ASP A 1 24  ? -14.596 -13.767 5.294   1.00 74.95  ? 24   ASP A OD1 1 
ATOM   160  O  OD2 . ASP A 1 24  ? -13.476 -11.915 5.656   1.00 76.01  ? 24   ASP A OD2 1 
ATOM   161  N  N   . GLY A 1 25  ? -13.062 -10.463 7.958   1.00 78.51  ? 25   GLY A N   1 
ATOM   162  C  CA  . GLY A 1 25  ? -11.898 -10.555 8.833   1.00 77.88  ? 25   GLY A CA  1 
ATOM   163  C  C   . GLY A 1 25  ? -10.815 -11.454 8.271   1.00 76.98  ? 25   GLY A C   1 
ATOM   164  O  O   . GLY A 1 25  ? -9.784  -11.692 8.923   1.00 74.34  ? 25   GLY A O   1 
ATOM   165  N  N   . THR A 1 26  ? -11.034 -11.958 7.057   1.00 72.92  ? 26   THR A N   1 
ATOM   166  C  CA  . THR A 1 26  ? -10.008 -12.767 6.399   1.00 73.62  ? 26   THR A CA  1 
ATOM   167  C  C   . THR A 1 26  ? -9.812  -12.295 4.955   1.00 71.05  ? 26   THR A C   1 
ATOM   168  O  O   . THR A 1 26  ? -10.760 -11.824 4.326   1.00 67.20  ? 26   THR A O   1 
ATOM   169  C  CB  . THR A 1 26  ? -10.378 -14.280 6.387   1.00 75.19  ? 26   THR A CB  1 
ATOM   170  O  OG1 . THR A 1 26  ? -11.601 -14.464 5.662   1.00 79.85  ? 26   THR A OG1 1 
ATOM   171  C  CG2 . THR A 1 26  ? -10.549 -14.845 7.810   1.00 75.01  ? 26   THR A CG2 1 
ATOM   172  N  N   . ILE A 1 27  ? -8.606  -12.497 4.430   1.00 68.57  ? 27   ILE A N   1 
ATOM   173  C  CA  . ILE A 1 27  ? -8.299  -12.150 3.045   1.00 67.96  ? 27   ILE A CA  1 
ATOM   174  C  C   . ILE A 1 27  ? -8.277  -13.422 2.197   1.00 70.29  ? 27   ILE A C   1 
ATOM   175  O  O   . ILE A 1 27  ? -7.519  -14.351 2.477   1.00 67.97  ? 27   ILE A O   1 
ATOM   176  C  CB  . ILE A 1 27  ? -7.006  -11.357 2.930   1.00 66.46  ? 27   ILE A CB  1 
ATOM   177  C  CG1 . ILE A 1 27  ? -7.086  -10.102 3.821   1.00 65.48  ? 27   ILE A CG1 1 
ATOM   178  C  CG2 . ILE A 1 27  ? -6.732  -10.964 1.478   1.00 68.24  ? 27   ILE A CG2 1 
ATOM   179  C  CD1 . ILE A 1 27  ? -5.755  -9.433  4.056   1.00 62.39  ? 27   ILE A CD1 1 
ATOM   180  N  N   . THR A 1 28  ? -9.177  -13.481 1.209   1.00 66.66  ? 28   THR A N   1 
ATOM   181  C  CA  . THR A 1 28  ? -9.192  -14.593 0.291   1.00 67.01  ? 28   THR A CA  1 
ATOM   182  C  C   . THR A 1 28  ? -8.327  -14.307 -0.942  1.00 68.44  ? 28   THR A C   1 
ATOM   183  O  O   . THR A 1 28  ? -7.891  -13.165 -1.163  1.00 72.03  ? 28   THR A O   1 
ATOM   184  C  CB  . THR A 1 28  ? -10.625 -14.943 -0.142  1.00 68.16  ? 28   THR A CB  1 
ATOM   185  O  OG1 . THR A 1 28  ? -11.157 -13.848 -0.890  1.00 69.06  ? 28   THR A OG1 1 
ATOM   186  C  CG2 . THR A 1 28  ? -11.543 -15.268 1.089   1.00 60.22  ? 28   THR A CG2 1 
ATOM   187  N  N   . THR A 1 29  ? -8.062  -15.350 -1.727  1.00 67.83  ? 29   THR A N   1 
ATOM   188  C  CA  . THR A 1 29  ? -7.397  -15.221 -3.025  1.00 65.38  ? 29   THR A CA  1 
ATOM   189  C  C   . THR A 1 29  ? -8.150  -14.270 -3.953  1.00 68.31  ? 29   THR A C   1 
ATOM   190  O  O   . THR A 1 29  ? -7.517  -13.563 -4.756  1.00 64.60  ? 29   THR A O   1 
ATOM   191  C  CB  . THR A 1 29  ? -7.368  -16.571 -3.757  1.00 64.83  ? 29   THR A CB  1 
ATOM   192  O  OG1 . THR A 1 29  ? -8.689  -17.155 -3.729  1.00 66.62  ? 29   THR A OG1 1 
ATOM   193  C  CG2 . THR A 1 29  ? -6.339  -17.524 -3.116  1.00 61.17  ? 29   THR A CG2 1 
ATOM   194  N  N   . LYS A 1 30  ? -9.491  -14.298 -3.844  1.00 67.92  ? 30   LYS A N   1 
ATOM   195  C  CA  . LYS A 1 30  ? -10.383 -13.466 -4.667  1.00 70.83  ? 30   LYS A CA  1 
ATOM   196  C  C   . LYS A 1 30  ? -10.179 -11.997 -4.331  1.00 71.76  ? 30   LYS A C   1 
ATOM   197  O  O   . LYS A 1 30  ? -10.173 -11.142 -5.210  1.00 74.52  ? 30   LYS A O   1 
ATOM   198  C  CB  . LYS A 1 30  ? -11.865 -13.804 -4.443  1.00 65.62  ? 30   LYS A CB  1 
ATOM   199  C  CG  . LYS A 1 30  ? -12.272 -15.243 -4.756  1.00 65.31  ? 30   LYS A CG  1 
ATOM   200  C  CD  . LYS A 1 30  ? -13.765 -15.320 -4.991  1.00 67.70  ? 30   LYS A CD  1 
ATOM   201  C  CE  . LYS A 1 30  ? -14.446 -16.516 -4.311  1.00 68.49  ? 30   LYS A CE  1 
ATOM   202  N  NZ  . LYS A 1 30  ? -13.974 -17.855 -4.770  1.00 68.21  ? 30   LYS A NZ  1 
ATOM   203  N  N   . GLU A 1 31  ? -10.041 -11.702 -3.042  1.00 71.87  ? 31   GLU A N   1 
ATOM   204  C  CA  . GLU A 1 31  ? -9.842  -10.319 -2.586  1.00 71.30  ? 31   GLU A CA  1 
ATOM   205  C  C   . GLU A 1 31  ? -8.453  -9.809  -2.965  1.00 70.71  ? 31   GLU A C   1 
ATOM   206  O  O   . GLU A 1 31  ? -8.253  -8.671  -3.412  1.00 71.32  ? 31   GLU A O   1 
ATOM   207  C  CB  . GLU A 1 31  ? -10.084 -10.238 -1.084  1.00 69.15  ? 31   GLU A CB  1 
ATOM   208  C  CG  . GLU A 1 31  ? -11.559 -10.280 -0.759  1.00 67.68  ? 31   GLU A CG  1 
ATOM   209  C  CD  . GLU A 1 31  ? -11.824 -10.533 0.696   1.00 70.57  ? 31   GLU A CD  1 
ATOM   210  O  OE1 . GLU A 1 31  ? -11.060 -11.310 1.335   1.00 70.71  ? 31   GLU A OE1 1 
ATOM   211  O  OE2 . GLU A 1 31  ? -12.813 -9.960  1.202   1.00 71.60  ? 31   GLU A OE2 1 
ATOM   212  N  N   . LEU A 1 32  ? -7.496  -10.696 -2.816  1.00 71.71  ? 32   LEU A N   1 
ATOM   213  C  CA  . LEU A 1 32  ? -6.143  -10.445 -3.247  1.00 74.16  ? 32   LEU A CA  1 
ATOM   214  C  C   . LEU A 1 32  ? -6.108  -10.151 -4.750  1.00 73.32  ? 32   LEU A C   1 
ATOM   215  O  O   . LEU A 1 32  ? -5.520  -9.147  -5.217  1.00 68.83  ? 32   LEU A O   1 
ATOM   216  C  CB  . LEU A 1 32  ? -5.300  -11.675 -2.943  1.00 72.79  ? 32   LEU A CB  1 
ATOM   217  C  CG  . LEU A 1 32  ? -3.839  -11.384 -2.680  1.00 76.00  ? 32   LEU A CG  1 
ATOM   218  C  CD1 . LEU A 1 32  ? -3.657  -10.046 -1.941  1.00 77.19  ? 32   LEU A CD1 1 
ATOM   219  C  CD2 . LEU A 1 32  ? -3.281  -12.521 -1.873  1.00 73.23  ? 32   LEU A CD2 1 
ATOM   220  N  N   . GLY A 1 33  ? -6.745  -11.039 -5.502  1.00 68.48  ? 33   GLY A N   1 
ATOM   221  C  CA  . GLY A 1 33  ? -6.797  -10.894 -6.950  1.00 73.12  ? 33   GLY A CA  1 
ATOM   222  C  C   . GLY A 1 33  ? -7.453  -9.594  -7.351  1.00 71.67  ? 33   GLY A C   1 
ATOM   223  O  O   . GLY A 1 33  ? -7.009  -8.948  -8.274  1.00 71.39  ? 33   GLY A O   1 
ATOM   224  N  N   . THR A 1 34  ? -8.506  -9.219  -6.630  1.00 69.40  ? 34   THR A N   1 
ATOM   225  C  CA  . THR A 1 34  ? -9.198  -7.964  -6.875  1.00 72.84  ? 34   THR A CA  1 
ATOM   226  C  C   . THR A 1 34  ? -8.262  -6.759  -6.685  1.00 66.55  ? 34   THR A C   1 
ATOM   227  O  O   . THR A 1 34  ? -8.187  -5.878  -7.525  1.00 67.38  ? 34   THR A O   1 
ATOM   228  C  CB  . THR A 1 34  ? -10.425 -7.801  -5.921  1.00 72.04  ? 34   THR A CB  1 
ATOM   229  O  OG1 . THR A 1 34  ? -11.342 -8.874  -6.135  1.00 80.95  ? 34   THR A OG1 1 
ATOM   230  C  CG2 . THR A 1 34  ? -11.118 -6.547  -6.253  1.00 76.56  ? 34   THR A CG2 1 
ATOM   231  N  N   . VAL A 1 35  ? -7.573  -6.733  -5.559  1.00 67.10  ? 35   VAL A N   1 
ATOM   232  C  CA  . VAL A 1 35  ? -6.648  -5.645  -5.245  1.00 65.72  ? 35   VAL A CA  1 
ATOM   233  C  C   . VAL A 1 35  ? -5.567  -5.566  -6.299  1.00 65.71  ? 35   VAL A C   1 
ATOM   234  O  O   . VAL A 1 35  ? -5.259  -4.479  -6.787  1.00 67.94  ? 35   VAL A O   1 
ATOM   235  C  CB  . VAL A 1 35  ? -5.993  -5.836  -3.874  1.00 68.14  ? 35   VAL A CB  1 
ATOM   236  C  CG1 . VAL A 1 35  ? -4.902  -4.763  -3.621  1.00 66.71  ? 35   VAL A CG1 1 
ATOM   237  C  CG2 . VAL A 1 35  ? -7.065  -5.873  -2.760  1.00 67.59  ? 35   VAL A CG2 1 
ATOM   238  N  N   . MET A 1 36  ? -4.998  -6.712  -6.671  1.00 65.52  ? 36   MET A N   1 
ATOM   239  C  CA  . MET A 1 36  ? -3.964  -6.745  -7.717  1.00 66.11  ? 36   MET A CA  1 
ATOM   240  C  C   . MET A 1 36  ? -4.464  -6.159  -9.032  1.00 68.39  ? 36   MET A C   1 
ATOM   241  O  O   . MET A 1 36  ? -3.763  -5.384  -9.700  1.00 68.84  ? 36   MET A O   1 
ATOM   242  C  CB  . MET A 1 36  ? -3.445  -8.166  -7.995  1.00 65.79  ? 36   MET A CB  1 
ATOM   243  C  CG  . MET A 1 36  ? -2.776  -8.899  -6.842  1.00 67.87  ? 36   MET A CG  1 
ATOM   244  S  SD  . MET A 1 36  ? -1.379  -8.026  -6.113  1.00 74.64  ? 36   MET A SD  1 
ATOM   245  C  CE  . MET A 1 36  ? -0.270  -7.602  -7.488  1.00 67.46  ? 36   MET A CE  1 
ATOM   246  N  N   . ARG A 1 37  ? -5.660  -6.569  -9.429  1.00 66.50  ? 37   ARG A N   1 
ATOM   247  C  CA  . ARG A 1 37  ? -6.165  -6.120  -10.711 1.00 63.59  ? 37   ARG A CA  1 
ATOM   248  C  C   . ARG A 1 37  ? -6.322  -4.622  -10.729 1.00 60.83  ? 37   ARG A C   1 
ATOM   249  O  O   . ARG A 1 37  ? -6.053  -3.997  -11.743 1.00 63.17  ? 37   ARG A O   1 
ATOM   250  C  CB  . ARG A 1 37  ? -7.451  -6.844  -11.084 1.00 63.54  ? 37   ARG A CB  1 
ATOM   251  C  CG  . ARG A 1 37  ? -7.228  -8.291  -11.495 1.00 62.30  ? 37   ARG A CG  1 
ATOM   252  C  CD  . ARG A 1 37  ? -8.516  -8.941  -12.018 1.00 64.59  ? 37   ARG A CD  1 
ATOM   253  N  NE  . ARG A 1 37  ? -9.543  -9.178  -10.999 1.00 59.49  ? 37   ARG A NE  1 
ATOM   254  C  CZ  . ARG A 1 37  ? -9.607  -10.257 -10.205 1.00 63.61  ? 37   ARG A CZ  1 
ATOM   255  N  NH1 . ARG A 1 37  ? -8.688  -11.213 -10.255 1.00 61.62  ? 37   ARG A NH1 1 
ATOM   256  N  NH2 . ARG A 1 37  ? -10.599 -10.375 -9.335  1.00 61.47  ? 37   ARG A NH2 1 
ATOM   257  N  N   . SER A 1 38  ? -6.767  -4.045  -9.617  1.00 62.07  ? 38   SER A N   1 
ATOM   258  C  CA  . SER A 1 38  ? -6.899  -2.600  -9.514  1.00 64.50  ? 38   SER A CA  1 
ATOM   259  C  C   . SER A 1 38  ? -5.526  -1.904  -9.515  1.00 66.01  ? 38   SER A C   1 
ATOM   260  O  O   . SER A 1 38  ? -5.402  -0.745  -9.907  1.00 72.13  ? 38   SER A O   1 
ATOM   261  C  CB  . SER A 1 38  ? -7.665  -2.230  -8.262  1.00 65.89  ? 38   SER A CB  1 
ATOM   262  O  OG  . SER A 1 38  ? -6.894  -2.542  -7.099  1.00 73.62  ? 38   SER A OG  1 
ATOM   263  N  N   . LEU A 1 39  ? -4.484  -2.635  -9.148  1.00 65.55  ? 39   LEU A N   1 
ATOM   264  C  CA  . LEU A 1 39  ? -3.123  -2.119  -9.203  1.00 63.18  ? 39   LEU A CA  1 
ATOM   265  C  C   . LEU A 1 39  ? -2.448  -2.323  -10.560 1.00 65.08  ? 39   LEU A C   1 
ATOM   266  O  O   . LEU A 1 39  ? -1.322  -1.868  -10.787 1.00 68.29  ? 39   LEU A O   1 
ATOM   267  C  CB  . LEU A 1 39  ? -2.318  -2.716  -8.042  1.00 63.93  ? 39   LEU A CB  1 
ATOM   268  C  CG  . LEU A 1 39  ? -2.754  -2.226  -6.650  1.00 62.81  ? 39   LEU A CG  1 
ATOM   269  C  CD1 . LEU A 1 39  ? -1.970  -2.900  -5.540  1.00 66.43  ? 39   LEU A CD1 1 
ATOM   270  C  CD2 . LEU A 1 39  ? -2.532  -0.689  -6.522  1.00 66.67  ? 39   LEU A CD2 1 
ATOM   271  N  N   . GLY A 1 40  ? -3.139  -2.976  -11.489 1.00 65.82  ? 40   GLY A N   1 
ATOM   272  C  CA  . GLY A 1 40  ? -2.661  -3.021  -12.873 1.00 64.62  ? 40   GLY A CA  1 
ATOM   273  C  C   . GLY A 1 40  ? -2.000  -4.338  -13.212 1.00 68.08  ? 40   GLY A C   1 
ATOM   274  O  O   . GLY A 1 40  ? -1.456  -4.516  -14.309 1.00 66.09  ? 40   GLY A O   1 
ATOM   275  N  N   . GLN A 1 41  ? -2.070  -5.267  -12.261 1.00 68.61  ? 41   GLN A N   1 
ATOM   276  C  CA  . GLN A 1 41  ? -1.524  -6.614  -12.418 1.00 72.45  ? 41   GLN A CA  1 
ATOM   277  C  C   . GLN A 1 41  ? -2.626  -7.622  -12.733 1.00 72.86  ? 41   GLN A C   1 
ATOM   278  O  O   . GLN A 1 41  ? -3.779  -7.367  -12.440 1.00 72.36  ? 41   GLN A O   1 
ATOM   279  C  CB  . GLN A 1 41  ? -0.805  -7.016  -11.134 1.00 73.48  ? 41   GLN A CB  1 
ATOM   280  C  CG  . GLN A 1 41  ? 0.365   -6.132  -10.792 1.00 77.92  ? 41   GLN A CG  1 
ATOM   281  C  CD  . GLN A 1 41  ? 1.382   -6.060  -11.936 1.00 81.72  ? 41   GLN A CD  1 
ATOM   282  O  OE1 . GLN A 1 41  ? 1.818   -7.088  -12.468 1.00 82.90  ? 41   GLN A OE1 1 
ATOM   283  N  NE2 . GLN A 1 41  ? 1.749   -4.840  -12.327 1.00 82.21  ? 41   GLN A NE2 1 
ATOM   284  N  N   . ASN A 1 42  ? -2.281  -8.754  -13.347 1.00 73.57  ? 42   ASN A N   1 
ATOM   285  C  CA  . ASN A 1 42  ? -3.236  -9.876  -13.459 1.00 74.09  ? 42   ASN A CA  1 
ATOM   286  C  C   . ASN A 1 42  ? -2.654  -11.237 -13.035 1.00 71.47  ? 42   ASN A C   1 
ATOM   287  O  O   . ASN A 1 42  ? -2.329  -12.066 -13.887 1.00 70.05  ? 42   ASN A O   1 
ATOM   288  C  CB  . ASN A 1 42  ? -3.863  -9.954  -14.867 1.00 78.72  ? 42   ASN A CB  1 
ATOM   289  C  CG  . ASN A 1 42  ? -5.149  -10.810 -14.893 1.00 79.80  ? 42   ASN A CG  1 
ATOM   290  O  OD1 . ASN A 1 42  ? -5.905  -10.855 -13.920 1.00 77.47  ? 42   ASN A OD1 1 
ATOM   291  N  ND2 . ASN A 1 42  ? -5.364  -11.515 -15.992 1.00 81.44  ? 42   ASN A ND2 1 
ATOM   292  N  N   . PRO A 1 43  ? -2.535  -11.471 -11.709 1.00 69.68  ? 43   PRO A N   1 
ATOM   293  C  CA  . PRO A 1 43  ? -1.953  -12.699 -11.160 1.00 69.25  ? 43   PRO A CA  1 
ATOM   294  C  C   . PRO A 1 43  ? -2.794  -13.911 -11.475 1.00 68.41  ? 43   PRO A C   1 
ATOM   295  O  O   . PRO A 1 43  ? -4.008  -13.821 -11.507 1.00 70.97  ? 43   PRO A O   1 
ATOM   296  C  CB  . PRO A 1 43  ? -1.960  -12.469 -9.643  1.00 69.31  ? 43   PRO A CB  1 
ATOM   297  C  CG  . PRO A 1 43  ? -2.523  -11.104 -9.417  1.00 71.56  ? 43   PRO A CG  1 
ATOM   298  C  CD  . PRO A 1 43  ? -3.130  -10.614 -10.669 1.00 70.04  ? 43   PRO A CD  1 
ATOM   299  N  N   . THR A 1 44  ? -2.153  -15.041 -11.720 1.00 68.51  ? 44   THR A N   1 
ATOM   300  C  CA  . THR A 1 44  ? -2.890  -16.284 -11.886 1.00 66.93  ? 44   THR A CA  1 
ATOM   301  C  C   . THR A 1 44  ? -3.397  -16.763 -10.538 1.00 67.08  ? 44   THR A C   1 
ATOM   302  O  O   . THR A 1 44  ? -2.917  -16.343 -9.495  1.00 70.35  ? 44   THR A O   1 
ATOM   303  C  CB  . THR A 1 44  ? -2.005  -17.372 -12.463 1.00 65.61  ? 44   THR A CB  1 
ATOM   304  O  OG1 . THR A 1 44  ? -0.999  -17.695 -11.492 1.00 66.37  ? 44   THR A OG1 1 
ATOM   305  C  CG2 . THR A 1 44  ? -1.380  -16.900 -13.811 1.00 59.81  ? 44   THR A CG2 1 
ATOM   306  N  N   . GLU A 1 45  ? -4.382  -17.647 -10.563 1.00 68.15  ? 45   GLU A N   1 
ATOM   307  C  CA  . GLU A 1 45  ? -4.901  -18.316 -9.360  1.00 68.18  ? 45   GLU A CA  1 
ATOM   308  C  C   . GLU A 1 45  ? -3.780  -18.983 -8.495  1.00 66.78  ? 45   GLU A C   1 
ATOM   309  O  O   . GLU A 1 45  ? -3.847  -18.948 -7.262  1.00 64.50  ? 45   GLU A O   1 
ATOM   310  C  CB  . GLU A 1 45  ? -5.993  -19.325 -9.807  1.00 67.52  ? 45   GLU A CB  1 
ATOM   311  C  CG  . GLU A 1 45  ? -5.503  -20.612 -10.464 1.00 76.07  ? 45   GLU A CG  1 
ATOM   312  C  CD  . GLU A 1 45  ? -4.987  -20.378 -11.887 1.00 81.28  ? 45   GLU A CD  1 
ATOM   313  O  OE1 . GLU A 1 45  ? -5.718  -19.675 -12.613 1.00 83.24  ? 45   GLU A OE1 1 
ATOM   314  O  OE2 . GLU A 1 45  ? -3.848  -20.801 -12.219 1.00 82.71  ? 45   GLU A OE2 1 
ATOM   315  N  N   . ALA A 1 46  ? -2.752  -19.564 -9.142  1.00 66.80  ? 46   ALA A N   1 
ATOM   316  C  CA  . ALA A 1 46  ? -1.633  -20.243 -8.455  1.00 63.83  ? 46   ALA A CA  1 
ATOM   317  C  C   . ALA A 1 46  ? -0.803  -19.227 -7.667  1.00 67.43  ? 46   ALA A C   1 
ATOM   318  O  O   . ALA A 1 46  ? -0.385  -19.489 -6.511  1.00 67.63  ? 46   ALA A O   1 
ATOM   319  C  CB  . ALA A 1 46  ? -0.734  -20.954 -9.474  1.00 66.07  ? 46   ALA A CB  1 
ATOM   320  N  N   . GLU A 1 47  ? -0.581  -18.070 -8.307  1.00 65.10  ? 47   GLU A N   1 
ATOM   321  C  CA  . GLU A 1 47  ? 0.169   -16.960 -7.735  1.00 65.37  ? 47   GLU A CA  1 
ATOM   322  C  C   . GLU A 1 47  ? -0.494  -16.412 -6.494  1.00 66.23  ? 47   GLU A C   1 
ATOM   323  O  O   . GLU A 1 47  ? 0.183   -16.148 -5.492  1.00 68.18  ? 47   GLU A O   1 
ATOM   324  C  CB  . GLU A 1 47  ? 0.373   -15.840 -8.769  1.00 64.82  ? 47   GLU A CB  1 
ATOM   325  C  CG  . GLU A 1 47  ? 1.307   -16.253 -9.910  1.00 64.11  ? 47   GLU A CG  1 
ATOM   326  C  CD  . GLU A 1 47  ? 1.516   -15.163 -10.961 1.00 64.81  ? 47   GLU A CD  1 
ATOM   327  O  OE1 . GLU A 1 47  ? 2.658   -14.789 -11.153 1.00 68.34  ? 47   GLU A OE1 1 
ATOM   328  O  OE2 . GLU A 1 47  ? 0.574   -14.677 -11.618 1.00 67.13  ? 47   GLU A OE2 1 
ATOM   329  N  N   . LEU A 1 48  ? -1.815  -16.250 -6.556  1.00 63.80  ? 48   LEU A N   1 
ATOM   330  C  CA  . LEU A 1 48  ? -2.579  -15.791 -5.400  1.00 64.32  ? 48   LEU A CA  1 
ATOM   331  C  C   . LEU A 1 48  ? -2.495  -16.779 -4.260  1.00 64.42  ? 48   LEU A C   1 
ATOM   332  O  O   . LEU A 1 48  ? -2.332  -16.393 -3.102  1.00 66.01  ? 48   LEU A O   1 
ATOM   333  C  CB  . LEU A 1 48  ? -4.039  -15.473 -5.781  1.00 62.66  ? 48   LEU A CB  1 
ATOM   334  C  CG  . LEU A 1 48  ? -4.174  -14.422 -6.896  1.00 62.74  ? 48   LEU A CG  1 
ATOM   335  C  CD1 . LEU A 1 48  ? -5.575  -14.418 -7.480  1.00 67.25  ? 48   LEU A CD1 1 
ATOM   336  C  CD2 . LEU A 1 48  ? -3.787  -13.003 -6.424  1.00 60.65  ? 48   LEU A CD2 1 
ATOM   337  N  N   . GLN A 1 49  ? -2.559  -18.063 -4.595  1.00 67.09  ? 49   GLN A N   1 
ATOM   338  C  CA  . GLN A 1 49  ? -2.403  -19.117 -3.609  1.00 65.74  ? 49   GLN A CA  1 
ATOM   339  C  C   . GLN A 1 49  ? -1.025  -19.047 -2.972  1.00 70.62  ? 49   GLN A C   1 
ATOM   340  O  O   . GLN A 1 49  ? -0.911  -19.092 -1.745  1.00 69.04  ? 49   GLN A O   1 
ATOM   341  C  CB  . GLN A 1 49  ? -2.693  -20.480 -4.241  1.00 67.67  ? 49   GLN A CB  1 
ATOM   342  C  CG  . GLN A 1 49  ? -4.238  -20.708 -4.401  1.00 67.96  ? 49   GLN A CG  1 
ATOM   343  C  CD  . GLN A 1 49  ? -4.621  -22.016 -5.068  1.00 66.76  ? 49   GLN A CD  1 
ATOM   344  O  OE1 . GLN A 1 49  ? -4.097  -22.367 -6.105  1.00 68.13  ? 49   GLN A OE1 1 
ATOM   345  N  NE2 . GLN A 1 49  ? -5.582  -22.718 -4.492  1.00 69.25  ? 49   GLN A NE2 1 
ATOM   346  N  N   . ASP A 1 50  ? -0.001  -18.856 -3.812  1.00 70.67  ? 50   ASP A N   1 
ATOM   347  C  CA  . ASP A 1 50  ? 1.377   -18.765 -3.386  1.00 73.47  ? 50   ASP A CA  1 
ATOM   348  C  C   . ASP A 1 50  ? 1.610   -17.568 -2.487  1.00 73.28  ? 50   ASP A C   1 
ATOM   349  O  O   . ASP A 1 50  ? 2.318   -17.662 -1.493  1.00 70.58  ? 50   ASP A O   1 
ATOM   350  C  CB  . ASP A 1 50  ? 2.299   -18.627 -4.603  1.00 78.18  ? 50   ASP A CB  1 
ATOM   351  C  CG  . ASP A 1 50  ? 2.508   -19.930 -5.331  1.00 80.68  ? 50   ASP A CG  1 
ATOM   352  O  OD1 . ASP A 1 50  ? 2.265   -20.989 -4.721  1.00 83.85  ? 50   ASP A OD1 1 
ATOM   353  O  OD2 . ASP A 1 50  ? 2.915   -19.895 -6.514  1.00 83.40  ? 50   ASP A OD2 1 
ATOM   354  N  N   . MET A 1 51  ? 1.050   -16.427 -2.864  1.00 73.00  ? 51   MET A N   1 
ATOM   355  C  CA  . MET A 1 51  ? 1.218   -15.253 -2.026  1.00 72.24  ? 51   MET A CA  1 
ATOM   356  C  C   . MET A 1 51  ? 0.643   -15.533 -0.626  1.00 71.55  ? 51   MET A C   1 
ATOM   357  O  O   . MET A 1 51  ? 1.282   -15.258 0.382   1.00 74.41  ? 51   MET A O   1 
ATOM   358  C  CB  . MET A 1 51  ? 0.601   -14.014 -2.685  1.00 71.07  ? 51   MET A CB  1 
ATOM   359  C  CG  . MET A 1 51  ? 1.176   -13.690 -4.080  1.00 70.37  ? 51   MET A CG  1 
ATOM   360  S  SD  . MET A 1 51  ? 0.248   -12.377 -4.967  1.00 72.12  ? 51   MET A SD  1 
ATOM   361  C  CE  . MET A 1 51  ? 0.748   -11.017 -3.907  1.00 66.78  ? 51   MET A CE  1 
ATOM   362  N  N   . ILE A 1 52  ? -0.543  -16.119 -0.563  1.00 70.72  ? 52   ILE A N   1 
ATOM   363  C  CA  . ILE A 1 52  ? -1.168  -16.419 0.711   1.00 72.84  ? 52   ILE A CA  1 
ATOM   364  C  C   . ILE A 1 52  ? -0.370  -17.481 1.518   1.00 74.44  ? 52   ILE A C   1 
ATOM   365  O  O   . ILE A 1 52  ? -0.171  -17.356 2.746   1.00 71.95  ? 52   ILE A O   1 
ATOM   366  C  CB  . ILE A 1 52  ? -2.631  -16.862 0.482   1.00 68.85  ? 52   ILE A CB  1 
ATOM   367  C  CG1 . ILE A 1 52  ? -3.492  -15.653 0.087   1.00 69.57  ? 52   ILE A CG1 1 
ATOM   368  C  CG2 . ILE A 1 52  ? -3.210  -17.607 1.705   1.00 72.08  ? 52   ILE A CG2 1 
ATOM   369  C  CD1 . ILE A 1 52  ? -4.943  -15.982 -0.128  1.00 65.31  ? 52   ILE A CD1 1 
ATOM   370  N  N   . ASN A 1 53  ? 0.119   -18.504 0.820   1.00 75.53  ? 53   ASN A N   1 
ATOM   371  C  CA  . ASN A 1 53  ? 0.670   -19.642 1.503   1.00 78.60  ? 53   ASN A CA  1 
ATOM   372  C  C   . ASN A 1 53  ? 2.048   -19.380 2.073   1.00 78.95  ? 53   ASN A C   1 
ATOM   373  O  O   . ASN A 1 53  ? 2.473   -20.066 2.986   1.00 78.35  ? 53   ASN A O   1 
ATOM   374  C  CB  . ASN A 1 53  ? 0.642   -20.889 0.631   1.00 80.02  ? 53   ASN A CB  1 
ATOM   375  C  CG  . ASN A 1 53  ? 0.066   -22.087 1.374   1.00 83.41  ? 53   ASN A CG  1 
ATOM   376  O  OD1 . ASN A 1 53  ? -1.163  -22.200 1.560   1.00 83.34  ? 53   ASN A OD1 1 
ATOM   377  N  ND2 . ASN A 1 53  ? 0.949   -22.979 1.824   1.00 78.82  ? 53   ASN A ND2 1 
ATOM   378  N  N   . GLU A 1 54  ? 2.718   -18.358 1.544   1.00 80.30  ? 54   GLU A N   1 
ATOM   379  C  CA  . GLU A 1 54  ? 3.928   -17.818 2.171   1.00 81.50  ? 54   GLU A CA  1 
ATOM   380  C  C   . GLU A 1 54  ? 3.675   -17.371 3.614   1.00 80.78  ? 54   GLU A C   1 
ATOM   381  O  O   . GLU A 1 54  ? 4.572   -17.452 4.442   1.00 81.63  ? 54   GLU A O   1 
ATOM   382  C  CB  . GLU A 1 54  ? 4.472   -16.639 1.364   1.00 81.53  ? 54   GLU A CB  1 
ATOM   383  N  N   . VAL A 1 55  ? 2.460   -16.896 3.897   1.00 81.85  ? 55   VAL A N   1 
ATOM   384  C  CA  . VAL A 1 55  ? 2.131   -16.208 5.156   1.00 80.75  ? 55   VAL A CA  1 
ATOM   385  C  C   . VAL A 1 55  ? 0.942   -16.836 5.970   1.00 79.61  ? 55   VAL A C   1 
ATOM   386  O  O   . VAL A 1 55  ? 0.535   -16.339 7.042   1.00 76.76  ? 55   VAL A O   1 
ATOM   387  C  CB  . VAL A 1 55  ? 1.935   -14.683 4.846   1.00 83.34  ? 55   VAL A CB  1 
ATOM   388  C  CG1 . VAL A 1 55  ? 0.707   -14.449 3.931   1.00 82.86  ? 55   VAL A CG1 1 
ATOM   389  C  CG2 . VAL A 1 55  ? 1.868   -13.861 6.120   1.00 83.90  ? 55   VAL A CG2 1 
ATOM   390  N  N   . ASP A 1 56  ? 0.395   -17.931 5.448   1.00 77.21  ? 56   ASP A N   1 
ATOM   391  C  CA  . ASP A 1 56  ? -0.746  -18.591 6.069   1.00 75.38  ? 56   ASP A CA  1 
ATOM   392  C  C   . ASP A 1 56  ? -0.236  -19.606 7.097   1.00 76.61  ? 56   ASP A C   1 
ATOM   393  O  O   . ASP A 1 56  ? -0.115  -20.799 6.810   1.00 77.86  ? 56   ASP A O   1 
ATOM   394  C  CB  . ASP A 1 56  ? -1.604  -19.232 4.992   1.00 70.87  ? 56   ASP A CB  1 
ATOM   395  C  CG  . ASP A 1 56  ? -2.898  -19.870 5.535   1.00 70.92  ? 56   ASP A CG  1 
ATOM   396  O  OD1 . ASP A 1 56  ? -3.381  -20.768 4.828   1.00 66.78  ? 56   ASP A OD1 1 
ATOM   397  O  OD2 . ASP A 1 56  ? -3.448  -19.493 6.614   1.00 62.49  ? 56   ASP A OD2 1 
ATOM   398  N  N   . ALA A 1 57  ? 0.062   -19.101 8.296   1.00 75.43  ? 57   ALA A N   1 
ATOM   399  C  CA  . ALA A 1 57  ? 0.639   -19.896 9.381   1.00 75.81  ? 57   ALA A CA  1 
ATOM   400  C  C   . ALA A 1 57  ? -0.234  -21.093 9.777   1.00 76.06  ? 57   ALA A C   1 
ATOM   401  O  O   . ALA A 1 57  ? 0.290   -22.175 10.082  1.00 75.87  ? 57   ALA A O   1 
ATOM   402  C  CB  . ALA A 1 57  ? 0.920   -19.017 10.591  1.00 72.43  ? 57   ALA A CB  1 
ATOM   403  N  N   . ASP A 1 58  ? -1.553  -20.916 9.776   1.00 75.16  ? 58   ASP A N   1 
ATOM   404  C  CA  . ASP A 1 58  ? -2.422  -22.038 10.169  1.00 75.24  ? 58   ASP A CA  1 
ATOM   405  C  C   . ASP A 1 58  ? -2.851  -22.908 8.999   1.00 72.38  ? 58   ASP A C   1 
ATOM   406  O  O   . ASP A 1 58  ? -3.612  -23.844 9.182   1.00 74.26  ? 58   ASP A O   1 
ATOM   407  C  CB  . ASP A 1 58  ? -3.630  -21.579 10.994  1.00 75.74  ? 58   ASP A CB  1 
ATOM   408  C  CG  . ASP A 1 58  ? -4.549  -20.666 10.223  1.00 77.47  ? 58   ASP A CG  1 
ATOM   409  O  OD1 . ASP A 1 58  ? -5.174  -19.798 10.862  1.00 77.06  ? 58   ASP A OD1 1 
ATOM   410  O  OD2 . ASP A 1 58  ? -4.642  -20.811 8.978   1.00 80.96  ? 58   ASP A OD2 1 
ATOM   411  N  N   . GLY A 1 59  ? -2.351  -22.608 7.809   1.00 70.55  ? 59   GLY A N   1 
ATOM   412  C  CA  . GLY A 1 59  ? -2.665  -23.390 6.622   1.00 70.33  ? 59   GLY A CA  1 
ATOM   413  C  C   . GLY A 1 59  ? -4.132  -23.480 6.208   1.00 70.89  ? 59   GLY A C   1 
ATOM   414  O  O   . GLY A 1 59  ? -4.486  -24.356 5.427   1.00 71.47  ? 59   GLY A O   1 
ATOM   415  N  N   . ASN A 1 60  ? -4.988  -22.579 6.686   1.00 71.12  ? 60   ASN A N   1 
ATOM   416  C  CA  . ASN A 1 60  ? -6.415  -22.599 6.274   1.00 70.78  ? 60   ASN A CA  1 
ATOM   417  C  C   . ASN A 1 60  ? -6.765  -21.817 4.985   1.00 70.79  ? 60   ASN A C   1 
ATOM   418  O  O   . ASN A 1 60  ? -7.937  -21.532 4.734   1.00 75.64  ? 60   ASN A O   1 
ATOM   419  C  CB  . ASN A 1 60  ? -7.314  -22.110 7.406   1.00 68.20  ? 60   ASN A CB  1 
ATOM   420  C  CG  . ASN A 1 60  ? -7.278  -20.607 7.554   1.00 69.18  ? 60   ASN A CG  1 
ATOM   421  O  OD1 . ASN A 1 60  ? -6.575  -19.928 6.822   1.00 70.46  ? 60   ASN A OD1 1 
ATOM   422  N  ND2 . ASN A 1 60  ? -8.021  -20.082 8.504   1.00 69.32  ? 60   ASN A ND2 1 
ATOM   423  N  N   . GLY A 1 61  ? -5.765  -21.472 4.189   1.00 70.19  ? 61   GLY A N   1 
ATOM   424  C  CA  . GLY A 1 61  ? -6.008  -20.994 2.827   1.00 68.89  ? 61   GLY A CA  1 
ATOM   425  C  C   . GLY A 1 61  ? -6.448  -19.551 2.774   1.00 67.91  ? 61   GLY A C   1 
ATOM   426  O  O   . GLY A 1 61  ? -6.609  -19.005 1.681   1.00 69.53  ? 61   GLY A O   1 
ATOM   427  N  N   . THR A 1 62  ? -6.636  -18.922 3.934   1.00 68.96  ? 62   THR A N   1 
ATOM   428  C  CA  . THR A 1 62  ? -6.825  -17.457 3.973   1.00 67.99  ? 62   THR A CA  1 
ATOM   429  C  C   . THR A 1 62  ? -5.811  -16.750 4.880   1.00 68.91  ? 62   THR A C   1 
ATOM   430  O  O   . THR A 1 62  ? -5.006  -17.397 5.547   1.00 66.30  ? 62   THR A O   1 
ATOM   431  C  CB  . THR A 1 62  ? -8.275  -17.099 4.383   1.00 69.66  ? 62   THR A CB  1 
ATOM   432  O  OG1 . THR A 1 62  ? -8.531  -17.597 5.692   1.00 72.09  ? 62   THR A OG1 1 
ATOM   433  C  CG2 . THR A 1 62  ? -9.248  -17.719 3.397   1.00 69.43  ? 62   THR A CG2 1 
ATOM   434  N  N   . ILE A 1 63  ? -5.891  -15.425 4.930   1.00 72.25  ? 63   ILE A N   1 
ATOM   435  C  CA  . ILE A 1 63  ? -5.013  -14.611 5.765   1.00 71.63  ? 63   ILE A CA  1 
ATOM   436  C  C   . ILE A 1 63  ? -5.824  -13.809 6.795   1.00 72.86  ? 63   ILE A C   1 
ATOM   437  O  O   . ILE A 1 63  ? -6.747  -13.042 6.428   1.00 71.12  ? 63   ILE A O   1 
ATOM   438  C  CB  . ILE A 1 63  ? -4.208  -13.587 4.924   1.00 69.49  ? 63   ILE A CB  1 
ATOM   439  C  CG1 . ILE A 1 63  ? -3.414  -14.280 3.801   1.00 70.82  ? 63   ILE A CG1 1 
ATOM   440  C  CG2 . ILE A 1 63  ? -3.328  -12.749 5.858   1.00 68.28  ? 63   ILE A CG2 1 
ATOM   441  C  CD1 . ILE A 1 63  ? -2.677  -13.302 2.798   1.00 67.28  ? 63   ILE A CD1 1 
ATOM   442  N  N   . ASP A 1 64  ? -5.473  -13.970 8.073   1.00 70.37  ? 64   ASP A N   1 
ATOM   443  C  CA  . ASP A 1 64  ? -6.106  -13.176 9.128   1.00 73.26  ? 64   ASP A CA  1 
ATOM   444  C  C   . ASP A 1 64  ? -5.230  -12.001 9.547   1.00 74.65  ? 64   ASP A C   1 
ATOM   445  O  O   . ASP A 1 64  ? -4.149  -11.801 8.997   1.00 78.69  ? 64   ASP A O   1 
ATOM   446  C  CB  . ASP A 1 64  ? -6.529  -14.038 10.334  1.00 74.80  ? 64   ASP A CB  1 
ATOM   447  C  CG  . ASP A 1 64  ? -5.350  -14.661 11.078  1.00 76.27  ? 64   ASP A CG  1 
ATOM   448  O  OD1 . ASP A 1 64  ? -4.202  -14.222 10.888  1.00 77.67  ? 64   ASP A OD1 1 
ATOM   449  O  OD2 . ASP A 1 64  ? -5.577  -15.608 11.867  1.00 82.10  ? 64   ASP A OD2 1 
ATOM   450  N  N   . PHE A 1 65  ? -5.683  -11.230 10.531  1.00 77.02  ? 65   PHE A N   1 
ATOM   451  C  CA  . PHE A 1 65  ? -4.969  -10.004 10.908  1.00 75.77  ? 65   PHE A CA  1 
ATOM   452  C  C   . PHE A 1 65  ? -3.509  -10.219 11.272  1.00 75.05  ? 65   PHE A C   1 
ATOM   453  O  O   . PHE A 1 65  ? -2.644  -9.573  10.669  1.00 75.86  ? 65   PHE A O   1 
ATOM   454  C  CB  . PHE A 1 65  ? -5.705  -9.183  11.980  1.00 74.66  ? 65   PHE A CB  1 
ATOM   455  C  CG  . PHE A 1 65  ? -5.318  -7.727  11.995  1.00 74.39  ? 65   PHE A CG  1 
ATOM   456  C  CD1 . PHE A 1 65  ? -5.885  -6.833  11.088  1.00 74.00  ? 65   PHE A CD1 1 
ATOM   457  C  CD2 . PHE A 1 65  ? -4.390  -7.247  12.915  1.00 72.89  ? 65   PHE A CD2 1 
ATOM   458  C  CE1 . PHE A 1 65  ? -5.531  -5.486  11.092  1.00 71.86  ? 65   PHE A CE1 1 
ATOM   459  C  CE2 . PHE A 1 65  ? -4.037  -5.911  12.928  1.00 72.16  ? 65   PHE A CE2 1 
ATOM   460  C  CZ  . PHE A 1 65  ? -4.620  -5.026  12.014  1.00 72.47  ? 65   PHE A CZ  1 
ATOM   461  N  N   . PRO A 1 66  ? -3.221  -11.092 12.260  1.00 73.33  ? 66   PRO A N   1 
ATOM   462  C  CA  . PRO A 1 66  ? -1.798  -11.236 12.605  1.00 72.77  ? 66   PRO A CA  1 
ATOM   463  C  C   . PRO A 1 66  ? -0.952  -11.820 11.454  1.00 72.04  ? 66   PRO A C   1 
ATOM   464  O  O   . PRO A 1 66  ? 0.227   -11.485 11.335  1.00 76.11  ? 66   PRO A O   1 
ATOM   465  C  CB  . PRO A 1 66  ? -1.814  -12.187 13.819  1.00 73.44  ? 66   PRO A CB  1 
ATOM   466  C  CG  . PRO A 1 66  ? -3.181  -12.847 13.791  1.00 73.57  ? 66   PRO A CG  1 
ATOM   467  C  CD  . PRO A 1 66  ? -4.094  -11.811 13.202  1.00 73.49  ? 66   PRO A CD  1 
ATOM   468  N  N   . GLU A 1 67  ? -1.527  -12.678 10.615  1.00 69.12  ? 67   GLU A N   1 
ATOM   469  C  CA  . GLU A 1 67  ? -0.800  -13.188 9.460   1.00 70.08  ? 67   GLU A CA  1 
ATOM   470  C  C   . GLU A 1 67  ? -0.552  -12.069 8.468   1.00 70.06  ? 67   GLU A C   1 
ATOM   471  O  O   . GLU A 1 67  ? 0.446   -12.081 7.720   1.00 69.19  ? 67   GLU A O   1 
ATOM   472  C  CB  . GLU A 1 67  ? -1.586  -14.286 8.756   1.00 72.30  ? 67   GLU A CB  1 
ATOM   473  C  CG  . GLU A 1 67  ? -1.669  -15.569 9.555   1.00 75.73  ? 67   GLU A CG  1 
ATOM   474  C  CD  . GLU A 1 67  ? -2.411  -16.652 8.807   1.00 78.30  ? 67   GLU A CD  1 
ATOM   475  O  OE1 . GLU A 1 67  ? -3.257  -16.307 7.944   1.00 80.03  ? 67   GLU A OE1 1 
ATOM   476  O  OE2 . GLU A 1 67  ? -2.145  -17.842 9.064   1.00 77.64  ? 67   GLU A OE2 1 
ATOM   477  N  N   . PHE A 1 68  ? -1.466  -11.109 8.446   1.00 68.38  ? 68   PHE A N   1 
ATOM   478  C  CA  . PHE A 1 68  ? -1.292  -9.949  7.574   1.00 70.52  ? 68   PHE A CA  1 
ATOM   479  C  C   . PHE A 1 68  ? -0.202  -9.042  8.144   1.00 68.25  ? 68   PHE A C   1 
ATOM   480  O  O   . PHE A 1 68  ? 0.560   -8.407  7.412   1.00 66.97  ? 68   PHE A O   1 
ATOM   481  C  CB  . PHE A 1 68  ? -2.623  -9.217  7.395   1.00 70.64  ? 68   PHE A CB  1 
ATOM   482  C  CG  . PHE A 1 68  ? -2.513  -7.927  6.639   1.00 70.16  ? 68   PHE A CG  1 
ATOM   483  C  CD1 . PHE A 1 68  ? -2.412  -7.919  5.250   1.00 69.15  ? 68   PHE A CD1 1 
ATOM   484  C  CD2 . PHE A 1 68  ? -2.531  -6.719  7.315   1.00 72.49  ? 68   PHE A CD2 1 
ATOM   485  C  CE1 . PHE A 1 68  ? -2.323  -6.740  4.548   1.00 70.66  ? 68   PHE A CE1 1 
ATOM   486  C  CE2 . PHE A 1 68  ? -2.421  -5.511  6.620   1.00 74.17  ? 68   PHE A CE2 1 
ATOM   487  C  CZ  . PHE A 1 68  ? -2.321  -5.525  5.224   1.00 74.17  ? 68   PHE A CZ  1 
ATOM   488  N  N   . LEU A 1 69  ? -0.109  -9.010  9.468   1.00 70.30  ? 69   LEU A N   1 
ATOM   489  C  CA  . LEU A 1 69  ? 0.925   -8.190  10.130  1.00 69.91  ? 69   LEU A CA  1 
ATOM   490  C  C   . LEU A 1 69  ? 2.306   -8.654  9.716   1.00 69.37  ? 69   LEU A C   1 
ATOM   491  O  O   . LEU A 1 69  ? 3.205   -7.847  9.507   1.00 70.77  ? 69   LEU A O   1 
ATOM   492  C  CB  . LEU A 1 69  ? 0.785   -8.239  11.650  1.00 68.28  ? 69   LEU A CB  1 
ATOM   493  C  CG  . LEU A 1 69  ? -0.503  -7.648  12.216  1.00 68.84  ? 69   LEU A CG  1 
ATOM   494  C  CD1 . LEU A 1 69  ? -0.545  -7.837  13.704  1.00 67.89  ? 69   LEU A CD1 1 
ATOM   495  C  CD2 . LEU A 1 69  ? -0.670  -6.184  11.812  1.00 68.19  ? 69   LEU A CD2 1 
ATOM   496  N  N   . THR A 1 70  ? 2.437   -9.964  9.543   1.00 71.52  ? 70   THR A N   1 
ATOM   497  C  CA  . THR A 1 70  ? 3.660   -10.570 9.060   1.00 73.96  ? 70   THR A CA  1 
ATOM   498  C  C   . THR A 1 70  ? 4.012   -10.104 7.655   1.00 76.06  ? 70   THR A C   1 
ATOM   499  O  O   . THR A 1 70  ? 5.186   -9.854  7.368   1.00 75.23  ? 70   THR A O   1 
ATOM   500  C  CB  . THR A 1 70  ? 3.562   -12.108 9.115   1.00 73.19  ? 70   THR A CB  1 
ATOM   501  O  OG1 . THR A 1 70  ? 3.404   -12.502 10.478  1.00 72.46  ? 70   THR A OG1 1 
ATOM   502  C  CG2 . THR A 1 70  ? 4.801   -12.752 8.512   1.00 73.98  ? 70   THR A CG2 1 
ATOM   503  N  N   . MET A 1 71  ? 2.989   -9.966  6.809   1.00 76.80  ? 71   MET A N   1 
ATOM   504  C  CA  . MET A 1 71  ? 3.150   -9.443  5.464   1.00 78.96  ? 71   MET A CA  1 
ATOM   505  C  C   . MET A 1 71  ? 3.706   -8.037  5.491   1.00 79.69  ? 71   MET A C   1 
ATOM   506  O  O   . MET A 1 71  ? 4.640   -7.730  4.777   1.00 79.83  ? 71   MET A O   1 
ATOM   507  C  CB  . MET A 1 71  ? 1.806   -9.448  4.731   1.00 80.57  ? 71   MET A CB  1 
ATOM   508  C  CG  . MET A 1 71  ? 1.609   -10.607 3.776   1.00 78.72  ? 71   MET A CG  1 
ATOM   509  S  SD  . MET A 1 71  ? 0.000   -10.478 2.980   1.00 79.57  ? 71   MET A SD  1 
ATOM   510  C  CE  . MET A 1 71  ? 0.352   -11.182 1.382   1.00 78.41  ? 71   MET A CE  1 
ATOM   511  N  N   . MET A 1 72  ? 3.120   -7.193  6.336   1.00 82.54  ? 72   MET A N   1 
ATOM   512  C  CA  . MET A 1 72  ? 3.516   -5.790  6.500   1.00 82.64  ? 72   MET A CA  1 
ATOM   513  C  C   . MET A 1 72  ? 4.878   -5.627  7.172   1.00 82.92  ? 72   MET A C   1 
ATOM   514  O  O   . MET A 1 72  ? 5.463   -4.550  7.129   1.00 83.12  ? 72   MET A O   1 
ATOM   515  C  CB  . MET A 1 72  ? 2.459   -5.044  7.331   1.00 83.66  ? 72   MET A CB  1 
ATOM   516  C  CG  . MET A 1 72  ? 1.112   -4.908  6.672   1.00 84.52  ? 72   MET A CG  1 
ATOM   517  S  SD  . MET A 1 72  ? 1.223   -4.059  5.084   1.00 89.86  ? 72   MET A SD  1 
ATOM   518  C  CE  . MET A 1 72  ? 1.246   -2.333  5.586   1.00 86.81  ? 72   MET A CE  1 
ATOM   519  N  N   . ALA A 1 73  ? 5.372   -6.697  7.796   1.00 84.73  ? 73   ALA A N   1 
ATOM   520  C  CA  . ALA A 1 73  ? 6.595   -6.630  8.600   1.00 85.40  ? 73   ALA A CA  1 
ATOM   521  C  C   . ALA A 1 73  ? 7.821   -7.112  7.839   1.00 87.79  ? 73   ALA A C   1 
ATOM   522  O  O   . ALA A 1 73  ? 8.951   -6.922  8.293   1.00 90.41  ? 73   ALA A O   1 
ATOM   523  C  CB  . ALA A 1 73  ? 6.435   -7.424  9.884   1.00 82.60  ? 73   ALA A CB  1 
ATOM   524  N  N   . ARG A 1 74  ? 7.608   -7.719  6.676   1.00 91.72  ? 74   ARG A N   1 
ATOM   525  C  CA  . ARG A 1 74  ? 8.732   -8.189  5.862   1.00 94.80  ? 74   ARG A CA  1 
ATOM   526  C  C   . ARG A 1 74  ? 9.286   -7.014  5.047   1.00 96.73  ? 74   ARG A C   1 
ATOM   527  O  O   . ARG A 1 74  ? 8.545   -6.326  4.340   1.00 97.95  ? 74   ARG A O   1 
ATOM   528  C  CB  . ARG A 1 74  ? 8.342   -9.376  4.965   1.00 96.19  ? 74   ARG A CB  1 
ATOM   529  C  CG  . ARG A 1 74  ? 8.252   -10.736 5.686   1.00 97.45  ? 74   ARG A CG  1 
ATOM   530  C  CD  . ARG A 1 74  ? 8.269   -11.882 4.675   1.00 98.29  ? 74   ARG A CD  1 
ATOM   531  N  NE  . ARG A 1 74  ? 7.243   -12.921 4.911   1.00 98.38  ? 74   ARG A NE  1 
ATOM   532  C  CZ  . ARG A 1 74  ? 7.427   -14.005 5.670   1.00 98.67  ? 74   ARG A CZ  1 
ATOM   533  N  NH1 . ARG A 1 74  ? 8.594   -14.189 6.295   1.00 98.29  ? 74   ARG A NH1 1 
ATOM   534  N  NH2 . ARG A 1 74  ? 6.445   -14.904 5.806   1.00 97.19  ? 74   ARG A NH2 1 
ATOM   535  N  N   . LYS A 1 75  ? 10.591  -6.786  5.179   1.00 97.80  ? 75   LYS A N   1 
ATOM   536  C  CA  . LYS A 1 75  ? 11.252  -5.587  4.646   1.00 98.72  ? 75   LYS A CA  1 
ATOM   537  C  C   . LYS A 1 75  ? 11.014  -5.288  3.158   1.00 97.12  ? 75   LYS A C   1 
ATOM   538  O  O   . LYS A 1 75  ? 10.786  -6.186  2.343   1.00 97.32  ? 75   LYS A O   1 
ATOM   539  N  N   . MET A 1 76  ? 11.107  -4.005  2.810   1.00 96.14  ? 76   MET A N   1 
ATOM   540  C  CA  . MET A 1 76  ? 11.169  -3.572  1.412   1.00 93.84  ? 76   MET A CA  1 
ATOM   541  C  C   . MET A 1 76  ? 12.254  -4.398  0.694   1.00 92.95  ? 76   MET A C   1 
ATOM   542  O  O   . MET A 1 76  ? 12.000  -4.887  -0.409  1.00 91.36  ? 76   MET A O   1 
ATOM   543  N  N   . LYS A 1 77  ? 13.450  -4.559  1.272   1.00 91.18  ? 77   LYS A N   1 
ATOM   544  C  CA  . LYS A 1 77  ? 13.987  -3.682  2.322   1.00 92.74  ? 77   LYS A CA  1 
ATOM   545  C  C   . LYS A 1 77  ? 14.659  -2.437  1.721   1.00 95.33  ? 77   LYS A C   1 
ATOM   546  O  O   . LYS A 1 77  ? 14.152  -1.811  0.783   1.00 95.61  ? 77   LYS A O   1 
ATOM   547  N  N   . THR A 1 79  ? 16.864  -3.040  -1.313  1.00 101.40 ? 79   THR A N   1 
ATOM   548  C  CA  . THR A 1 79  ? 17.862  -3.060  -2.392  1.00 101.91 ? 79   THR A CA  1 
ATOM   549  C  C   . THR A 1 79  ? 17.188  -2.799  -3.749  1.00 102.66 ? 79   THR A C   1 
ATOM   550  O  O   . THR A 1 79  ? 17.854  -2.445  -4.736  1.00 105.09 ? 79   THR A O   1 
ATOM   551  N  N   . ASP A 1 80  ? 15.865  -2.970  -3.790  1.00 99.45  ? 80   ASP A N   1 
ATOM   552  C  CA  . ASP A 1 80  ? 15.102  -2.789  -5.026  1.00 95.14  ? 80   ASP A CA  1 
ATOM   553  C  C   . ASP A 1 80  ? 13.878  -1.892  -4.785  1.00 93.40  ? 80   ASP A C   1 
ATOM   554  O  O   . ASP A 1 80  ? 12.983  -1.784  -5.638  1.00 92.17  ? 80   ASP A O   1 
ATOM   555  C  CB  . ASP A 1 80  ? 14.679  -4.152  -5.595  1.00 95.24  ? 80   ASP A CB  1 
ATOM   556  N  N   . SER A 1 81  ? 13.853  -1.242  -3.621  1.00 89.31  ? 81   SER A N   1 
ATOM   557  C  CA  . SER A 1 81  ? 12.740  -0.370  -3.252  1.00 85.45  ? 81   SER A CA  1 
ATOM   558  C  C   . SER A 1 81  ? 12.908  1.011   -3.879  1.00 82.47  ? 81   SER A C   1 
ATOM   559  O  O   . SER A 1 81  ? 11.929  1.649   -4.269  1.00 83.93  ? 81   SER A O   1 
ATOM   560  C  CB  . SER A 1 81  ? 12.601  -0.274  -1.729  1.00 85.04  ? 81   SER A CB  1 
ATOM   561  O  OG  . SER A 1 81  ? 13.574  0.587   -1.168  1.00 85.33  ? 81   SER A OG  1 
ATOM   562  N  N   . GLU A 1 82  ? 14.156  1.458   -3.988  1.00 79.47  ? 82   GLU A N   1 
ATOM   563  C  CA  . GLU A 1 82  ? 14.447  2.770   -4.585  1.00 76.90  ? 82   GLU A CA  1 
ATOM   564  C  C   . GLU A 1 82  ? 13.771  2.940   -5.950  1.00 72.62  ? 82   GLU A C   1 
ATOM   565  O  O   . GLU A 1 82  ? 13.183  3.990   -6.249  1.00 69.03  ? 82   GLU A O   1 
ATOM   566  C  CB  . GLU A 1 82  ? 15.957  2.999   -4.717  1.00 78.51  ? 82   GLU A CB  1 
ATOM   567  C  CG  . GLU A 1 82  ? 16.309  4.329   -5.362  1.00 82.10  ? 82   GLU A CG  1 
ATOM   568  C  CD  . GLU A 1 82  ? 17.798  4.554   -5.430  1.00 86.08  ? 82   GLU A CD  1 
ATOM   569  O  OE1 . GLU A 1 82  ? 18.545  3.576   -5.217  1.00 88.03  ? 82   GLU A OE1 1 
ATOM   570  O  OE2 . GLU A 1 82  ? 18.223  5.699   -5.689  1.00 87.73  ? 82   GLU A OE2 1 
ATOM   571  N  N   . GLU A 1 83  ? 13.858  1.895   -6.774  1.00 70.70  ? 83   GLU A N   1 
ATOM   572  C  CA  . GLU A 1 83  ? 13.225  1.888   -8.095  1.00 70.79  ? 83   GLU A CA  1 
ATOM   573  C  C   . GLU A 1 83  ? 11.691  1.802   -7.982  1.00 68.60  ? 83   GLU A C   1 
ATOM   574  O  O   . GLU A 1 83  ? 10.981  2.500   -8.698  1.00 67.38  ? 83   GLU A O   1 
ATOM   575  C  CB  . GLU A 1 83  ? 13.789  0.770   -8.980  1.00 73.57  ? 83   GLU A CB  1 
ATOM   576  C  CG  . GLU A 1 83  ? 15.285  0.929   -9.320  1.00 78.13  ? 83   GLU A CG  1 
ATOM   577  C  CD  . GLU A 1 83  ? 15.641  2.212   -10.112 1.00 80.22  ? 83   GLU A CD  1 
ATOM   578  O  OE1 . GLU A 1 83  ? 14.857  2.715   -10.951 1.00 80.39  ? 83   GLU A OE1 1 
ATOM   579  O  OE2 . GLU A 1 83  ? 16.773  2.700   -9.937  1.00 82.45  ? 83   GLU A OE2 1 
ATOM   580  N  N   . GLU A 1 84  ? 11.210  0.989   -7.040  1.00 65.34  ? 84   GLU A N   1 
ATOM   581  C  CA  . GLU A 1 84  ? 9.779   0.865   -6.723  1.00 64.71  ? 84   GLU A CA  1 
ATOM   582  C  C   . GLU A 1 84  ? 9.211   2.175   -6.190  1.00 63.77  ? 84   GLU A C   1 
ATOM   583  O  O   . GLU A 1 84  ? 8.082   2.544   -6.515  1.00 62.57  ? 84   GLU A O   1 
ATOM   584  C  CB  . GLU A 1 84  ? 9.516   -0.276  -5.723  1.00 58.41  ? 84   GLU A CB  1 
ATOM   585  N  N   . ILE A 1 85  ? 10.003  2.877   -5.386  1.00 63.10  ? 85   ILE A N   1 
ATOM   586  C  CA  . ILE A 1 85  ? 9.585   4.177   -4.890  1.00 65.23  ? 85   ILE A CA  1 
ATOM   587  C  C   . ILE A 1 85  ? 9.687   5.239   -6.002  1.00 66.03  ? 85   ILE A C   1 
ATOM   588  O  O   . ILE A 1 85  ? 8.790   6.042   -6.142  1.00 65.99  ? 85   ILE A O   1 
ATOM   589  C  CB  . ILE A 1 85  ? 10.364  4.578   -3.609  1.00 65.44  ? 85   ILE A CB  1 
ATOM   590  C  CG1 . ILE A 1 85  ? 9.788   3.809   -2.403  1.00 66.18  ? 85   ILE A CG1 1 
ATOM   591  C  CG2 . ILE A 1 85  ? 10.330  6.087   -3.417  1.00 64.34  ? 85   ILE A CG2 1 
ATOM   592  C  CD1 . ILE A 1 85  ? 10.707  3.651   -1.204  1.00 64.33  ? 85   ILE A CD1 1 
ATOM   593  N  N   . ARG A 1 86  ? 10.760  5.239   -6.804  1.00 66.45  ? 86   ARG A N   1 
ATOM   594  C  CA  . ARG A 1 86  ? 10.766  6.127   -7.978  1.00 68.00  ? 86   ARG A CA  1 
ATOM   595  C  C   . ARG A 1 86  ? 9.494   5.930   -8.852  1.00 67.75  ? 86   ARG A C   1 
ATOM   596  O  O   . ARG A 1 86  ? 8.869   6.904   -9.227  1.00 64.53  ? 86   ARG A O   1 
ATOM   597  C  CB  A ARG A 1 86  ? 12.034  5.934   -8.777  0.50 65.15  ? 86   ARG A CB  1 
ATOM   598  C  CB  B ARG A 1 86  ? 12.046  5.921   -8.801  0.50 69.68  ? 86   ARG A CB  1 
ATOM   599  C  CG  A ARG A 1 86  ? 13.174  6.677   -8.179  0.50 62.47  ? 86   ARG A CG  1 
ATOM   600  C  CG  B ARG A 1 86  ? 12.231  6.834   -10.056 0.50 72.16  ? 86   ARG A CG  1 
ATOM   601  C  CD  A ARG A 1 86  ? 14.329  6.773   -9.198  0.50 59.13  ? 86   ARG A CD  1 
ATOM   602  C  CD  B ARG A 1 86  ? 12.965  8.171   -9.802  0.50 71.43  ? 86   ARG A CD  1 
ATOM   603  N  NE  A ARG A 1 86  ? 15.535  7.255   -8.539  0.50 58.09  ? 86   ARG A NE  1 
ATOM   604  N  NE  B ARG A 1 86  ? 12.054  9.305   -9.615  0.50 70.28  ? 86   ARG A NE  1 
ATOM   605  C  CZ  A ARG A 1 86  ? 15.948  8.520   -8.561  0.50 57.59  ? 86   ARG A CZ  1 
ATOM   606  C  CZ  B ARG A 1 86  ? 12.413  10.590  -9.649  0.50 69.68  ? 86   ARG A CZ  1 
ATOM   607  N  NH1 A ARG A 1 86  ? 15.259  9.435   -9.230  0.50 58.50  ? 86   ARG A NH1 1 
ATOM   608  N  NH1 B ARG A 1 86  ? 13.666  10.948  -9.890  0.50 68.50  ? 86   ARG A NH1 1 
ATOM   609  N  NH2 A ARG A 1 86  ? 17.054  8.871   -7.916  0.50 56.92  ? 86   ARG A NH2 1 
ATOM   610  N  NH2 B ARG A 1 86  ? 11.505  11.530  -9.451  0.50 67.49  ? 86   ARG A NH2 1 
ATOM   611  N  N   . GLU A 1 87  ? 9.138   4.681   -9.179  1.00 66.91  ? 87   GLU A N   1 
ATOM   612  C  CA  . GLU A 1 87  ? 7.926   4.370   -9.943  1.00 68.21  ? 87   GLU A CA  1 
ATOM   613  C  C   . GLU A 1 87  ? 6.669   4.909   -9.257  1.00 66.58  ? 87   GLU A C   1 
ATOM   614  O  O   . GLU A 1 87  ? 5.762   5.427   -9.920  1.00 65.80  ? 87   GLU A O   1 
ATOM   615  C  CB  . GLU A 1 87  ? 7.769   2.847   -10.203 1.00 71.90  ? 87   GLU A CB  1 
ATOM   616  C  CG  A GLU A 1 87  ? 8.732   2.258   -11.239 1.00 79.01  ? 87   GLU A CG  1 
ATOM   617  C  CG  B GLU A 1 87  ? 6.497   2.603   -11.170 0.00 74.64  ? 87   GLU A CG  1 
ATOM   618  C  CD  A GLU A 1 87  ? 8.654   0.723   -11.406 1.00 80.87  ? 87   GLU A CD  1 
ATOM   619  C  CD  B GLU A 1 87  ? 6.590   3.205   -12.582 0.00 74.76  ? 87   GLU A CD  1 
ATOM   620  O  OE1 A GLU A 1 87  ? 7.876   0.039   -10.691 1.00 81.23  ? 87   GLU A OE1 1 
ATOM   621  O  OE1 B GLU A 1 87  ? 7.699   3.637   -13.002 0.00 74.32  ? 87   GLU A OE1 1 
ATOM   622  O  OE2 A GLU A 1 87  ? 9.398   0.211   -12.279 1.00 80.77  ? 87   GLU A OE2 1 
ATOM   623  O  OE2 B GLU A 1 87  ? 5.541   3.229   -13.269 0.00 74.98  ? 87   GLU A OE2 1 
ATOM   624  N  N   . ALA A 1 88  ? 6.615   4.768   -7.935  1.00 65.18  ? 88   ALA A N   1 
ATOM   625  C  CA  . ALA A 1 88  ? 5.439   5.172   -7.153  1.00 63.55  ? 88   ALA A CA  1 
ATOM   626  C  C   . ALA A 1 88  ? 5.275   6.680   -7.233  1.00 63.02  ? 88   ALA A C   1 
ATOM   627  O  O   . ALA A 1 88  ? 4.159   7.194   -7.343  1.00 60.98  ? 88   ALA A O   1 
ATOM   628  C  CB  . ALA A 1 88  ? 5.561   4.722   -5.691  1.00 61.08  ? 88   ALA A CB  1 
ATOM   629  N  N   . PHE A 1 89  ? 6.398   7.374   -7.168  1.00 58.10  ? 89   PHE A N   1 
ATOM   630  C  CA  . PHE A 1 89  ? 6.407   8.814   -7.327  1.00 64.32  ? 89   PHE A CA  1 
ATOM   631  C  C   . PHE A 1 89  ? 5.745   9.250   -8.643  1.00 69.28  ? 89   PHE A C   1 
ATOM   632  O  O   . PHE A 1 89  ? 4.972   10.215  -8.670  1.00 70.39  ? 89   PHE A O   1 
ATOM   633  C  CB  . PHE A 1 89  ? 7.826   9.407   -7.231  1.00 59.79  ? 89   PHE A CB  1 
ATOM   634  C  CG  . PHE A 1 89  ? 7.825   10.921  -7.196  1.00 58.19  ? 89   PHE A CG  1 
ATOM   635  C  CD1 . PHE A 1 89  ? 7.436   11.613  -6.056  1.00 57.58  ? 89   PHE A CD1 1 
ATOM   636  C  CD2 . PHE A 1 89  ? 8.144   11.654  -8.329  1.00 58.92  ? 89   PHE A CD2 1 
ATOM   637  C  CE1 . PHE A 1 89  ? 7.402   13.037  -6.036  1.00 57.86  ? 89   PHE A CE1 1 
ATOM   638  C  CE2 . PHE A 1 89  ? 8.120   13.067  -8.307  1.00 61.31  ? 89   PHE A CE2 1 
ATOM   639  C  CZ  . PHE A 1 89  ? 7.743   13.749  -7.166  1.00 55.40  ? 89   PHE A CZ  1 
ATOM   640  N  N   . ARG A 1 90  ? 6.022   8.502   -9.716  1.00 71.96  ? 90   ARG A N   1 
ATOM   641  C  CA  . ARG A 1 90  ? 5.480   8.777   -11.046 1.00 72.26  ? 90   ARG A CA  1 
ATOM   642  C  C   . ARG A 1 90  ? 3.969   8.645   -11.141 1.00 70.41  ? 90   ARG A C   1 
ATOM   643  O  O   . ARG A 1 90  ? 3.307   9.440   -11.800 1.00 72.83  ? 90   ARG A O   1 
ATOM   644  C  CB  . ARG A 1 90  ? 6.110   7.835   -12.076 1.00 73.39  ? 90   ARG A CB  1 
ATOM   645  C  CG  . ARG A 1 90  ? 7.513   8.220   -12.445 1.00 72.45  ? 90   ARG A CG  1 
ATOM   646  C  CD  . ARG A 1 90  ? 8.081   7.272   -13.468 1.00 73.46  ? 90   ARG A CD  1 
ATOM   647  N  NE  . ARG A 1 90  ? 9.535   7.318   -13.389 1.00 74.29  ? 90   ARG A NE  1 
ATOM   648  C  CZ  . ARG A 1 90  ? 10.309  6.322   -12.976 1.00 72.73  ? 90   ARG A CZ  1 
ATOM   649  N  NH1 . ARG A 1 90  ? 9.804   5.133   -12.644 1.00 71.99  ? 90   ARG A NH1 1 
ATOM   650  N  NH2 . ARG A 1 90  ? 11.610  6.517   -12.933 1.00 74.96  ? 90   ARG A NH2 1 
ATOM   651  N  N   . VAL A 1 91  ? 3.435   7.622   -10.502 1.00 67.78  ? 91   VAL A N   1 
ATOM   652  C  CA  . VAL A 1 91  ? 1.998   7.433   -10.487 1.00 64.83  ? 91   VAL A CA  1 
ATOM   653  C  C   . VAL A 1 91  ? 1.351   8.540   -9.656  1.00 62.73  ? 91   VAL A C   1 
ATOM   654  O  O   . VAL A 1 91  ? 0.325   9.058   -10.032 1.00 66.21  ? 91   VAL A O   1 
ATOM   655  C  CB  . VAL A 1 91  ? 1.614   6.065   -9.883  1.00 66.81  ? 91   VAL A CB  1 
ATOM   656  C  CG1 . VAL A 1 91  ? 0.132   5.764   -10.145 1.00 66.43  ? 91   VAL A CG1 1 
ATOM   657  C  CG2 . VAL A 1 91  ? 2.517   4.952   -10.427 1.00 64.70  ? 91   VAL A CG2 1 
ATOM   658  N  N   . PHE A 1 92  ? 1.929   8.895   -8.517  1.00 60.68  ? 92   PHE A N   1 
ATOM   659  C  CA  . PHE A 1 92  ? 1.345   9.948   -7.679  1.00 62.02  ? 92   PHE A CA  1 
ATOM   660  C  C   . PHE A 1 92  ? 1.422   11.294  -8.436  1.00 62.54  ? 92   PHE A C   1 
ATOM   661  O  O   . PHE A 1 92  ? 0.467   12.058  -8.481  1.00 58.53  ? 92   PHE A O   1 
ATOM   662  C  CB  . PHE A 1 92  ? 2.098   10.076  -6.332  1.00 60.59  ? 92   PHE A CB  1 
ATOM   663  C  CG  . PHE A 1 92  ? 1.715   9.069   -5.284  1.00 60.93  ? 92   PHE A CG  1 
ATOM   664  C  CD1 . PHE A 1 92  ? 2.072   7.736   -5.401  1.00 62.85  ? 92   PHE A CD1 1 
ATOM   665  C  CD2 . PHE A 1 92  ? 1.059   9.478   -4.124  1.00 64.23  ? 92   PHE A CD2 1 
ATOM   666  C  CE1 . PHE A 1 92  ? 1.751   6.802   -4.404  1.00 60.02  ? 92   PHE A CE1 1 
ATOM   667  C  CE2 . PHE A 1 92  ? 0.732   8.553   -3.110  1.00 66.59  ? 92   PHE A CE2 1 
ATOM   668  C  CZ  . PHE A 1 92  ? 1.084   7.203   -3.266  1.00 64.43  ? 92   PHE A CZ  1 
ATOM   669  N  N   . ASP A 1 93  ? 2.576   11.581  -9.029  1.00 59.71  ? 93   ASP A N   1 
ATOM   670  C  CA  . ASP A 1 93  ? 2.797   12.861  -9.686  1.00 60.57  ? 93   ASP A CA  1 
ATOM   671  C  C   . ASP A 1 93  ? 2.242   12.829  -11.115 1.00 60.74  ? 93   ASP A C   1 
ATOM   672  O  O   . ASP A 1 93  ? 2.994   12.783  -12.088 1.00 61.25  ? 93   ASP A O   1 
ATOM   673  C  CB  . ASP A 1 93  ? 4.291   13.221  -9.644  1.00 62.04  ? 93   ASP A CB  1 
ATOM   674  C  CG  . ASP A 1 93  ? 4.596   14.537  -10.306 1.00 63.53  ? 93   ASP A CG  1 
ATOM   675  O  OD1 . ASP A 1 93  ? 5.774   14.781  -10.683 1.00 66.34  ? 93   ASP A OD1 1 
ATOM   676  O  OD2 . ASP A 1 93  ? 3.669   15.334  -10.500 1.00 64.28  ? 93   ASP A OD2 1 
ATOM   677  N  N   . LYS A 1 94  ? 0.911   12.871  -11.246 1.00 60.01  ? 94   LYS A N   1 
ATOM   678  C  CA  . LYS A 1 94  ? 0.257   12.653  -12.535 1.00 58.28  ? 94   LYS A CA  1 
ATOM   679  C  C   . LYS A 1 94  ? 0.671   13.604  -13.651 1.00 62.04  ? 94   LYS A C   1 
ATOM   680  O  O   . LYS A 1 94  ? 0.766   13.206  -14.832 1.00 60.88  ? 94   LYS A O   1 
ATOM   681  C  CB  . LYS A 1 94  ? -1.257  12.781  -12.383 1.00 63.19  ? 94   LYS A CB  1 
ATOM   682  C  CG  . LYS A 1 94  ? -1.972  11.496  -11.935 1.00 69.53  ? 94   LYS A CG  1 
ATOM   683  N  N   . ASP A 1 95  ? 0.840   14.881  -13.311 1.00 60.98  ? 95   ASP A N   1 
ATOM   684  C  CA  . ASP A 1 95  ? 1.217   15.859  -14.341 1.00 60.57  ? 95   ASP A CA  1 
ATOM   685  C  C   . ASP A 1 95  ? 2.735   15.959  -14.428 1.00 62.09  ? 95   ASP A C   1 
ATOM   686  O  O   . ASP A 1 95  ? 3.267   16.758  -15.191 1.00 63.20  ? 95   ASP A O   1 
ATOM   687  C  CB  . ASP A 1 95  ? 0.592   17.229  -14.089 1.00 60.96  ? 95   ASP A CB  1 
ATOM   688  C  CG  . ASP A 1 95  ? 1.153   17.897  -12.850 1.00 64.00  ? 95   ASP A CG  1 
ATOM   689  O  OD1 . ASP A 1 95  ? 2.175   17.419  -12.317 1.00 64.71  ? 95   ASP A OD1 1 
ATOM   690  O  OD2 . ASP A 1 95  ? 0.572   18.900  -12.397 1.00 63.17  ? 95   ASP A OD2 1 
ATOM   691  N  N   . GLY A 1 96  ? 3.433   15.139  -13.646 1.00 60.84  ? 96   GLY A N   1 
ATOM   692  C  CA  . GLY A 1 96  ? 4.866   14.994  -13.790 1.00 60.22  ? 96   GLY A CA  1 
ATOM   693  C  C   . GLY A 1 96  ? 5.689   16.262  -13.601 1.00 63.18  ? 96   GLY A C   1 
ATOM   694  O  O   . GLY A 1 96  ? 6.841   16.321  -14.069 1.00 59.73  ? 96   GLY A O   1 
ATOM   695  N  N   . ASN A 1 97  ? 5.130   17.285  -12.937 1.00 60.01  ? 97   ASN A N   1 
ATOM   696  C  CA  . ASN A 1 97  ? 5.919   18.514  -12.715 1.00 57.36  ? 97   ASN A CA  1 
ATOM   697  C  C   . ASN A 1 97  ? 6.949   18.354  -11.564 1.00 57.80  ? 97   ASN A C   1 
ATOM   698  O  O   . ASN A 1 97  ? 7.701   19.300  -11.269 1.00 55.46  ? 97   ASN A O   1 
ATOM   699  C  CB  . ASN A 1 97  ? 5.048   19.745  -12.494 1.00 52.54  ? 97   ASN A CB  1 
ATOM   700  C  CG  . ASN A 1 97  ? 4.359   19.733  -11.120 1.00 53.52  ? 97   ASN A CG  1 
ATOM   701  O  OD1 . ASN A 1 97  ? 4.214   18.686  -10.496 1.00 50.25  ? 97   ASN A OD1 1 
ATOM   702  N  ND2 . ASN A 1 97  ? 3.944   20.894  -10.651 1.00 51.06  ? 97   ASN A ND2 1 
ATOM   703  N  N   . GLY A 1 98  ? 6.988   17.157  -10.955 1.00 57.50  ? 98   GLY A N   1 
ATOM   704  C  CA  . GLY A 1 98  ? 7.962   16.833  -9.902  1.00 52.77  ? 98   GLY A CA  1 
ATOM   705  C  C   . GLY A 1 98  ? 7.419   17.093  -8.501  1.00 59.71  ? 98   GLY A C   1 
ATOM   706  O  O   . GLY A 1 98  ? 8.139   16.957  -7.533  1.00 60.56  ? 98   GLY A O   1 
ATOM   707  N  N   . TYR A 1 99  ? 6.153   17.493  -8.384  1.00 60.01  ? 99   TYR A N   1 
ATOM   708  C  CA  . TYR A 1 99  ? 5.562   17.846  -7.083  1.00 61.46  ? 99   TYR A CA  1 
ATOM   709  C  C   . TYR A 1 99  ? 4.219   17.226  -6.965  1.00 61.01  ? 99   TYR A C   1 
ATOM   710  O  O   . TYR A 1 99  ? 3.392   17.392  -7.849  1.00 60.53  ? 99   TYR A O   1 
ATOM   711  C  CB  . TYR A 1 99  ? 5.374   19.352  -6.945  1.00 64.29  ? 99   TYR A CB  1 
ATOM   712  C  CG  . TYR A 1 99  ? 6.675   20.101  -6.887  1.00 66.97  ? 99   TYR A CG  1 
ATOM   713  C  CD1 . TYR A 1 99  ? 7.215   20.662  -8.046  1.00 67.70  ? 99   TYR A CD1 1 
ATOM   714  C  CD2 . TYR A 1 99  ? 7.380   20.226  -5.683  1.00 65.05  ? 99   TYR A CD2 1 
ATOM   715  C  CE1 . TYR A 1 99  ? 8.396   21.353  -8.018  1.00 64.93  ? 99   TYR A CE1 1 
ATOM   716  C  CE2 . TYR A 1 99  ? 8.558   20.916  -5.627  1.00 66.06  ? 99   TYR A CE2 1 
ATOM   717  C  CZ  . TYR A 1 99  ? 9.082   21.473  -6.806  1.00 68.17  ? 99   TYR A CZ  1 
ATOM   718  O  OH  . TYR A 1 99  ? 10.269  22.158  -6.774  1.00 62.00  ? 99   TYR A OH  1 
ATOM   719  N  N   . ILE A 1 100 ? 4.002   16.507  -5.871  1.00 62.75  ? 100  ILE A N   1 
ATOM   720  C  CA  . ILE A 1 100 ? 2.689   15.895  -5.616  1.00 60.87  ? 100  ILE A CA  1 
ATOM   721  C  C   . ILE A 1 100 ? 1.788   16.910  -4.906  1.00 59.00  ? 100  ILE A C   1 
ATOM   722  O  O   . ILE A 1 100 ? 2.120   17.386  -3.817  1.00 55.94  ? 100  ILE A O   1 
ATOM   723  C  CB  . ILE A 1 100 ? 2.808   14.586  -4.774  1.00 59.12  ? 100  ILE A CB  1 
ATOM   724  C  CG1 . ILE A 1 100 ? 3.659   13.538  -5.529  1.00 54.28  ? 100  ILE A CG1 1 
ATOM   725  C  CG2 . ILE A 1 100 ? 1.362   14.044  -4.413  1.00 55.30  ? 100  ILE A CG2 1 
ATOM   726  C  CD1 . ILE A 1 100 ? 4.163   12.379  -4.624  1.00 56.78  ? 100  ILE A CD1 1 
ATOM   727  N  N   . SER A 1 101 ? 0.666   17.256  -5.529  1.00 60.20  ? 101  SER A N   1 
ATOM   728  C  CA  . SER A 1 101 ? -0.283  18.182  -4.901  1.00 58.28  ? 101  SER A CA  1 
ATOM   729  C  C   . SER A 1 101 ? -1.308  17.410  -4.093  1.00 59.04  ? 101  SER A C   1 
ATOM   730  O  O   . SER A 1 101 ? -1.403  16.193  -4.212  1.00 58.57  ? 101  SER A O   1 
ATOM   731  C  CB  . SER A 1 101 ? -0.975  19.026  -5.964  1.00 56.97  ? 101  SER A CB  1 
ATOM   732  O  OG  . SER A 1 101 ? -1.624  18.163  -6.881  1.00 59.06  ? 101  SER A OG  1 
ATOM   733  N  N   . ALA A 1 102 ? -2.048  18.132  -3.251  1.00 63.21  ? 102  ALA A N   1 
ATOM   734  C  CA  . ALA A 1 102 ? -3.222  17.626  -2.549  1.00 61.60  ? 102  ALA A CA  1 
ATOM   735  C  C   . ALA A 1 102 ? -4.182  16.941  -3.533  1.00 63.20  ? 102  ALA A C   1 
ATOM   736  O  O   . ALA A 1 102 ? -4.699  15.853  -3.253  1.00 64.46  ? 102  ALA A O   1 
ATOM   737  C  CB  . ALA A 1 102 ? -3.929  18.784  -1.835  1.00 56.62  ? 102  ALA A CB  1 
ATOM   738  N  N   . ALA A 1 103 ? -4.404  17.571  -4.692  1.00 63.93  ? 103  ALA A N   1 
ATOM   739  C  CA  . ALA A 1 103 ? -5.394  17.052  -5.646  1.00 58.81  ? 103  ALA A CA  1 
ATOM   740  C  C   . ALA A 1 103 ? -4.905  15.723  -6.230  1.00 58.45  ? 103  ALA A C   1 
ATOM   741  O  O   . ALA A 1 103 ? -5.672  14.778  -6.355  1.00 62.09  ? 103  ALA A O   1 
ATOM   742  C  CB  . ALA A 1 103 ? -5.680  18.063  -6.728  1.00 53.51  ? 103  ALA A CB  1 
ATOM   743  N  N   . GLU A 1 104 ? -3.630  15.641  -6.585  1.00 58.50  ? 104  GLU A N   1 
ATOM   744  C  CA  . GLU A 1 104 ? -3.010  14.364  -7.018  1.00 59.81  ? 104  GLU A CA  1 
ATOM   745  C  C   . GLU A 1 104 ? -2.968  13.283  -5.923  1.00 60.56  ? 104  GLU A C   1 
ATOM   746  O  O   . GLU A 1 104 ? -3.144  12.096  -6.220  1.00 61.41  ? 104  GLU A O   1 
ATOM   747  C  CB  . GLU A 1 104 ? -1.561  14.583  -7.537  1.00 57.84  ? 104  GLU A CB  1 
ATOM   748  C  CG  . GLU A 1 104 ? -1.450  15.435  -8.805  1.00 59.84  ? 104  GLU A CG  1 
ATOM   749  C  CD  . GLU A 1 104 ? 0.003   15.861  -9.122  1.00 64.22  ? 104  GLU A CD  1 
ATOM   750  O  OE1 . GLU A 1 104 ? 0.353   15.993  -10.317 1.00 64.18  ? 104  GLU A OE1 1 
ATOM   751  O  OE2 . GLU A 1 104 ? 0.805   16.086  -8.182  1.00 61.24  ? 104  GLU A OE2 1 
ATOM   752  N  N   . LEU A 1 105 ? -2.704  13.678  -4.677  1.00 59.12  ? 105  LEU A N   1 
ATOM   753  C  CA  . LEU A 1 105 ? -2.779  12.728  -3.546  1.00 58.67  ? 105  LEU A CA  1 
ATOM   754  C  C   . LEU A 1 105 ? -4.205  12.185  -3.401  1.00 61.27  ? 105  LEU A C   1 
ATOM   755  O  O   . LEU A 1 105 ? -4.399  10.977  -3.259  1.00 57.44  ? 105  LEU A O   1 
ATOM   756  C  CB  . LEU A 1 105 ? -2.359  13.373  -2.236  1.00 58.62  ? 105  LEU A CB  1 
ATOM   757  C  CG  . LEU A 1 105 ? -2.244  12.512  -0.964  1.00 58.23  ? 105  LEU A CG  1 
ATOM   758  C  CD1 . LEU A 1 105 ? -1.475  11.191  -1.185  1.00 54.70  ? 105  LEU A CD1 1 
ATOM   759  C  CD2 . LEU A 1 105 ? -1.603  13.327  0.157   1.00 57.91  ? 105  LEU A CD2 1 
ATOM   760  N  N   . ARG A 1 106 ? -5.195  13.083  -3.452  1.00 60.45  ? 106  ARG A N   1 
ATOM   761  C  CA  . ARG A 1 106 ? -6.592  12.679  -3.422  1.00 61.82  ? 106  ARG A CA  1 
ATOM   762  C  C   . ARG A 1 106 ? -6.889  11.613  -4.481  1.00 60.56  ? 106  ARG A C   1 
ATOM   763  O  O   . ARG A 1 106 ? -7.468  10.584  -4.174  1.00 61.67  ? 106  ARG A O   1 
ATOM   764  C  CB  . ARG A 1 106 ? -7.529  13.889  -3.570  1.00 62.99  ? 106  ARG A CB  1 
ATOM   765  C  CG  . ARG A 1 106 ? -9.013  13.570  -3.547  1.00 67.82  ? 106  ARG A CG  1 
ATOM   766  C  CD  . ARG A 1 106 ? -9.419  12.647  -2.361  1.00 74.34  ? 106  ARG A CD  1 
ATOM   767  N  NE  . ARG A 1 106 ? -10.343 13.304  -1.426  1.00 77.99  ? 106  ARG A NE  1 
ATOM   768  C  CZ  . ARG A 1 106 ? -10.862 12.744  -0.333  1.00 79.38  ? 106  ARG A CZ  1 
ATOM   769  N  NH1 . ARG A 1 106 ? -10.556 11.493  -0.018  1.00 81.20  ? 106  ARG A NH1 1 
ATOM   770  N  NH2 . ARG A 1 106 ? -11.689 13.438  0.453   1.00 79.99  ? 106  ARG A NH2 1 
ATOM   771  N  N   . HIS A 1 107 ? -6.487  11.834  -5.722  1.00 58.42  ? 107  HIS A N   1 
ATOM   772  C  CA  . HIS A 1 107 ? -6.764  10.831  -6.735  1.00 61.03  ? 107  HIS A CA  1 
ATOM   773  C  C   . HIS A 1 107 ? -6.240  9.431   -6.349  1.00 62.89  ? 107  HIS A C   1 
ATOM   774  O  O   . HIS A 1 107 ? -6.934  8.424   -6.549  1.00 64.96  ? 107  HIS A O   1 
ATOM   775  C  CB  . HIS A 1 107 ? -6.207  11.244  -8.095  1.00 61.27  ? 107  HIS A CB  1 
ATOM   776  C  CG  . HIS A 1 107 ? -6.970  12.352  -8.746  1.00 62.56  ? 107  HIS A CG  1 
ATOM   777  N  ND1 . HIS A 1 107 ? -8.260  12.193  -9.200  1.00 65.65  ? 107  HIS A ND1 1 
ATOM   778  C  CD2 . HIS A 1 107 ? -6.627  13.630  -9.035  1.00 63.66  ? 107  HIS A CD2 1 
ATOM   779  C  CE1 . HIS A 1 107 ? -8.684  13.326  -9.735  1.00 63.26  ? 107  HIS A CE1 1 
ATOM   780  N  NE2 . HIS A 1 107 ? -7.713  14.212  -9.649  1.00 67.25  ? 107  HIS A NE2 1 
ATOM   781  N  N   . VAL A 1 108 ? -5.005  9.373   -5.857  1.00 63.88  ? 108  VAL A N   1 
ATOM   782  C  CA  . VAL A 1 108 ? -4.364  8.123   -5.458  1.00 63.62  ? 108  VAL A CA  1 
ATOM   783  C  C   . VAL A 1 108 ? -5.158  7.391   -4.391  1.00 63.58  ? 108  VAL A C   1 
ATOM   784  O  O   . VAL A 1 108 ? -5.443  6.190   -4.536  1.00 61.52  ? 108  VAL A O   1 
ATOM   785  C  CB  . VAL A 1 108 ? -2.896  8.362   -4.971  1.00 67.09  ? 108  VAL A CB  1 
ATOM   786  C  CG1 . VAL A 1 108 ? -2.345  7.123   -4.259  1.00 64.80  ? 108  VAL A CG1 1 
ATOM   787  C  CG2 . VAL A 1 108 ? -1.996  8.745   -6.148  1.00 62.83  ? 108  VAL A CG2 1 
ATOM   788  N  N   . MET A 1 109 ? -5.538  8.127   -3.344  1.00 62.73  ? 109  MET A N   1 
ATOM   789  C  CA  . MET A 1 109 ? -6.366  7.606   -2.260  1.00 64.89  ? 109  MET A CA  1 
ATOM   790  C  C   . MET A 1 109 ? -7.665  7.023   -2.767  1.00 63.42  ? 109  MET A C   1 
ATOM   791  O  O   . MET A 1 109 ? -8.093  5.947   -2.333  1.00 60.04  ? 109  MET A O   1 
ATOM   792  C  CB  . MET A 1 109 ? -6.680  8.714   -1.246  1.00 67.87  ? 109  MET A CB  1 
ATOM   793  C  CG  . MET A 1 109 ? -5.456  9.277   -0.510  1.00 74.58  ? 109  MET A CG  1 
ATOM   794  S  SD  . MET A 1 109 ? -4.421  8.053   0.339   1.00 80.58  ? 109  MET A SD  1 
ATOM   795  C  CE  . MET A 1 109 ? -5.574  7.629   1.639   1.00 78.60  ? 109  MET A CE  1 
ATOM   796  N  N   . THR A 1 110 ? -8.312  7.771   -3.649  1.00 61.52  ? 110  THR A N   1 
ATOM   797  C  CA  . THR A 1 110 ? -9.514  7.289   -4.306  1.00 63.12  ? 110  THR A CA  1 
ATOM   798  C  C   . THR A 1 110 ? -9.245  5.956   -5.005  1.00 62.82  ? 110  THR A C   1 
ATOM   799  O  O   . THR A 1 110 ? -9.936  4.976   -4.796  1.00 61.36  ? 110  THR A O   1 
ATOM   800  C  CB  . THR A 1 110 ? -10.101 8.332   -5.281  1.00 63.29  ? 110  THR A CB  1 
ATOM   801  O  OG1 . THR A 1 110 ? -10.419 9.516   -4.553  1.00 63.33  ? 110  THR A OG1 1 
ATOM   802  C  CG2 . THR A 1 110 ? -11.362 7.761   -5.996  1.00 59.25  ? 110  THR A CG2 1 
ATOM   803  N  N   . ASN A 1 111 ? -8.199  5.948   -5.819  1.00 61.35  ? 111  ASN A N   1 
ATOM   804  C  CA  . ASN A 1 111 ? -7.884  4.786   -6.623  1.00 65.57  ? 111  ASN A CA  1 
ATOM   805  C  C   . ASN A 1 111 ? -7.533  3.607   -5.735  1.00 66.95  ? 111  ASN A C   1 
ATOM   806  O  O   . ASN A 1 111 ? -7.612  2.456   -6.146  1.00 62.89  ? 111  ASN A O   1 
ATOM   807  C  CB  . ASN A 1 111 ? -6.767  5.125   -7.632  1.00 63.62  ? 111  ASN A CB  1 
ATOM   808  C  CG  . ASN A 1 111 ? -7.279  6.018   -8.781  1.00 65.42  ? 111  ASN A CG  1 
ATOM   809  O  OD1 . ASN A 1 111 ? -8.498  6.198   -8.967  1.00 62.59  ? 111  ASN A OD1 1 
ATOM   810  N  ND2 . ASN A 1 111 ? -6.361  6.572   -9.549  1.00 62.98  ? 111  ASN A ND2 1 
ATOM   811  N  N   . LEU A 1 112 ? -7.115  3.955   -4.526  1.00 71.67  ? 112  LEU A N   1 
ATOM   812  C  CA  . LEU A 1 112 ? -6.894  3.013   -3.471  1.00 75.08  ? 112  LEU A CA  1 
ATOM   813  C  C   . LEU A 1 112 ? -8.189  2.729   -2.741  1.00 77.51  ? 112  LEU A C   1 
ATOM   814  O  O   . LEU A 1 112 ? -8.157  1.745   -1.948  1.00 78.35  ? 112  LEU A O   1 
ATOM   815  C  CB  . LEU A 1 112 ? -5.818  3.504   -2.494  1.00 72.37  ? 112  LEU A CB  1 
ATOM   816  C  CG  . LEU A 1 112 ? -4.390  3.219   -2.945  1.00 74.63  ? 112  LEU A CG  1 
ATOM   817  C  CD1 . LEU A 1 112 ? -3.395  3.822   -1.967  1.00 74.34  ? 112  LEU A CD1 1 
ATOM   818  C  CD2 . LEU A 1 112 ? -4.134  1.719   -3.175  1.00 71.47  ? 112  LEU A CD2 1 
ATOM   819  N  N   . GLY A 1 113 ? -9.247  3.577   -2.989  1.00 83.10  ? 113  GLY A N   1 
ATOM   820  C  CA  . GLY A 1 113 ? -10.652 3.404   -2.429  1.00 85.61  ? 113  GLY A CA  1 
ATOM   821  C  C   . GLY A 1 113 ? -11.208 4.451   -1.490  1.00 89.88  ? 113  GLY A C   1 
ATOM   822  O  O   . GLY A 1 113 ? -12.425 4.480   -1.248  1.00 93.03  ? 113  GLY A O   1 
ATOM   823  N  N   . GLU A 1 114 ? -10.344 5.315   -0.957  1.00 92.48  ? 114  GLU A N   1 
ATOM   824  C  CA  . GLU A 1 114 ? -10.784 6.334   -0.002  1.00 93.32  ? 114  GLU A CA  1 
ATOM   825  C  C   . GLU A 1 114 ? -11.383 7.532   -0.695  1.00 94.36  ? 114  GLU A C   1 
ATOM   826  O  O   . GLU A 1 114 ? -10.862 7.997   -1.701  1.00 98.07  ? 114  GLU A O   1 
ATOM   827  C  CB  . GLU A 1 114 ? -9.631  6.779   0.854   1.00 91.87  ? 114  GLU A CB  1 
ATOM   828  C  CG  . GLU A 1 114 ? -9.256  5.719   1.875   1.00 92.01  ? 114  GLU A CG  1 
ATOM   829  C  CD  . GLU A 1 114 ? -10.391 5.427   2.881   1.00 93.40  ? 114  GLU A CD  1 
ATOM   830  O  OE1 . GLU A 1 114 ? -11.071 6.397   3.313   1.00 93.16  ? 114  GLU A OE1 1 
ATOM   831  O  OE2 . GLU A 1 114 ? -10.615 4.233   3.226   1.00 93.90  ? 114  GLU A OE2 1 
ATOM   832  N  N   . LYS A 1 115 ? -12.464 8.046   -0.126  1.00 92.88  ? 115  LYS A N   1 
ATOM   833  C  CA  . LYS A 1 115 ? -13.216 9.168   -0.725  1.00 91.45  ? 115  LYS A CA  1 
ATOM   834  C  C   . LYS A 1 115 ? -13.622 10.177  0.340   1.00 90.63  ? 115  LYS A C   1 
ATOM   835  O  O   . LYS A 1 115 ? -14.686 10.807  0.268   1.00 89.15  ? 115  LYS A O   1 
ATOM   836  C  CB  . LYS A 1 115 ? -14.446 8.673   -1.497  1.00 93.11  ? 115  LYS A CB  1 
ATOM   837  N  N   . LEU A 1 116 ? -12.744 10.305  1.331   1.00 89.07  ? 116  LEU A N   1 
ATOM   838  C  CA  . LEU A 1 116 ? -12.874 11.253  2.453   1.00 88.86  ? 116  LEU A CA  1 
ATOM   839  C  C   . LEU A 1 116 ? -11.559 11.253  3.286   1.00 84.75  ? 116  LEU A C   1 
ATOM   840  O  O   . LEU A 1 116 ? -10.886 10.228  3.371   1.00 87.47  ? 116  LEU A O   1 
ATOM   841  C  CB  . LEU A 1 116 ? -14.100 10.905  3.346   1.00 87.89  ? 116  LEU A CB  1 
ATOM   842  N  N   . THR A 1 117 ? -11.167 12.362  3.916   1.00 80.27  ? 117  THR A N   1 
ATOM   843  C  CA  . THR A 1 117 ? -11.798 13.668  3.857   1.00 77.01  ? 117  THR A CA  1 
ATOM   844  C  C   . THR A 1 117 ? -10.795 14.602  3.181   1.00 80.48  ? 117  THR A C   1 
ATOM   845  O  O   . THR A 1 117 ? -9.630  14.205  2.948   1.00 79.89  ? 117  THR A O   1 
ATOM   846  C  CB  . THR A 1 117 ? -12.146 14.182  5.301   1.00 76.99  ? 117  THR A CB  1 
ATOM   847  O  OG1 . THR A 1 117 ? -10.964 14.563  6.013   1.00 71.39  ? 117  THR A OG1 1 
ATOM   848  C  CG2 . THR A 1 117 ? -12.878 13.106  6.132   1.00 76.41  ? 117  THR A CG2 1 
ATOM   849  N  N   . ASP A 1 118 ? -11.211 15.829  2.867   1.00 79.99  ? 118  ASP A N   1 
ATOM   850  C  CA  . ASP A 1 118 ? -10.251 16.827  2.367   1.00 74.74  ? 118  ASP A CA  1 
ATOM   851  C  C   . ASP A 1 118 ? -9.225  17.279  3.389   1.00 73.75  ? 118  ASP A C   1 
ATOM   852  O  O   . ASP A 1 118 ? -8.028  17.313  3.091   1.00 75.13  ? 118  ASP A O   1 
ATOM   853  C  CB  . ASP A 1 118 ? -10.948 18.037  1.788   1.00 78.50  ? 118  ASP A CB  1 
ATOM   854  C  CG  . ASP A 1 118 ? -11.094 17.951  0.276   1.00 79.88  ? 118  ASP A CG  1 
ATOM   855  O  OD1 . ASP A 1 118 ? -10.952 19.000  -0.398  1.00 82.37  ? 118  ASP A OD1 1 
ATOM   856  O  OD2 . ASP A 1 118 ? -11.336 16.834  -0.240  1.00 80.44  ? 118  ASP A OD2 1 
ATOM   857  N  N   . GLU A 1 119 ? -9.684  17.670  4.577   1.00 69.57  ? 119  GLU A N   1 
ATOM   858  C  CA  . GLU A 1 119 ? -8.788  18.050  5.687   1.00 67.69  ? 119  GLU A CA  1 
ATOM   859  C  C   . GLU A 1 119 ? -7.681  17.001  5.938   1.00 66.25  ? 119  GLU A C   1 
ATOM   860  O  O   . GLU A 1 119 ? -6.530  17.331  6.280   1.00 63.44  ? 119  GLU A O   1 
ATOM   861  C  CB  . GLU A 1 119 ? -9.590  18.311  6.976   1.00 63.68  ? 119  GLU A CB  1 
ATOM   862  N  N   . GLU A 1 120 ? -8.051  15.740  5.741   1.00 65.17  ? 120  GLU A N   1 
ATOM   863  C  CA  . GLU A 1 120 ? -7.144  14.628  5.953   1.00 67.99  ? 120  GLU A CA  1 
ATOM   864  C  C   . GLU A 1 120 ? -6.138  14.472  4.822   1.00 63.61  ? 120  GLU A C   1 
ATOM   865  O  O   . GLU A 1 120 ? -5.013  14.027  5.049   1.00 64.35  ? 120  GLU A O   1 
ATOM   866  C  CB  . GLU A 1 120 ? -7.946  13.330  6.139   1.00 68.84  ? 120  GLU A CB  1 
ATOM   867  C  CG  . GLU A 1 120 ? -8.358  13.116  7.580   1.00 74.34  ? 120  GLU A CG  1 
ATOM   868  C  CD  . GLU A 1 120 ? -9.374  11.987  7.780   1.00 78.85  ? 120  GLU A CD  1 
ATOM   869  O  OE1 . GLU A 1 120 ? -10.007 11.535  6.791   1.00 78.99  ? 120  GLU A OE1 1 
ATOM   870  O  OE2 . GLU A 1 120 ? -9.557  11.565  8.950   1.00 81.53  ? 120  GLU A OE2 1 
ATOM   871  N  N   . VAL A 1 121 ? -6.567  14.840  3.615   1.00 62.83  ? 121  VAL A N   1 
ATOM   872  C  CA  . VAL A 1 121 ? -5.691  14.922  2.457   1.00 66.33  ? 121  VAL A CA  1 
ATOM   873  C  C   . VAL A 1 121 ? -4.647  16.013  2.686   1.00 62.94  ? 121  VAL A C   1 
ATOM   874  O  O   . VAL A 1 121 ? -3.471  15.771  2.554   1.00 63.79  ? 121  VAL A O   1 
ATOM   875  C  CB  . VAL A 1 121 ? -6.485  15.207  1.144   1.00 66.91  ? 121  VAL A CB  1 
ATOM   876  C  CG1 . VAL A 1 121 ? -5.509  15.441  -0.046  1.00 66.61  ? 121  VAL A CG1 1 
ATOM   877  C  CG2 . VAL A 1 121 ? -7.440  14.064  0.854   1.00 65.77  ? 121  VAL A CG2 1 
ATOM   878  N  N   . ASP A 1 122 ? -5.101  17.208  3.054   1.00 64.42  ? 122  ASP A N   1 
ATOM   879  C  CA  . ASP A 1 122 ? -4.191  18.277  3.443   1.00 63.38  ? 122  ASP A CA  1 
ATOM   880  C  C   . ASP A 1 122 ? -3.260  17.851  4.560   1.00 62.98  ? 122  ASP A C   1 
ATOM   881  O  O   . ASP A 1 122 ? -2.064  18.086  4.486   1.00 59.78  ? 122  ASP A O   1 
ATOM   882  C  CB  . ASP A 1 122 ? -4.953  19.513  3.881   1.00 62.41  ? 122  ASP A CB  1 
ATOM   883  C  CG  . ASP A 1 122 ? -5.642  20.190  2.741   1.00 64.19  ? 122  ASP A CG  1 
ATOM   884  O  OD1 . ASP A 1 122 ? -5.229  19.934  1.608   1.00 64.65  ? 122  ASP A OD1 1 
ATOM   885  O  OD2 . ASP A 1 122 ? -6.608  20.954  2.963   1.00 67.39  ? 122  ASP A OD2 1 
ATOM   886  N  N   . GLU A 1 123 ? -3.825  17.250  5.600   1.00 63.79  ? 123  GLU A N   1 
ATOM   887  C  CA  . GLU A 1 123 ? -3.046  16.757  6.710   1.00 68.04  ? 123  GLU A CA  1 
ATOM   888  C  C   . GLU A 1 123 ? -1.908  15.875  6.219   1.00 64.40  ? 123  GLU A C   1 
ATOM   889  O  O   . GLU A 1 123 ? -0.805  15.957  6.736   1.00 64.45  ? 123  GLU A O   1 
ATOM   890  C  CB  . GLU A 1 123 ? -3.953  15.987  7.674   1.00 72.54  ? 123  GLU A CB  1 
ATOM   891  C  CG  . GLU A 1 123 ? -3.474  15.918  9.127   1.00 80.56  ? 123  GLU A CG  1 
ATOM   892  C  CD  . GLU A 1 123 ? -4.478  15.203  10.042  1.00 84.92  ? 123  GLU A CD  1 
ATOM   893  O  OE1 . GLU A 1 123 ? -5.651  15.000  9.636   1.00 85.87  ? 123  GLU A OE1 1 
ATOM   894  O  OE2 . GLU A 1 123 ? -4.091  14.855  11.184  1.00 89.11  ? 123  GLU A OE2 1 
ATOM   895  N  N   . MET A 1 124 ? -2.188  15.014  5.247   1.00 64.14  ? 124  MET A N   1 
ATOM   896  C  CA  . MET A 1 124 ? -1.186  14.057  4.763   1.00 61.62  ? 124  MET A CA  1 
ATOM   897  C  C   . MET A 1 124 ? -0.098  14.812  4.053   1.00 63.25  ? 124  MET A C   1 
ATOM   898  O  O   . MET A 1 124 ? 1.103   14.458  4.158   1.00 64.03  ? 124  MET A O   1 
ATOM   899  C  CB  . MET A 1 124 ? -1.792  13.047  3.782   1.00 63.47  ? 124  MET A CB  1 
ATOM   900  C  CG  . MET A 1 124 ? -2.686  11.987  4.396   1.00 67.25  ? 124  MET A CG  1 
ATOM   901  S  SD  . MET A 1 124 ? -3.521  11.017  3.130   1.00 69.18  ? 124  MET A SD  1 
ATOM   902  C  CE  . MET A 1 124 ? -2.259  9.802   2.724   1.00 66.60  ? 124  MET A CE  1 
ATOM   903  N  N   . ILE A 1 125 ? -0.507  15.857  3.324   1.00 57.86  ? 125  ILE A N   1 
ATOM   904  C  CA  . ILE A 1 125 ? 0.443   16.697  2.596   1.00 60.04  ? 125  ILE A CA  1 
ATOM   905  C  C   . ILE A 1 125 ? 1.329   17.445  3.570   1.00 61.55  ? 125  ILE A C   1 
ATOM   906  O  O   . ILE A 1 125 ? 2.563   17.540  3.415   1.00 61.38  ? 125  ILE A O   1 
ATOM   907  C  CB  . ILE A 1 125 ? -0.258  17.734  1.643   1.00 60.33  ? 125  ILE A CB  1 
ATOM   908  C  CG1 . ILE A 1 125 ? -0.982  17.033  0.478   1.00 58.97  ? 125  ILE A CG1 1 
ATOM   909  C  CG2 . ILE A 1 125 ? 0.777   18.768  1.098   1.00 57.72  ? 125  ILE A CG2 1 
ATOM   910  C  CD1 . ILE A 1 125 ? -0.020  16.425  -0.559  1.00 62.43  ? 125  ILE A CD1 1 
ATOM   911  N  N   . ARG A 1 126 ? 0.668   17.993  4.568   1.00 60.60  ? 126  ARG A N   1 
ATOM   912  C  CA  . ARG A 1 126 ? 1.303   18.791  5.573   1.00 66.01  ? 126  ARG A CA  1 
ATOM   913  C  C   . ARG A 1 126 ? 2.390   17.992  6.301   1.00 67.83  ? 126  ARG A C   1 
ATOM   914  O  O   . ARG A 1 126 ? 3.464   18.510  6.580   1.00 67.21  ? 126  ARG A O   1 
ATOM   915  C  CB  . ARG A 1 126 ? 0.232   19.261  6.530   1.00 64.51  ? 126  ARG A CB  1 
ATOM   916  C  CG  . ARG A 1 126 ? 0.662   20.203  7.556   1.00 70.39  ? 126  ARG A CG  1 
ATOM   917  C  CD  . ARG A 1 126 ? -0.477  21.156  7.841   1.00 71.78  ? 126  ARG A CD  1 
ATOM   918  N  NE  . ARG A 1 126 ? -1.576  20.508  8.561   1.00 77.41  ? 126  ARG A NE  1 
ATOM   919  C  CZ  . ARG A 1 126 ? -2.839  20.452  8.141   1.00 75.63  ? 126  ARG A CZ  1 
ATOM   920  N  NH1 . ARG A 1 126 ? -3.207  20.996  6.982   1.00 75.66  ? 126  ARG A NH1 1 
ATOM   921  N  NH2 . ARG A 1 126 ? -3.739  19.860  8.906   1.00 78.32  ? 126  ARG A NH2 1 
ATOM   922  N  N   . GLU A 1 127 ? 2.110   16.736  6.608   1.00 66.58  ? 127  GLU A N   1 
ATOM   923  C  CA  . GLU A 1 127 ? 3.054   15.930  7.356   1.00 68.47  ? 127  GLU A CA  1 
ATOM   924  C  C   . GLU A 1 127 ? 4.272   15.493  6.546   1.00 66.27  ? 127  GLU A C   1 
ATOM   925  O  O   . GLU A 1 127 ? 5.366   15.394  7.085   1.00 68.25  ? 127  GLU A O   1 
ATOM   926  C  CB  . GLU A 1 127 ? 2.349   14.731  7.978   1.00 69.58  ? 127  GLU A CB  1 
ATOM   927  C  CG  . GLU A 1 127 ? 1.804   15.056  9.385   1.00 77.52  ? 127  GLU A CG  1 
ATOM   928  C  CD  . GLU A 1 127 ? 0.950   13.937  9.990   1.00 82.78  ? 127  GLU A CD  1 
ATOM   929  O  OE1 . GLU A 1 127 ? 0.905   12.828  9.403   1.00 83.65  ? 127  GLU A OE1 1 
ATOM   930  O  OE2 . GLU A 1 127 ? 0.318   14.169  11.054  1.00 84.12  ? 127  GLU A OE2 1 
ATOM   931  N  N   . ALA A 1 128 ? 4.075   15.265  5.255   1.00 63.36  ? 128  ALA A N   1 
ATOM   932  C  CA  . ALA A 1 128 ? 5.168   14.891  4.357   1.00 62.36  ? 128  ALA A CA  1 
ATOM   933  C  C   . ALA A 1 128 ? 5.962   16.091  3.880   1.00 64.54  ? 128  ALA A C   1 
ATOM   934  O  O   . ALA A 1 128 ? 7.034   15.925  3.296   1.00 63.69  ? 128  ALA A O   1 
ATOM   935  C  CB  . ALA A 1 128 ? 4.615   14.168  3.161   1.00 64.83  ? 128  ALA A CB  1 
ATOM   936  N  N   . ASP A 1 129 ? 5.440   17.293  4.126   1.00 63.24  ? 129  ASP A N   1 
ATOM   937  C  CA  . ASP A 1 129 ? 5.996   18.510  3.545   1.00 65.83  ? 129  ASP A CA  1 
ATOM   938  C  C   . ASP A 1 129 ? 7.086   19.118  4.430   1.00 68.82  ? 129  ASP A C   1 
ATOM   939  O  O   . ASP A 1 129 ? 6.791   19.904  5.319   1.00 73.48  ? 129  ASP A O   1 
ATOM   940  C  CB  . ASP A 1 129 ? 4.880   19.533  3.274   1.00 61.62  ? 129  ASP A CB  1 
ATOM   941  C  CG  . ASP A 1 129 ? 5.378   20.823  2.612   1.00 58.72  ? 129  ASP A CG  1 
ATOM   942  O  OD1 . ASP A 1 129 ? 4.690   21.851  2.750   1.00 57.94  ? 129  ASP A OD1 1 
ATOM   943  O  OD2 . ASP A 1 129 ? 6.445   20.846  1.963   1.00 59.13  ? 129  ASP A OD2 1 
ATOM   944  N  N   . ILE A 1 130 ? 8.339   18.775  4.150   1.00 70.12  ? 130  ILE A N   1 
ATOM   945  C  CA  . ILE A 1 130 ? 9.512   19.308  4.871   1.00 66.93  ? 130  ILE A CA  1 
ATOM   946  C  C   . ILE A 1 130 ? 9.809   20.786  4.565   1.00 64.66  ? 130  ILE A C   1 
ATOM   947  O  O   . ILE A 1 130 ? 9.864   21.613  5.488   1.00 65.61  ? 130  ILE A O   1 
ATOM   948  C  CB  . ILE A 1 130 ? 10.754  18.416  4.618   1.00 66.65  ? 130  ILE A CB  1 
ATOM   949  C  CG1 . ILE A 1 130 ? 10.445  16.973  5.020   1.00 65.49  ? 130  ILE A CG1 1 
ATOM   950  C  CG2 . ILE A 1 130 ? 12.003  18.903  5.412   1.00 64.59  ? 130  ILE A CG2 1 
ATOM   951  C  CD1 . ILE A 1 130 ? 11.363  15.956  4.308   1.00 66.63  ? 130  ILE A CD1 1 
ATOM   952  N  N   . ASP A 1 131 ? 9.962   21.144  3.292   1.00 61.63  ? 131  ASP A N   1 
ATOM   953  C  CA  . ASP A 1 131 ? 10.297  22.539  2.961   1.00 59.43  ? 131  ASP A CA  1 
ATOM   954  C  C   . ASP A 1 131 ? 9.210   23.599  3.133   1.00 59.70  ? 131  ASP A C   1 
ATOM   955  O  O   . ASP A 1 131 ? 9.514   24.781  3.079   1.00 61.57  ? 131  ASP A O   1 
ATOM   956  C  CB  . ASP A 1 131 ? 10.917  22.681  1.565   1.00 62.21  ? 131  ASP A CB  1 
ATOM   957  C  CG  . ASP A 1 131 ? 10.005  22.238  0.457   1.00 63.05  ? 131  ASP A CG  1 
ATOM   958  O  OD1 . ASP A 1 131 ? 8.736   22.235  0.598   1.00 70.29  ? 131  ASP A OD1 1 
ATOM   959  O  OD2 . ASP A 1 131 ? 10.557  21.884  -0.585  1.00 59.64  ? 131  ASP A OD2 1 
ATOM   960  N  N   . GLY A 1 132 ? 7.950   23.177  3.296   1.00 62.42  ? 132  GLY A N   1 
ATOM   961  C  CA  . GLY A 1 132 ? 6.841   24.096  3.544   1.00 58.43  ? 132  GLY A CA  1 
ATOM   962  C  C   . GLY A 1 132 ? 6.148   24.693  2.319   1.00 61.90  ? 132  GLY A C   1 
ATOM   963  O  O   . GLY A 1 132 ? 5.331   25.613  2.449   1.00 58.46  ? 132  GLY A O   1 
ATOM   964  N  N   . ASP A 1 133 ? 6.448   24.180  1.124   1.00 58.51  ? 133  ASP A N   1 
ATOM   965  C  CA  . ASP A 1 133 ? 5.884   24.774  -0.077  1.00 59.27  ? 133  ASP A CA  1 
ATOM   966  C  C   . ASP A 1 133 ? 4.466   24.289  -0.376  1.00 58.18  ? 133  ASP A C   1 
ATOM   967  O  O   . ASP A 1 133 ? 3.882   24.652  -1.389  1.00 57.45  ? 133  ASP A O   1 
ATOM   968  C  CB  . ASP A 1 133 ? 6.817   24.533  -1.272  1.00 56.26  ? 133  ASP A CB  1 
ATOM   969  C  CG  . ASP A 1 133 ? 6.815   23.091  -1.718  1.00 59.15  ? 133  ASP A CG  1 
ATOM   970  O  OD1 . ASP A 1 133 ? 7.480   22.817  -2.722  1.00 56.18  ? 133  ASP A OD1 1 
ATOM   971  O  OD2 . ASP A 1 133 ? 6.096   22.241  -1.097  1.00 60.20  ? 133  ASP A OD2 1 
ATOM   972  N  N   . GLY A 1 134 ? 3.924   23.438  0.489   1.00 61.15  ? 134  GLY A N   1 
ATOM   973  C  CA  . GLY A 1 134 ? 2.548   22.973  0.327   1.00 57.59  ? 134  GLY A CA  1 
ATOM   974  C  C   . GLY A 1 134 ? 2.396   21.741  -0.536  1.00 58.02  ? 134  GLY A C   1 
ATOM   975  O  O   . GLY A 1 134 ? 1.287   21.274  -0.758  1.00 63.81  ? 134  GLY A O   1 
ATOM   976  N  N   . GLN A 1 135 ? 3.489   21.191  -1.041  1.00 61.65  ? 135  GLN A N   1 
ATOM   977  C  CA  . GLN A 1 135 ? 3.384   20.009  -1.889  1.00 61.10  ? 135  GLN A CA  1 
ATOM   978  C  C   . GLN A 1 135 ? 4.467   19.042  -1.495  1.00 61.66  ? 135  GLN A C   1 
ATOM   979  O  O   . GLN A 1 135 ? 5.323   19.383  -0.692  1.00 63.77  ? 135  GLN A O   1 
ATOM   980  C  CB  . GLN A 1 135 ? 3.568   20.353  -3.378  1.00 64.02  ? 135  GLN A CB  1 
ATOM   981  C  CG  . GLN A 1 135 ? 3.142   21.734  -3.805  1.00 65.00  ? 135  GLN A CG  1 
ATOM   982  C  CD  . GLN A 1 135 ? 3.242   21.946  -5.329  1.00 65.17  ? 135  GLN A CD  1 
ATOM   983  O  OE1 . GLN A 1 135 ? 4.184   22.585  -5.828  1.00 64.33  ? 135  GLN A OE1 1 
ATOM   984  N  NE2 . GLN A 1 135 ? 2.291   21.402  -6.056  1.00 61.67  ? 135  GLN A NE2 1 
ATOM   985  N  N   . VAL A 1 136 ? 4.467   17.862  -2.116  1.00 62.46  ? 136  VAL A N   1 
ATOM   986  C  CA  . VAL A 1 136 ? 5.478   16.820  -1.850  1.00 61.19  ? 136  VAL A CA  1 
ATOM   987  C  C   . VAL A 1 136 ? 6.416   16.552  -3.051  1.00 58.53  ? 136  VAL A C   1 
ATOM   988  O  O   . VAL A 1 136 ? 5.996   16.027  -4.082  1.00 64.55  ? 136  VAL A O   1 
ATOM   989  C  CB  . VAL A 1 136 ? 4.785   15.551  -1.324  1.00 58.04  ? 136  VAL A CB  1 
ATOM   990  C  CG1 . VAL A 1 136 ? 5.782   14.457  -0.942  1.00 60.51  ? 136  VAL A CG1 1 
ATOM   991  C  CG2 . VAL A 1 136 ? 3.987   15.907  -0.101  1.00 61.48  ? 136  VAL A CG2 1 
ATOM   992  N  N   . ASN A 1 137 ? 7.679   16.954  -2.938  1.00 63.42  ? 137  ASN A N   1 
ATOM   993  C  CA  . ASN A 1 137 ? 8.692   16.672  -3.987  1.00 63.50  ? 137  ASN A CA  1 
ATOM   994  C  C   . ASN A 1 137 ? 9.233   15.239  -3.828  1.00 62.27  ? 137  ASN A C   1 
ATOM   995  O  O   . ASN A 1 137 ? 8.760   14.489  -2.975  1.00 65.16  ? 137  ASN A O   1 
ATOM   996  C  CB  . ASN A 1 137 ? 9.810   17.708  -3.983  1.00 59.54  ? 137  ASN A CB  1 
ATOM   997  C  CG  . ASN A 1 137 ? 10.747  17.556  -2.794  1.00 62.15  ? 137  ASN A CG  1 
ATOM   998  O  OD1 . ASN A 1 137 ? 10.780  16.496  -2.133  1.00 64.50  ? 137  ASN A OD1 1 
ATOM   999  N  ND2 . ASN A 1 137 ? 11.540  18.610  -2.520  1.00 55.03  ? 137  ASN A ND2 1 
ATOM   1000 N  N   . TYR A 1 138 ? 10.164  14.841  -4.678  1.00 65.82  ? 138  TYR A N   1 
ATOM   1001 C  CA  . TYR A 1 138 ? 10.594  13.442  -4.736  1.00 66.53  ? 138  TYR A CA  1 
ATOM   1002 C  C   . TYR A 1 138 ? 11.263  12.972  -3.437  1.00 65.22  ? 138  TYR A C   1 
ATOM   1003 O  O   . TYR A 1 138 ? 11.048  11.845  -2.973  1.00 61.47  ? 138  TYR A O   1 
ATOM   1004 C  CB  . TYR A 1 138 ? 11.546  13.224  -5.922  1.00 64.46  ? 138  TYR A CB  1 
ATOM   1005 C  CG  . TYR A 1 138 ? 12.218  11.879  -5.806  1.00 63.55  ? 138  TYR A CG  1 
ATOM   1006 C  CD1 . TYR A 1 138 ? 13.562  11.770  -5.532  1.00 65.12  ? 138  TYR A CD1 1 
ATOM   1007 C  CD2 . TYR A 1 138 ? 11.474  10.722  -5.919  1.00 65.77  ? 138  TYR A CD2 1 
ATOM   1008 C  CE1 . TYR A 1 138 ? 14.159  10.522  -5.406  1.00 71.25  ? 138  TYR A CE1 1 
ATOM   1009 C  CE2 . TYR A 1 138 ? 12.040  9.473   -5.779  1.00 67.86  ? 138  TYR A CE2 1 
ATOM   1010 C  CZ  . TYR A 1 138 ? 13.378  9.371   -5.520  1.00 70.28  ? 138  TYR A CZ  1 
ATOM   1011 O  OH  . TYR A 1 138 ? 13.954  8.121   -5.400  1.00 72.10  ? 138  TYR A OH  1 
ATOM   1012 N  N   . GLU A 1 139 ? 12.106  13.835  -2.870  1.00 67.56  ? 139  GLU A N   1 
ATOM   1013 C  CA  . GLU A 1 139 ? 12.846  13.483  -1.660  1.00 68.56  ? 139  GLU A CA  1 
ATOM   1014 C  C   . GLU A 1 139 ? 11.909  13.440  -0.473  1.00 67.64  ? 139  GLU A C   1 
ATOM   1015 O  O   . GLU A 1 139 ? 12.138  12.660  0.447   1.00 64.24  ? 139  GLU A O   1 
ATOM   1016 C  CB  . GLU A 1 139 ? 13.959  14.486  -1.374  1.00 73.10  ? 139  GLU A CB  1 
ATOM   1017 C  CG  . GLU A 1 139 ? 15.229  14.283  -2.200  1.00 75.17  ? 139  GLU A CG  1 
ATOM   1018 C  CD  . GLU A 1 139 ? 15.927  12.941  -1.915  1.00 78.12  ? 139  GLU A CD  1 
ATOM   1019 O  OE1 . GLU A 1 139 ? 15.793  12.392  -0.776  1.00 80.27  ? 139  GLU A OE1 1 
ATOM   1020 O  OE2 . GLU A 1 139 ? 16.625  12.451  -2.834  1.00 74.89  ? 139  GLU A OE2 1 
ATOM   1021 N  N   . GLU A 1 140 ? 10.870  14.288  -0.492  1.00 63.23  ? 140  GLU A N   1 
ATOM   1022 C  CA  . GLU A 1 140 ? 9.936   14.344  0.634   1.00 65.34  ? 140  GLU A CA  1 
ATOM   1023 C  C   . GLU A 1 140 ? 9.115   13.095  0.585   1.00 67.30  ? 140  GLU A C   1 
ATOM   1024 O  O   . GLU A 1 140 ? 8.746   12.545  1.609   1.00 68.04  ? 140  GLU A O   1 
ATOM   1025 C  CB  . GLU A 1 140 ? 9.006   15.538  0.556   1.00 62.33  ? 140  GLU A CB  1 
ATOM   1026 C  CG  . GLU A 1 140 ? 9.658   16.781  1.059   1.00 63.63  ? 140  GLU A CG  1 
ATOM   1027 C  CD  . GLU A 1 140 ? 8.923   18.045  0.681   1.00 62.92  ? 140  GLU A CD  1 
ATOM   1028 O  OE1 . GLU A 1 140 ? 8.169   18.069  -0.342  1.00 58.73  ? 140  GLU A OE1 1 
ATOM   1029 O  OE2 . GLU A 1 140 ? 9.146   19.051  1.405   1.00 63.78  ? 140  GLU A OE2 1 
ATOM   1030 N  N   . PHE A 1 141 ? 8.869   12.641  -0.634  1.00 66.37  ? 141  PHE A N   1 
ATOM   1031 C  CA  . PHE A 1 141 ? 8.079   11.461  -0.861  1.00 65.09  ? 141  PHE A CA  1 
ATOM   1032 C  C   . PHE A 1 141 ? 8.881   10.247  -0.393  1.00 65.70  ? 141  PHE A C   1 
ATOM   1033 O  O   . PHE A 1 141 ? 8.378   9.435   0.370   1.00 64.42  ? 141  PHE A O   1 
ATOM   1034 C  CB  . PHE A 1 141 ? 7.737   11.377  -2.351  1.00 60.03  ? 141  PHE A CB  1 
ATOM   1035 C  CG  . PHE A 1 141 ? 7.008   10.135  -2.732  1.00 62.29  ? 141  PHE A CG  1 
ATOM   1036 C  CD1 . PHE A 1 141 ? 7.678   9.084   -3.352  1.00 61.84  ? 141  PHE A CD1 1 
ATOM   1037 C  CD2 . PHE A 1 141 ? 5.652   10.003  -2.467  1.00 60.31  ? 141  PHE A CD2 1 
ATOM   1038 C  CE1 . PHE A 1 141 ? 6.993   7.928   -3.721  1.00 62.24  ? 141  PHE A CE1 1 
ATOM   1039 C  CE2 . PHE A 1 141 ? 4.978   8.873   -2.834  1.00 61.47  ? 141  PHE A CE2 1 
ATOM   1040 C  CZ  . PHE A 1 141 ? 5.645   7.826   -3.455  1.00 61.26  ? 141  PHE A CZ  1 
ATOM   1041 N  N   . VAL A 1 142 ? 10.143  10.172  -0.814  1.00 65.90  ? 142  VAL A N   1 
ATOM   1042 C  CA  . VAL A 1 142 ? 11.018  9.093   -0.401  1.00 64.85  ? 142  VAL A CA  1 
ATOM   1043 C  C   . VAL A 1 142 ? 10.871  8.870   1.093   1.00 66.95  ? 142  VAL A C   1 
ATOM   1044 O  O   . VAL A 1 142 ? 10.661  7.737   1.537   1.00 64.83  ? 142  VAL A O   1 
ATOM   1045 C  CB  . VAL A 1 142 ? 12.517  9.369   -0.746  1.00 64.98  ? 142  VAL A CB  1 
ATOM   1046 C  CG1 . VAL A 1 142 ? 13.445  8.361   -0.014  1.00 62.79  ? 142  VAL A CG1 1 
ATOM   1047 C  CG2 . VAL A 1 142 ? 12.741  9.295   -2.227  1.00 59.50  ? 142  VAL A CG2 1 
ATOM   1048 N  N   . GLN A 1 143 ? 10.963  9.949   1.870   1.00 67.14  ? 143  GLN A N   1 
ATOM   1049 C  CA  . GLN A 1 143 ? 10.874  9.843   3.331   1.00 66.91  ? 143  GLN A CA  1 
ATOM   1050 C  C   . GLN A 1 143 ? 9.483   9.516   3.856   1.00 67.30  ? 143  GLN A C   1 
ATOM   1051 O  O   . GLN A 1 143 ? 9.350   8.910   4.915   1.00 65.57  ? 143  GLN A O   1 
ATOM   1052 C  CB  . GLN A 1 143 ? 11.397  11.110  4.015   1.00 66.30  ? 143  GLN A CB  1 
ATOM   1053 C  CG  . GLN A 1 143 ? 12.815  11.416  3.698   1.00 60.44  ? 143  GLN A CG  1 
ATOM   1054 C  CD  . GLN A 1 143 ? 13.333  12.632  4.453   1.00 64.49  ? 143  GLN A CD  1 
ATOM   1055 O  OE1 . GLN A 1 143 ? 13.040  12.808  5.625   1.00 64.85  ? 143  GLN A OE1 1 
ATOM   1056 N  NE2 . GLN A 1 143 ? 14.124  13.467  3.783   1.00 62.51  ? 143  GLN A NE2 1 
ATOM   1057 N  N   . MET A 1 144 ? 8.456   9.913   3.115   1.00 69.53  ? 144  MET A N   1 
ATOM   1058 C  CA  . MET A 1 144 ? 7.082   9.637   3.506   1.00 72.25  ? 144  MET A CA  1 
ATOM   1059 C  C   . MET A 1 144 ? 6.794   8.127   3.383   1.00 76.10  ? 144  MET A C   1 
ATOM   1060 O  O   . MET A 1 144 ? 5.871   7.574   4.022   1.00 75.28  ? 144  MET A O   1 
ATOM   1061 C  CB  . MET A 1 144 ? 6.156   10.459  2.619   1.00 71.01  ? 144  MET A CB  1 
ATOM   1062 C  CG  . MET A 1 144 ? 4.649   10.369  2.897   1.00 70.27  ? 144  MET A CG  1 
ATOM   1063 S  SD  . MET A 1 144 ? 3.855   11.073  1.426   1.00 75.19  ? 144  MET A SD  1 
ATOM   1064 C  CE  . MET A 1 144 ? 3.175   9.606   0.642   1.00 78.49  ? 144  MET A CE  1 
ATOM   1065 N  N   . MET A 1 145 ? 7.611   7.468   2.565   1.00 79.16  ? 145  MET A N   1 
ATOM   1066 C  CA  . MET A 1 145 ? 7.400   6.088   2.162   1.00 80.10  ? 145  MET A CA  1 
ATOM   1067 C  C   . MET A 1 145 ? 8.365   5.170   2.871   1.00 81.62  ? 145  MET A C   1 
ATOM   1068 O  O   . MET A 1 145 ? 8.207   3.955   2.848   1.00 81.32  ? 145  MET A O   1 
ATOM   1069 C  CB  . MET A 1 145 ? 7.572   5.966   0.650   1.00 80.30  ? 145  MET A CB  1 
ATOM   1070 C  CG  . MET A 1 145 ? 6.519   6.757   -0.130  1.00 82.22  ? 145  MET A CG  1 
ATOM   1071 S  SD  . MET A 1 145 ? 4.896   5.966   -0.061  1.00 80.79  ? 145  MET A SD  1 
ATOM   1072 C  CE  . MET A 1 145 ? 5.063   4.853   -1.441  1.00 87.10  ? 145  MET A CE  1 
ATOM   1073 N  N   . THR A 1 146 ? 9.382   5.762   3.487   1.00 84.42  ? 146  THR A N   1 
ATOM   1074 C  CA  . THR A 1 146 ? 10.345  5.011   4.291   1.00 88.30  ? 146  THR A CA  1 
ATOM   1075 C  C   . THR A 1 146 ? 10.101  5.307   5.784   1.00 91.17  ? 146  THR A C   1 
ATOM   1076 O  O   . THR A 1 146 ? 10.968  5.088   6.628   1.00 92.78  ? 146  THR A O   1 
ATOM   1077 C  CB  . THR A 1 146 ? 11.809  5.298   3.854   1.00 87.14  ? 146  THR A CB  1 
ATOM   1078 O  OG1 . THR A 1 146 ? 12.151  6.658   4.144   1.00 87.22  ? 146  THR A OG1 1 
ATOM   1079 C  CG2 . THR A 1 146 ? 11.991  5.057   2.358   1.00 85.07  ? 146  THR A CG2 1 
ATOM   1080 N  N   . ALA A 1 147 ? 8.898   5.806   6.082   1.00 95.22  ? 147  ALA A N   1 
ATOM   1081 C  CA  . ALA A 1 147 ? 8.443   6.106   7.442   1.00 96.85  ? 147  ALA A CA  1 
ATOM   1082 C  C   . ALA A 1 147 ? 7.589   4.951   7.963   1.00 97.54  ? 147  ALA A C   1 
ATOM   1083 O  O   . ALA A 1 147 ? 6.814   4.360   7.206   1.00 98.82  ? 147  ALA A O   1 
ATOM   1084 C  CB  . ALA A 1 147 ? 7.640   7.414   7.465   1.00 96.44  ? 147  ALA A CB  1 
ATOM   1085 N  N   . GLY B 2 1   ? -0.212  9.370   8.816   1.00 88.74  ? 1815 GLY B N   1 
ATOM   1086 C  CA  . GLY B 2 1   ? -1.498  8.598   8.842   1.00 88.17  ? 1815 GLY B CA  1 
ATOM   1087 C  C   . GLY B 2 1   ? -2.117  8.443   7.462   1.00 87.97  ? 1815 GLY B C   1 
ATOM   1088 O  O   . GLY B 2 1   ? -1.681  9.089   6.501   1.00 89.87  ? 1815 GLY B O   1 
ATOM   1089 N  N   . HIS B 2 2   ? -3.143  7.594   7.374   1.00 84.42  ? 1816 HIS B N   1 
ATOM   1090 C  CA  . HIS B 2 2   ? -3.861  7.309   6.127   1.00 79.16  ? 1816 HIS B CA  1 
ATOM   1091 C  C   . HIS B 2 2   ? -2.935  6.768   5.060   1.00 77.90  ? 1816 HIS B C   1 
ATOM   1092 O  O   . HIS B 2 2   ? -3.272  6.691   3.873   1.00 79.90  ? 1816 HIS B O   1 
ATOM   1093 C  CB  . HIS B 2 2   ? -4.646  8.519   5.656   1.00 81.07  ? 1816 HIS B CB  1 
ATOM   1094 C  CG  . HIS B 2 2   ? -5.686  8.962   6.630   1.00 83.84  ? 1816 HIS B CG  1 
ATOM   1095 N  ND1 . HIS B 2 2   ? -5.400  9.776   7.705   1.00 86.37  ? 1816 HIS B ND1 1 
ATOM   1096 C  CD2 . HIS B 2 2   ? -7.015  8.701   6.695   1.00 84.89  ? 1816 HIS B CD2 1 
ATOM   1097 C  CE1 . HIS B 2 2   ? -6.510  10.003  8.389   1.00 86.60  ? 1816 HIS B CE1 1 
ATOM   1098 N  NE2 . HIS B 2 2   ? -7.505  9.367   7.793   1.00 86.29  ? 1816 HIS B NE2 1 
ATOM   1099 N  N   . MET B 2 3   ? -1.756  6.370   5.521   1.00 73.88  ? 1817 MET B N   1 
ATOM   1100 C  CA  . MET B 2 3   ? -0.720  5.822   4.679   1.00 70.62  ? 1817 MET B CA  1 
ATOM   1101 C  C   . MET B 2 3   ? -0.849  4.312   4.567   1.00 68.63  ? 1817 MET B C   1 
ATOM   1102 O  O   . MET B 2 3   ? -0.158  3.685   3.761   1.00 67.88  ? 1817 MET B O   1 
ATOM   1103 C  CB  . MET B 2 3   ? 0.644   6.156   5.290   1.00 75.03  ? 1817 MET B CB  1 
ATOM   1104 C  CG  . MET B 2 3   ? 0.979   7.635   5.321   1.00 73.54  ? 1817 MET B CG  1 
ATOM   1105 S  SD  . MET B 2 3   ? 1.204   8.226   3.642   1.00 74.26  ? 1817 MET B SD  1 
ATOM   1106 C  CE  . MET B 2 3   ? 2.492   7.127   3.019   1.00 66.66  ? 1817 MET B CE  1 
ATOM   1107 N  N   . GLY B 2 4   ? -1.703  3.724   5.407   1.00 67.20  ? 1818 GLY B N   1 
ATOM   1108 C  CA  . GLY B 2 4   ? -1.884  2.277   5.466   1.00 61.85  ? 1818 GLY B CA  1 
ATOM   1109 C  C   . GLY B 2 4   ? -2.113  1.624   4.129   1.00 62.03  ? 1818 GLY B C   1 
ATOM   1110 O  O   . GLY B 2 4   ? -1.418  0.647   3.767   1.00 62.19  ? 1818 GLY B O   1 
ATOM   1111 N  N   . LYS B 2 5   ? -3.064  2.166   3.369   1.00 61.58  ? 1819 LYS B N   1 
ATOM   1112 C  CA  . LYS B 2 5   ? -3.410  1.578   2.054   1.00 62.46  ? 1819 LYS B CA  1 
ATOM   1113 C  C   . LYS B 2 5   ? -2.293  1.748   1.025   1.00 60.20  ? 1819 LYS B C   1 
ATOM   1114 O  O   . LYS B 2 5   ? -1.970  0.818   0.256   1.00 58.08  ? 1819 LYS B O   1 
ATOM   1115 C  CB  . LYS B 2 5   ? -4.755  2.104   1.544   1.00 64.94  ? 1819 LYS B CB  1 
ATOM   1116 C  CG  . LYS B 2 5   ? -5.930  1.793   2.488   1.00 67.99  ? 1819 LYS B CG  1 
ATOM   1117 C  CD  . LYS B 2 5   ? -7.254  2.018   1.799   1.00 71.27  ? 1819 LYS B CD  1 
ATOM   1118 C  CE  . LYS B 2 5   ? -8.402  1.657   2.697   1.00 71.85  ? 1819 LYS B CE  1 
ATOM   1119 N  NZ  . LYS B 2 5   ? -9.613  1.403   1.880   1.00 77.59  ? 1819 LYS B NZ  1 
ATOM   1120 N  N   . ILE B 2 6   ? -1.649  2.916   1.087   1.00 60.36  ? 1820 ILE B N   1 
ATOM   1121 C  CA  . ILE B 2 6   ? -0.423  3.173   0.327   1.00 58.04  ? 1820 ILE B CA  1 
ATOM   1122 C  C   . ILE B 2 6   ? 0.647   2.164   0.691   1.00 58.46  ? 1820 ILE B C   1 
ATOM   1123 O  O   . ILE B 2 6   ? 1.232   1.528   -0.194  1.00 59.51  ? 1820 ILE B O   1 
ATOM   1124 C  CB  . ILE B 2 6   ? 0.084   4.619   0.576   1.00 59.54  ? 1820 ILE B CB  1 
ATOM   1125 C  CG1 . ILE B 2 6   ? -0.859  5.620   -0.063  1.00 55.21  ? 1820 ILE B CG1 1 
ATOM   1126 C  CG2 . ILE B 2 6   ? 1.479   4.815   0.030   1.00 59.40  ? 1820 ILE B CG2 1 
ATOM   1127 C  CD1 . ILE B 2 6   ? -0.787  6.947   0.545   1.00 57.32  ? 1820 ILE B CD1 1 
ATOM   1128 N  N   . TYR B 2 7   ? 0.878   1.977   1.996   1.00 61.37  ? 1821 TYR B N   1 
ATOM   1129 C  CA  . TYR B 2 7   ? 1.893   1.017   2.435   1.00 66.05  ? 1821 TYR B CA  1 
ATOM   1130 C  C   . TYR B 2 7   ? 1.549   -0.364  1.944   1.00 62.11  ? 1821 TYR B C   1 
ATOM   1131 O  O   . TYR B 2 7   ? 2.404   -1.055  1.396   1.00 63.41  ? 1821 TYR B O   1 
ATOM   1132 C  CB  . TYR B 2 7   ? 2.103   1.017   3.964   1.00 72.18  ? 1821 TYR B CB  1 
ATOM   1133 C  CG  . TYR B 2 7   ? 2.710   2.291   4.508   1.00 76.78  ? 1821 TYR B CG  1 
ATOM   1134 C  CD1 . TYR B 2 7   ? 3.685   2.997   3.791   1.00 80.33  ? 1821 TYR B CD1 1 
ATOM   1135 C  CD2 . TYR B 2 7   ? 2.323   2.783   5.744   1.00 80.59  ? 1821 TYR B CD2 1 
ATOM   1136 C  CE1 . TYR B 2 7   ? 4.233   4.174   4.290   1.00 81.88  ? 1821 TYR B CE1 1 
ATOM   1137 C  CE2 . TYR B 2 7   ? 2.865   3.954   6.256   1.00 83.91  ? 1821 TYR B CE2 1 
ATOM   1138 C  CZ  . TYR B 2 7   ? 3.817   4.642   5.527   1.00 84.62  ? 1821 TYR B CZ  1 
ATOM   1139 O  OH  . TYR B 2 7   ? 4.338   5.804   6.052   1.00 87.99  ? 1821 TYR B OH  1 
ATOM   1140 N  N   . ALA B 2 8   ? 0.279   -0.744  2.111   1.00 62.34  ? 1822 ALA B N   1 
ATOM   1141 C  CA  . ALA B 2 8   ? -0.223  -2.061  1.678   1.00 60.31  ? 1822 ALA B CA  1 
ATOM   1142 C  C   . ALA B 2 8   ? -0.081  -2.327  0.183   1.00 58.16  ? 1822 ALA B C   1 
ATOM   1143 O  O   . ALA B 2 8   ? 0.299   -3.428  -0.215  1.00 55.92  ? 1822 ALA B O   1 
ATOM   1144 C  CB  . ALA B 2 8   ? -1.676  -2.246  2.126   1.00 64.02  ? 1822 ALA B CB  1 
ATOM   1145 N  N   . ALA B 2 9   ? -0.356  -1.313  -0.650  1.00 60.65  ? 1823 ALA B N   1 
ATOM   1146 C  CA  . ALA B 2 9   ? -0.229  -1.453  -2.112  1.00 58.91  ? 1823 ALA B CA  1 
ATOM   1147 C  C   . ALA B 2 9   ? 1.229   -1.568  -2.565  1.00 64.15  ? 1823 ALA B C   1 
ATOM   1148 O  O   . ALA B 2 9   ? 1.569   -2.342  -3.477  1.00 63.50  ? 1823 ALA B O   1 
ATOM   1149 C  CB  . ALA B 2 9   ? -0.916  -0.282  -2.814  1.00 62.34  ? 1823 ALA B CB  1 
ATOM   1150 N  N   . MET B 2 10  ? 2.094   -0.824  -1.878  1.00 66.52  ? 1824 MET B N   1 
ATOM   1151 C  CA  . MET B 2 10  ? 3.530   -0.948  -2.054  1.00 66.92  ? 1824 MET B CA  1 
ATOM   1152 C  C   . MET B 2 10  ? 3.972   -2.347  -1.629  1.00 62.75  ? 1824 MET B C   1 
ATOM   1153 O  O   . MET B 2 10  ? 4.608   -3.097  -2.396  1.00 62.12  ? 1824 MET B O   1 
ATOM   1154 C  CB  . MET B 2 10  ? 4.195   0.111   -1.177  1.00 73.12  ? 1824 MET B CB  1 
ATOM   1155 C  CG  . MET B 2 10  ? 5.249   0.916   -1.863  1.00 80.08  ? 1824 MET B CG  1 
ATOM   1156 S  SD  . MET B 2 10  ? 4.687   1.542   -3.445  1.00 83.85  ? 1824 MET B SD  1 
ATOM   1157 C  CE  . MET B 2 10  ? 3.037   2.143   -3.038  1.00 86.58  ? 1824 MET B CE  1 
ATOM   1158 N  N   . MET B 2 11  ? 3.586   -2.703  -0.410  1.00 59.96  ? 1825 MET B N   1 
ATOM   1159 C  CA  . MET B 2 11  ? 3.886   -4.022  0.151   1.00 60.70  ? 1825 MET B CA  1 
ATOM   1160 C  C   . MET B 2 11  ? 3.431   -5.131  -0.792  1.00 59.29  ? 1825 MET B C   1 
ATOM   1161 O  O   . MET B 2 11  ? 4.240   -5.970  -1.208  1.00 59.68  ? 1825 MET B O   1 
ATOM   1162 C  CB  . MET B 2 11  ? 3.238   -4.164  1.536   1.00 62.80  ? 1825 MET B CB  1 
ATOM   1163 C  CG  . MET B 2 11  ? 3.366   -5.549  2.193   1.00 68.86  ? 1825 MET B CG  1 
ATOM   1164 S  SD  . MET B 2 11  ? 2.264   -6.868  1.580   1.00 71.67  ? 1825 MET B SD  1 
ATOM   1165 C  CE  . MET B 2 11  ? 0.702   -6.267  2.247   1.00 62.57  ? 1825 MET B CE  1 
ATOM   1166 N  N   . ILE B 2 12  ? 2.152   -5.115  -1.172  1.00 57.18  ? 1826 ILE B N   1 
ATOM   1167 C  CA  . ILE B 2 12  ? 1.634   -6.233  -1.973  1.00 59.82  ? 1826 ILE B CA  1 
ATOM   1168 C  C   . ILE B 2 12  ? 2.269   -6.361  -3.349  1.00 59.70  ? 1826 ILE B C   1 
ATOM   1169 O  O   . ILE B 2 12  ? 2.437   -7.469  -3.865  1.00 58.51  ? 1826 ILE B O   1 
ATOM   1170 C  CB  . ILE B 2 12  ? 0.072   -6.289  -2.057  1.00 59.42  ? 1826 ILE B CB  1 
ATOM   1171 C  CG1 . ILE B 2 12  ? -0.368  -7.692  -2.494  1.00 58.70  ? 1826 ILE B CG1 1 
ATOM   1172 C  CG2 . ILE B 2 12  ? -0.509  -5.186  -2.961  1.00 58.45  ? 1826 ILE B CG2 1 
ATOM   1173 C  CD1 . ILE B 2 12  ? -0.266  -8.770  -1.374  1.00 56.97  ? 1826 ILE B CD1 1 
ATOM   1174 N  N   . MET B 2 13  ? 2.622   -5.218  -3.927  1.00 64.00  ? 1827 MET B N   1 
ATOM   1175 C  CA  . MET B 2 13  ? 3.263   -5.178  -5.236  1.00 69.05  ? 1827 MET B CA  1 
ATOM   1176 C  C   . MET B 2 13  ? 4.606   -5.861  -5.170  1.00 69.09  ? 1827 MET B C   1 
ATOM   1177 O  O   . MET B 2 13  ? 4.942   -6.692  -6.029  1.00 70.83  ? 1827 MET B O   1 
ATOM   1178 C  CB  . MET B 2 13  ? 3.480   -3.742  -5.687  1.00 71.42  ? 1827 MET B CB  1 
ATOM   1179 C  CG  . MET B 2 13  ? 3.484   -3.624  -7.187  1.00 79.94  ? 1827 MET B CG  1 
ATOM   1180 S  SD  . MET B 2 13  ? 1.813   -3.813  -7.829  1.00 81.97  ? 1827 MET B SD  1 
ATOM   1181 C  CE  . MET B 2 13  ? 1.176   -2.140  -7.580  1.00 80.42  ? 1827 MET B CE  1 
ATOM   1182 N  N   . ASP B 2 14  ? 5.372   -5.505  -4.144  1.00 71.54  ? 1828 ASP B N   1 
ATOM   1183 C  CA  . ASP B 2 14  ? 6.654   -6.146  -3.931  1.00 74.46  ? 1828 ASP B CA  1 
ATOM   1184 C  C   . ASP B 2 14  ? 6.469   -7.594  -3.504  1.00 72.80  ? 1828 ASP B C   1 
ATOM   1185 O  O   . ASP B 2 14  ? 7.319   -8.423  -3.795  1.00 73.69  ? 1828 ASP B O   1 
ATOM   1186 C  CB  . ASP B 2 14  ? 7.503   -5.387  -2.900  1.00 75.36  ? 1828 ASP B CB  1 
ATOM   1187 C  CG  . ASP B 2 14  ? 8.649   -6.220  -2.372  1.00 76.05  ? 1828 ASP B CG  1 
ATOM   1188 O  OD1 . ASP B 2 14  ? 9.486   -6.671  -3.188  1.00 76.54  ? 1828 ASP B OD1 1 
ATOM   1189 O  OD2 . ASP B 2 14  ? 8.705   -6.421  -1.137  1.00 76.06  ? 1828 ASP B OD2 1 
ATOM   1190 N  N   . TYR B 2 15  ? 5.371   -7.876  -2.814  1.00 71.05  ? 1829 TYR B N   1 
ATOM   1191 C  CA  . TYR B 2 15  ? 5.046   -9.252  -2.463  1.00 74.44  ? 1829 TYR B CA  1 
ATOM   1192 C  C   . TYR B 2 15  ? 4.843   -10.097 -3.734  1.00 73.44  ? 1829 TYR B C   1 
ATOM   1193 O  O   . TYR B 2 15  ? 5.602   -11.032 -4.015  1.00 73.90  ? 1829 TYR B O   1 
ATOM   1194 C  CB  . TYR B 2 15  ? 3.794   -9.272  -1.621  1.00 79.21  ? 1829 TYR B CB  1 
ATOM   1195 C  CG  . TYR B 2 15  ? 3.772   -10.383 -0.619  1.00 83.12  ? 1829 TYR B CG  1 
ATOM   1196 C  CD1 . TYR B 2 15  ? 4.401   -10.239 0.604   1.00 83.20  ? 1829 TYR B CD1 1 
ATOM   1197 C  CD2 . TYR B 2 15  ? 3.100   -11.578 -0.891  1.00 86.51  ? 1829 TYR B CD2 1 
ATOM   1198 C  CE1 . TYR B 2 15  ? 4.369   -11.263 1.549   1.00 86.00  ? 1829 TYR B CE1 1 
ATOM   1199 C  CE2 . TYR B 2 15  ? 3.060   -12.599 0.027   1.00 89.40  ? 1829 TYR B CE2 1 
ATOM   1200 C  CZ  . TYR B 2 15  ? 3.689   -12.449 1.241   1.00 90.00  ? 1829 TYR B CZ  1 
ATOM   1201 O  OH  . TYR B 2 15  ? 3.607   -13.517 2.115   1.00 95.25  ? 1829 TYR B OH  1 
ATOM   1202 N  N   . TYR B 2 16  ? 3.822   -9.748  -4.510  1.00 71.63  ? 1830 TYR B N   1 
ATOM   1203 C  CA  . TYR B 2 16  ? 3.592   -10.367 -5.816  1.00 71.52  ? 1830 TYR B CA  1 
ATOM   1204 C  C   . TYR B 2 16  ? 4.878   -10.533 -6.624  1.00 74.44  ? 1830 TYR B C   1 
ATOM   1205 O  O   . TYR B 2 16  ? 5.103   -11.593 -7.233  1.00 76.77  ? 1830 TYR B O   1 
ATOM   1206 C  CB  . TYR B 2 16  ? 2.576   -9.527  -6.608  1.00 69.64  ? 1830 TYR B CB  1 
ATOM   1207 C  CG  . TYR B 2 16  ? 2.282   -10.004 -8.027  1.00 67.86  ? 1830 TYR B CG  1 
ATOM   1208 C  CD1 . TYR B 2 16  ? 1.846   -11.305 -8.280  1.00 67.05  ? 1830 TYR B CD1 1 
ATOM   1209 C  CD2 . TYR B 2 16  ? 2.403   -9.141  -9.104  1.00 64.83  ? 1830 TYR B CD2 1 
ATOM   1210 C  CE1 . TYR B 2 16  ? 1.584   -11.731 -9.577  1.00 67.01  ? 1830 TYR B CE1 1 
ATOM   1211 C  CE2 . TYR B 2 16  ? 2.127   -9.559  -10.394 1.00 66.14  ? 1830 TYR B CE2 1 
ATOM   1212 C  CZ  . TYR B 2 16  ? 1.721   -10.848 -10.627 1.00 67.85  ? 1830 TYR B CZ  1 
ATOM   1213 O  OH  . TYR B 2 16  ? 1.441   -11.243 -11.918 1.00 70.18  ? 1830 TYR B OH  1 
ATOM   1214 N  N   . LYS B 2 17  ? 5.710   -9.484  -6.650  1.00 78.12  ? 1831 LYS B N   1 
ATOM   1215 C  CA  . LYS B 2 17  ? 7.001   -9.539  -7.348  1.00 79.12  ? 1831 LYS B CA  1 
ATOM   1216 C  C   . LYS B 2 17  ? 7.938   -10.532 -6.679  1.00 79.31  ? 1831 LYS B C   1 
ATOM   1217 O  O   . LYS B 2 17  ? 8.605   -11.321 -7.362  1.00 80.91  ? 1831 LYS B O   1 
ATOM   1218 C  CB  . LYS B 2 17  ? 7.664   -8.156  -7.421  1.00 79.56  ? 1831 LYS B CB  1 
ATOM   1219 N  N   . GLN B 2 18  ? 7.971   -10.507 -5.347  1.00 77.70  ? 1832 GLN B N   1 
ATOM   1220 C  CA  . GLN B 2 18  ? 8.804   -11.448 -4.590  1.00 81.55  ? 1832 GLN B CA  1 
ATOM   1221 C  C   . GLN B 2 18  ? 8.231   -12.866 -4.577  1.00 82.20  ? 1832 GLN B C   1 
ATOM   1222 O  O   . GLN B 2 18  ? 8.947   -13.820 -4.304  1.00 85.47  ? 1832 GLN B O   1 
ATOM   1223 C  CB  . GLN B 2 18  ? 9.040   -10.964 -3.154  1.00 81.44  ? 1832 GLN B CB  1 
ATOM   1224 N  N   . SER B 2 19  ? 6.944   -12.981 -4.887  1.00 82.26  ? 1833 SER B N   1 
ATOM   1225 C  CA  . SER B 2 19  ? 6.266   -14.263 -5.070  1.00 80.42  ? 1833 SER B CA  1 
ATOM   1226 C  C   . SER B 2 19  ? 6.841   -14.984 -6.291  1.00 77.20  ? 1833 SER B C   1 
ATOM   1227 O  O   . SER B 2 19  ? 7.373   -16.094 -6.186  1.00 76.50  ? 1833 SER B O   1 
ATOM   1228 C  CB  . SER B 2 19  ? 4.768   -13.992 -5.285  1.00 83.34  ? 1833 SER B CB  1 
ATOM   1229 O  OG  . SER B 2 19  ? 4.004   -15.179 -5.351  1.00 84.93  ? 1833 SER B OG  1 
ATOM   1230 N  N   . LYS B 2 20  ? 6.751   -14.313 -7.436  1.00 76.35  ? 1834 LYS B N   1 
ATOM   1231 C  CA  . LYS B 2 20  ? 7.249   -14.810 -8.731  1.00 75.83  ? 1834 LYS B CA  1 
ATOM   1232 C  C   . LYS B 2 20  ? 8.713   -15.262 -8.702  1.00 74.43  ? 1834 LYS B C   1 
ATOM   1233 O  O   . LYS B 2 20  ? 9.066   -16.297 -9.268  1.00 71.24  ? 1834 LYS B O   1 
ATOM   1234 C  CB  . LYS B 2 20  ? 7.031   -13.745 -9.817  1.00 76.47  ? 1834 LYS B CB  1 
ATOM   1235 C  CG  . LYS B 2 20  ? 5.680   -13.884 -10.513 1.00 79.66  ? 1834 LYS B CG  1 
ATOM   1236 C  CD  . LYS B 2 20  ? 5.392   -12.727 -11.445 1.00 80.84  ? 1834 LYS B CD  1 
ATOM   1237 C  CE  . LYS B 2 20  ? 5.098   -11.467 -10.640 1.00 82.99  ? 1834 LYS B CE  1 
ATOM   1238 N  NZ  . LYS B 2 20  ? 5.196   -10.298 -11.537 1.00 85.54  ? 1834 LYS B NZ  1 
ATOM   1239 N  N   . VAL B 2 21  ? 9.565   -14.488 -8.028  1.00 70.30  ? 1835 VAL B N   1 
ATOM   1240 C  CA  . VAL B 2 21  ? 10.982  -14.851 -7.837  1.00 68.41  ? 1835 VAL B CA  1 
ATOM   1241 C  C   . VAL B 2 21  ? 11.128  -16.179 -7.086  1.00 66.93  ? 1835 VAL B C   1 
ATOM   1242 O  O   . VAL B 2 21  ? 11.907  -17.064 -7.484  1.00 71.78  ? 1835 VAL B O   1 
ATOM   1243 C  CB  . VAL B 2 21  ? 11.686  -13.731 -7.044  1.00 67.22  ? 1835 VAL B CB  1 
ATOM   1244 C  CG1 . VAL B 2 21  ? 13.084  -14.109 -6.686  1.00 72.81  ? 1835 VAL B CG1 1 
ATOM   1245 C  CG2 . VAL B 2 21  ? 11.677  -12.433 -7.861  1.00 68.82  ? 1835 VAL B CG2 1 
ATOM   1246 N  N   . LYS B 2 22  ? 10.367  -16.297 -5.996  1.00 66.80  ? 1836 LYS B N   1 
ATOM   1247 C  CA  . LYS B 2 22  ? 10.364  -17.455 -5.082  1.00 66.41  ? 1836 LYS B CA  1 
ATOM   1248 C  C   . LYS B 2 22  ? 9.680   -18.737 -5.588  1.00 67.26  ? 1836 LYS B C   1 
ATOM   1249 O  O   . LYS B 2 22  ? 9.569   -19.718 -4.854  1.00 66.30  ? 1836 LYS B O   1 
ATOM   1250 C  CB  . LYS B 2 22  ? 9.744   -17.052 -3.728  1.00 64.58  ? 1836 LYS B CB  1 
ATOM   1251 C  CG  . LYS B 2 22  ? 10.610  -16.074 -2.929  1.00 66.80  ? 1836 LYS B CG  1 
ATOM   1252 C  CD  . LYS B 2 22  ? 10.291  -16.096 -1.427  1.00 64.83  ? 1836 LYS B CD  1 
ATOM   1253 N  N   . LYS B 2 23  ? 9.225   -18.778 -6.830  1.00 70.54  ? 1837 LYS B N   1 
ATOM   1254 C  CA  . LYS B 2 23  ? 8.614   -20.023 -7.299  1.00 69.00  ? 1837 LYS B CA  1 
ATOM   1255 C  C   . LYS B 2 23  ? 7.408   -19.728 -8.198  1.00 68.49  ? 1837 LYS B C   1 
ATOM   1256 O  O   . LYS B 2 23  ? 7.567   -19.318 -9.359  1.00 70.82  ? 1837 LYS B O   1 
HETATM 1257 CA CA  . CA  C 3 .   ? -12.774 -11.007 3.417   1.00 61.13  ? 501  CA  A CA  1 
HETATM 1258 CA CA  . CA  D 3 .   ? -4.718  -18.385 7.787   1.00 73.37  ? 502  CA  A CA  1 
HETATM 1259 CA CA  . CA  E 3 .   ? 2.402   17.139  -9.895  1.00 48.64  ? 503  CA  A CA  1 
HETATM 1260 CA CA  . CA  F 3 .   ? 7.439   20.320  -0.057  1.00 50.17  ? 504  CA  A CA  1 
HETATM 1261 O  O   . HOH G 4 .   ? -0.851  20.743  -2.784  1.00 50.06  ? 505  HOH A O   1 
HETATM 1262 O  O   . HOH G 4 .   ? 10.930  16.250  -7.372  1.00 53.06  ? 506  HOH A O   1 
HETATM 1263 O  O   . HOH G 4 .   ? -5.561  -20.043 -0.657  1.00 68.92  ? 507  HOH A O   1 
HETATM 1264 O  O   . HOH G 4 .   ? 2.660   21.988  4.141   1.00 50.23  ? 508  HOH A O   1 
HETATM 1265 O  O   . HOH G 4 .   ? -1.976  18.983  -9.203  1.00 49.67  ? 509  HOH A O   1 
HETATM 1266 O  O   . HOH G 4 .   ? -8.039  12.385  11.125  1.00 68.97  ? 510  HOH A O   1 
HETATM 1267 O  O   . HOH G 4 .   ? -5.937  -17.151 -13.040 1.00 56.27  ? 511  HOH A O   1 
HETATM 1268 O  O   . HOH G 4 .   ? 6.396   24.276  -4.874  0.50 41.80  ? 512  HOH A O   1 
HETATM 1269 O  O   . HOH G 4 .   ? -3.952  20.369  -5.053  1.00 56.37  ? 513  HOH A O   1 
HETATM 1270 O  O   . HOH G 4 .   ? 5.463   11.207  -13.494 1.00 64.12  ? 514  HOH A O   1 
HETATM 1271 O  O   . HOH G 4 .   ? -0.189  22.590  -5.232  1.00 58.94  ? 515  HOH A O   1 
HETATM 1272 O  O   . HOH G 4 .   ? 0.888   -19.546 -12.411 1.00 66.79  ? 516  HOH A O   1 
HETATM 1273 O  O   . HOH G 4 .   ? -2.294  11.253  -8.657  1.00 50.89  ? 517  HOH A O   1 
HETATM 1274 O  O   . HOH G 4 .   ? -8.412  -17.727 -0.082  1.00 54.20  ? 518  HOH A O   1 
HETATM 1275 O  O   . HOH G 4 .   ? 8.405   13.650  3.914   1.00 43.72  ? 519  HOH A O   1 
HETATM 1276 O  O   . HOH G 4 .   ? 8.840   20.024  -2.180  1.00 45.17  ? 520  HOH A O   1 
HETATM 1277 O  O   . HOH G 4 .   ? -13.602 -13.403 -0.706  1.00 47.18  ? 521  HOH A O   1 
HETATM 1278 O  O   . HOH G 4 .   ? -8.228  15.591  -6.719  1.00 58.21  ? 522  HOH A O   1 
HETATM 1279 O  O   . HOH G 4 .   ? -15.027 -12.038 -2.251  1.00 64.80  ? 523  HOH A O   1 
HETATM 1280 O  O   . HOH G 4 .   ? -18.172 -10.268 -4.721  1.00 58.97  ? 524  HOH A O   1 
HETATM 1281 O  O   . HOH G 4 .   ? 13.467  16.303  -4.294  1.00 50.67  ? 525  HOH A O   1 
HETATM 1282 O  O   . HOH G 4 .   ? -2.321  16.741  -11.633 1.00 62.55  ? 526  HOH A O   1 
HETATM 1283 O  O   . HOH G 4 .   ? -2.835  20.999  0.970   1.00 62.31  ? 527  HOH A O   1 
HETATM 1284 O  O   . HOH G 4 .   ? 3.753   -21.310 -2.063  1.00 72.82  ? 528  HOH A O   1 
HETATM 1285 O  O   . HOH G 4 .   ? -5.008  -6.444  -14.694 1.00 55.96  ? 529  HOH A O   1 
HETATM 1286 O  O   . HOH G 4 .   ? -0.448  11.883  7.346   1.00 67.45  ? 530  HOH A O   1 
HETATM 1287 O  O   . HOH G 4 .   ? 1.771   12.027  4.945   1.00 60.52  ? 531  HOH A O   1 
HETATM 1288 O  O   . HOH G 4 .   ? 2.455   23.649  5.590   1.00 62.19  ? 532  HOH A O   1 
HETATM 1289 O  O   . HOH G 4 .   ? 0.370   -8.931  -13.961 1.00 66.06  ? 533  HOH A O   1 
HETATM 1290 O  O   . HOH G 4 .   ? 12.656  18.450  -6.377  1.00 52.99  ? 534  HOH A O   1 
HETATM 1291 O  O   . HOH G 4 .   ? 0.872   19.091  -9.772  1.00 48.99  ? 535  HOH A O   1 
HETATM 1292 O  O   . HOH G 4 .   ? 1.972   21.227  -8.747  1.00 42.88  ? 536  HOH A O   1 
HETATM 1293 O  O   . HOH H 4 .   ? 9.553   -11.586 -10.360 1.00 74.94  ? 12   HOH B O   1 
HETATM 1294 O  O   . HOH H 4 .   ? -9.133  7.632   8.770   1.00 77.75  ? 18   HOH B O   1 
# 
